data_1RUZ
#
_entry.id   1RUZ
#
_cell.length_a   171.461
_cell.length_b   171.461
_cell.length_c   153.445
_cell.angle_alpha   90.00
_cell.angle_beta   90.00
_cell.angle_gamma   90.00
#
_symmetry.space_group_name_H-M   'P 41 21 2'
#
loop_
_entity.id
_entity.type
_entity.pdbx_description
1 polymer hemagglutinin
2 polymer hemagglutinin
3 non-polymer 2-acetamido-2-deoxy-alpha-D-glucopyranose
4 non-polymer 2-acetamido-2-deoxy-beta-D-glucopyranose
5 water water
#
loop_
_entity_poly.entity_id
_entity_poly.type
_entity_poly.pdbx_seq_one_letter_code
_entity_poly.pdbx_strand_id
1 'polypeptide(L)'
;ATNADTICIGYHANNSTDTVDTVLEKNVTVTHSVNLLEDSHNGKLCKLKGIAPLQLGKCNIAGWLLGNPECDLLLTASSW
SYIVETSNSENGTCYPGDFIDYEELREQLSSVSSFEKFEIFPKTSSWPNHETTKGVTAACSYAGASSFYRNLLWLTKKGS
SYPKLSKSYVNNKGKEVLVLWGVHHPPTGTDQQSLYQNADAYVSVGSSKYNRRFTPEIAARPKVRDQAGRMNYYWTLLEP
GDTITFEATGNLIAPWYAFALNRGSGSGIITSDAPVHDCNTKCQTPHGAINSSLPFQNIHPVTIGECPKYVRSTKLRMAT
GLRNIPAR
;
H,J,L
2 'polypeptide(L)'
;GLFGAIAGFIEGGWTGMIDGWYGYHHQNEQGSGYAADQKSTQNAIDGITNKVNSVIEKMNTQFTAVGKEFNNLERRIENL
NKKVDDGFLDIWTYNAELLVLLENERTLDFHDSNVRNLYEKVKSQLKNNAKEIGNGCFEFYHKCDDACMESVRNGTYDYP
;
I,K,M
#
loop_
_chem_comp.id
_chem_comp.type
_chem_comp.name
_chem_comp.formula
NAG D-saccharide, beta linking 2-acetamido-2-deoxy-beta-D-glucopyranose 'C8 H15 N O6'
NDG D-saccharide, alpha linking 2-acetamido-2-deoxy-alpha-D-glucopyranose 'C8 H15 N O6'
#
# COMPACT_ATOMS: atom_id res chain seq x y z
N ASP A 5 65.76 -4.86 14.40
CA ASP A 5 64.55 -5.73 14.40
C ASP A 5 63.27 -4.93 14.65
N THR A 6 62.28 -5.14 13.78
CA THR A 6 60.99 -4.45 13.87
C THR A 6 59.83 -5.38 13.55
N ILE A 7 58.61 -4.84 13.66
CA ILE A 7 57.39 -5.57 13.37
C ILE A 7 56.31 -4.54 13.06
N CYS A 8 55.51 -4.79 12.03
CA CYS A 8 54.45 -3.85 11.66
C CYS A 8 53.06 -4.46 11.58
N ILE A 9 52.04 -3.66 11.88
CA ILE A 9 50.64 -4.09 11.81
C ILE A 9 50.00 -3.42 10.59
N GLY A 10 49.40 -4.23 9.72
CA GLY A 10 48.77 -3.69 8.54
C GLY A 10 47.53 -4.45 8.08
N TYR A 11 47.02 -4.07 6.92
CA TYR A 11 45.83 -4.70 6.36
C TYR A 11 45.89 -5.02 4.87
N HIS A 12 45.26 -6.13 4.51
CA HIS A 12 45.21 -6.61 3.13
C HIS A 12 44.89 -5.51 2.12
N ALA A 13 45.15 -5.80 0.85
CA ALA A 13 44.90 -4.86 -0.24
C ALA A 13 45.14 -5.58 -1.55
N ASN A 14 44.57 -5.08 -2.64
CA ASN A 14 44.76 -5.72 -3.94
C ASN A 14 44.38 -4.88 -5.17
N ASN A 15 44.32 -5.56 -6.30
CA ASN A 15 44.01 -4.93 -7.58
C ASN A 15 42.52 -4.78 -7.87
N SER A 16 41.66 -5.20 -6.96
CA SER A 16 40.22 -5.09 -7.16
C SER A 16 39.83 -3.68 -7.57
N THR A 17 38.84 -3.58 -8.48
CA THR A 17 38.36 -2.28 -8.96
C THR A 17 36.87 -2.05 -8.68
N ASP A 18 36.26 -2.94 -7.91
CA ASP A 18 34.86 -2.82 -7.56
C ASP A 18 34.65 -1.63 -6.63
N THR A 19 33.57 -0.87 -6.85
CA THR A 19 33.29 0.27 -5.99
C THR A 19 31.87 0.22 -5.39
N VAL A 20 31.75 0.72 -4.15
CA VAL A 20 30.47 0.76 -3.45
C VAL A 20 30.22 2.21 -3.05
N ASP A 21 29.02 2.50 -2.58
CA ASP A 21 28.73 3.85 -2.15
C ASP A 21 28.39 3.87 -0.66
N THR A 22 28.61 5.03 -0.03
CA THR A 22 28.28 5.19 1.37
C THR A 22 27.58 6.53 1.49
N VAL A 23 27.01 6.78 2.66
CA VAL A 23 26.31 8.02 2.87
C VAL A 23 27.27 9.22 2.86
N LEU A 24 28.49 9.00 3.33
CA LEU A 24 29.49 10.06 3.39
C LEU A 24 30.35 10.23 2.13
N GLU A 25 30.50 9.17 1.35
CA GLU A 25 31.33 9.25 0.16
C GLU A 25 30.87 8.29 -0.94
N LYS A 26 30.99 8.70 -2.20
CA LYS A 26 30.60 7.86 -3.32
C LYS A 26 31.81 7.21 -3.98
N ASN A 27 31.55 6.16 -4.76
CA ASN A 27 32.61 5.46 -5.48
C ASN A 27 33.87 5.12 -4.70
N VAL A 28 33.72 4.29 -3.67
CA VAL A 28 34.88 3.91 -2.88
C VAL A 28 35.29 2.50 -3.30
N THR A 29 36.55 2.32 -3.65
CA THR A 29 37.01 1.01 -4.06
C THR A 29 37.27 0.12 -2.85
N VAL A 30 36.77 -1.10 -2.89
CA VAL A 30 36.97 -2.01 -1.77
C VAL A 30 37.67 -3.27 -2.25
N THR A 31 38.18 -4.06 -1.32
CA THR A 31 38.88 -5.28 -1.67
C THR A 31 37.94 -6.42 -2.06
N HIS A 32 36.79 -6.49 -1.40
CA HIS A 32 35.80 -7.54 -1.67
C HIS A 32 34.38 -7.00 -1.50
N SER A 33 33.44 -7.56 -2.26
CA SER A 33 32.05 -7.13 -2.19
C SER A 33 31.16 -8.14 -2.93
N VAL A 34 29.85 -8.03 -2.72
CA VAL A 34 28.89 -8.91 -3.39
C VAL A 34 27.82 -8.06 -4.04
N ASN A 35 27.27 -8.54 -5.14
CA ASN A 35 26.21 -7.83 -5.83
C ASN A 35 24.91 -8.44 -5.35
N LEU A 36 23.93 -7.60 -5.03
CA LEU A 36 22.67 -8.14 -4.57
C LEU A 36 21.58 -7.99 -5.64
N LEU A 37 21.93 -7.35 -6.74
CA LEU A 37 20.97 -7.08 -7.80
C LEU A 37 21.09 -7.90 -9.08
N GLU A 38 20.10 -8.75 -9.33
CA GLU A 38 20.09 -9.59 -10.53
C GLU A 38 19.51 -8.84 -11.73
N ASP A 39 20.23 -8.80 -12.84
CA ASP A 39 19.73 -8.08 -14.01
C ASP A 39 19.88 -8.84 -15.32
N SER A 40 20.07 -10.16 -15.25
CA SER A 40 20.24 -10.97 -16.45
C SER A 40 19.18 -12.01 -16.58
N HIS A 41 18.79 -12.31 -17.82
CA HIS A 41 17.77 -13.33 -18.00
C HIS A 41 17.93 -14.19 -19.25
N ASN A 42 17.10 -15.22 -19.25
CA ASN A 42 16.97 -16.27 -20.24
C ASN A 42 16.59 -15.82 -21.65
N GLY A 43 15.62 -14.91 -21.74
CA GLY A 43 15.14 -14.41 -23.01
C GLY A 43 14.11 -15.35 -23.60
N LYS A 44 13.73 -16.38 -22.83
CA LYS A 44 12.79 -17.38 -23.32
C LYS A 44 11.70 -17.78 -22.33
N LEU A 45 10.53 -18.15 -22.85
CA LEU A 45 9.41 -18.57 -22.00
C LEU A 45 9.59 -20.06 -21.77
N CYS A 46 9.90 -20.42 -20.52
CA CYS A 46 10.15 -21.81 -20.16
C CYS A 46 9.08 -22.54 -19.40
N LYS A 47 9.43 -23.76 -19.01
CA LYS A 47 8.54 -24.63 -18.27
C LYS A 47 8.75 -24.42 -16.79
N LEU A 48 7.68 -24.60 -16.03
CA LEU A 48 7.73 -24.44 -14.59
C LEU A 48 7.35 -25.79 -13.99
N LYS A 49 8.32 -26.44 -13.36
CA LYS A 49 8.07 -27.74 -12.74
C LYS A 49 7.67 -28.77 -13.77
N GLY A 50 8.38 -28.79 -14.88
CA GLY A 50 8.09 -29.77 -15.91
C GLY A 50 7.02 -29.39 -16.90
N ILE A 51 5.89 -28.88 -16.42
CA ILE A 51 4.81 -28.50 -17.32
C ILE A 51 5.15 -27.26 -18.16
N ALA A 52 4.71 -27.27 -19.42
CA ALA A 52 4.97 -26.14 -20.29
C ALA A 52 3.80 -25.16 -20.28
N PRO A 53 4.03 -23.93 -20.75
CA PRO A 53 2.98 -22.92 -20.79
C PRO A 53 2.01 -23.20 -21.92
N LEU A 54 0.94 -22.41 -22.00
CA LEU A 54 -0.07 -22.56 -23.03
C LEU A 54 -0.08 -21.32 -23.91
N GLN A 55 0.45 -21.42 -25.12
CA GLN A 55 0.45 -20.27 -26.02
C GLN A 55 -0.91 -20.12 -26.67
N LEU A 56 -1.37 -18.88 -26.83
CA LEU A 56 -2.66 -18.66 -27.47
C LEU A 56 -2.35 -18.05 -28.82
N GLY A 57 -1.10 -17.65 -28.98
CA GLY A 57 -0.65 -17.06 -30.23
C GLY A 57 -1.56 -15.97 -30.74
N LYS A 58 -2.22 -16.26 -31.85
CA LYS A 58 -3.12 -15.29 -32.48
C LYS A 58 -4.45 -15.19 -31.76
N CYS A 59 -4.65 -16.06 -30.77
CA CYS A 59 -5.91 -16.07 -30.03
C CYS A 59 -5.84 -15.41 -28.65
N ASN A 60 -6.99 -15.14 -28.05
CA ASN A 60 -7.03 -14.55 -26.71
C ASN A 60 -7.91 -15.46 -25.86
N ILE A 61 -8.01 -15.16 -24.57
CA ILE A 61 -8.81 -15.99 -23.68
C ILE A 61 -10.21 -16.23 -24.23
N ALA A 62 -10.85 -15.18 -24.74
CA ALA A 62 -12.19 -15.29 -25.29
C ALA A 62 -12.23 -16.31 -26.44
N GLY A 63 -11.35 -16.13 -27.42
CA GLY A 63 -11.32 -17.06 -28.53
C GLY A 63 -11.17 -18.49 -28.06
N TRP A 64 -10.11 -18.74 -27.31
CA TRP A 64 -9.82 -20.06 -26.80
C TRP A 64 -11.03 -20.75 -26.16
N LEU A 65 -11.59 -20.16 -25.11
CA LEU A 65 -12.71 -20.75 -24.43
C LEU A 65 -13.97 -20.88 -25.28
N LEU A 66 -14.29 -19.85 -26.05
CA LEU A 66 -15.47 -19.88 -26.90
C LEU A 66 -15.35 -20.90 -28.03
N GLY A 67 -14.12 -21.08 -28.52
CA GLY A 67 -13.91 -22.03 -29.61
C GLY A 67 -13.82 -21.38 -30.98
N ASN A 68 -13.45 -20.10 -31.02
CA ASN A 68 -13.31 -19.41 -32.28
C ASN A 68 -12.57 -20.32 -33.26
N PRO A 69 -12.99 -20.33 -34.53
CA PRO A 69 -12.43 -21.14 -35.63
C PRO A 69 -10.92 -21.19 -35.72
N GLU A 70 -10.30 -20.02 -35.80
CA GLU A 70 -8.85 -19.92 -35.92
C GLU A 70 -8.05 -20.51 -34.76
N CYS A 71 -8.71 -20.82 -33.65
CA CYS A 71 -8.02 -21.37 -32.48
C CYS A 71 -8.23 -22.86 -32.32
N ASP A 72 -8.10 -23.60 -33.41
CA ASP A 72 -8.26 -25.04 -33.34
C ASP A 72 -7.07 -25.74 -32.71
N LEU A 73 -5.89 -25.14 -32.83
CA LEU A 73 -4.69 -25.70 -32.24
C LEU A 73 -4.89 -25.97 -30.76
N LEU A 74 -5.51 -25.00 -30.08
CA LEU A 74 -5.74 -25.06 -28.66
C LEU A 74 -6.73 -26.14 -28.22
N LEU A 75 -7.57 -26.57 -29.14
CA LEU A 75 -8.59 -27.59 -28.84
C LEU A 75 -8.12 -28.80 -28.02
N THR A 76 -6.88 -29.22 -28.27
CA THR A 76 -6.32 -30.41 -27.61
C THR A 76 -5.73 -30.19 -26.21
N ALA A 77 -5.42 -28.94 -25.88
CA ALA A 77 -4.81 -28.62 -24.59
C ALA A 77 -5.68 -28.95 -23.37
N SER A 78 -5.03 -29.32 -22.26
CA SER A 78 -5.74 -29.65 -21.04
C SER A 78 -5.02 -29.19 -19.75
N SER A 79 -3.71 -29.01 -19.83
CA SER A 79 -2.96 -28.56 -18.66
C SER A 79 -1.82 -27.63 -19.07
N TRP A 80 -1.48 -26.68 -18.19
CA TRP A 80 -0.43 -25.72 -18.45
C TRP A 80 0.09 -25.17 -17.12
N SER A 81 1.20 -24.44 -17.17
CA SER A 81 1.79 -23.85 -15.97
C SER A 81 1.42 -22.37 -15.89
N TYR A 82 1.10 -21.79 -17.04
CA TYR A 82 0.70 -20.39 -17.13
C TYR A 82 0.27 -20.07 -18.56
N ILE A 83 -0.75 -19.24 -18.71
CA ILE A 83 -1.29 -18.89 -20.02
C ILE A 83 -0.55 -17.70 -20.63
N VAL A 84 -0.33 -17.74 -21.94
CA VAL A 84 0.40 -16.68 -22.63
C VAL A 84 -0.26 -16.01 -23.83
N GLU A 85 -0.54 -14.72 -23.73
CA GLU A 85 -1.13 -13.97 -24.84
C GLU A 85 0.01 -13.19 -25.49
N THR A 86 -0.19 -12.74 -26.72
CA THR A 86 0.85 -11.99 -27.42
C THR A 86 0.33 -10.67 -27.96
N SER A 87 1.18 -9.95 -28.69
CA SER A 87 0.80 -8.66 -29.27
C SER A 87 -0.23 -8.77 -30.37
N ASN A 88 -0.47 -10.00 -30.84
CA ASN A 88 -1.43 -10.24 -31.91
C ASN A 88 -2.45 -11.29 -31.49
N SER A 89 -2.93 -11.16 -30.26
CA SER A 89 -3.92 -12.09 -29.75
C SER A 89 -5.26 -11.39 -29.91
N GLU A 90 -5.70 -11.30 -31.17
CA GLU A 90 -6.97 -10.64 -31.48
C GLU A 90 -8.08 -11.56 -31.97
N ASN A 91 -7.83 -12.86 -31.99
CA ASN A 91 -8.84 -13.79 -32.44
C ASN A 91 -9.66 -14.28 -31.27
N GLY A 92 -10.80 -13.64 -31.04
CA GLY A 92 -11.66 -14.03 -29.95
C GLY A 92 -13.11 -14.02 -30.39
N THR A 93 -13.82 -12.96 -30.02
CA THR A 93 -15.22 -12.82 -30.40
C THR A 93 -15.30 -12.41 -31.87
N CYS A 94 -15.51 -13.38 -32.75
CA CYS A 94 -15.59 -13.10 -34.18
C CYS A 94 -16.91 -12.44 -34.58
N TYR A 95 -18.00 -12.82 -33.92
CA TYR A 95 -19.30 -12.21 -34.21
C TYR A 95 -19.47 -11.14 -33.16
N PRO A 96 -19.53 -9.86 -33.58
CA PRO A 96 -19.69 -8.70 -32.70
C PRO A 96 -20.66 -8.88 -31.55
N GLY A 97 -20.32 -8.29 -30.40
CA GLY A 97 -21.16 -8.37 -29.23
C GLY A 97 -20.40 -8.04 -27.96
N ASP A 98 -20.95 -8.43 -26.82
CA ASP A 98 -20.32 -8.20 -25.52
C ASP A 98 -20.09 -9.47 -24.71
N PHE A 99 -19.00 -9.46 -23.95
CA PHE A 99 -18.65 -10.61 -23.13
C PHE A 99 -18.78 -10.15 -21.68
N ILE A 100 -19.97 -10.30 -21.15
CA ILE A 100 -20.28 -9.91 -19.78
C ILE A 100 -19.31 -10.49 -18.76
N ASP A 101 -18.80 -9.62 -17.89
CA ASP A 101 -17.86 -10.00 -16.84
C ASP A 101 -16.66 -10.77 -17.39
N TYR A 102 -16.10 -10.28 -18.50
CA TYR A 102 -14.95 -10.92 -19.13
C TYR A 102 -13.71 -10.89 -18.24
N GLU A 103 -13.38 -9.71 -17.69
CA GLU A 103 -12.24 -9.55 -16.81
C GLU A 103 -12.31 -10.48 -15.62
N GLU A 104 -13.49 -10.63 -15.04
CA GLU A 104 -13.63 -11.53 -13.89
C GLU A 104 -13.40 -12.98 -14.31
N LEU A 105 -13.71 -13.30 -15.57
CA LEU A 105 -13.49 -14.66 -16.02
C LEU A 105 -11.98 -14.90 -16.06
N ARG A 106 -11.25 -13.95 -16.61
CA ARG A 106 -9.81 -14.04 -16.71
C ARG A 106 -9.22 -14.23 -15.30
N GLU A 107 -9.71 -13.45 -14.35
CA GLU A 107 -9.21 -13.55 -12.99
C GLU A 107 -9.43 -14.97 -12.48
N GLN A 108 -10.57 -15.55 -12.83
CA GLN A 108 -10.88 -16.93 -12.41
C GLN A 108 -9.86 -17.87 -13.02
N LEU A 109 -9.65 -17.76 -14.32
CA LEU A 109 -8.71 -18.60 -15.02
C LEU A 109 -7.31 -18.55 -14.45
N SER A 110 -6.96 -17.45 -13.81
CA SER A 110 -5.62 -17.33 -13.25
C SER A 110 -5.30 -18.34 -12.16
N SER A 111 -6.32 -19.01 -11.64
CA SER A 111 -6.10 -20.01 -10.59
C SER A 111 -6.55 -21.41 -11.06
N VAL A 112 -6.55 -21.61 -12.37
CA VAL A 112 -6.92 -22.88 -12.96
C VAL A 112 -5.66 -23.45 -13.60
N SER A 113 -5.29 -24.65 -13.22
CA SER A 113 -4.09 -25.29 -13.75
C SER A 113 -4.38 -26.33 -14.83
N SER A 114 -5.62 -26.80 -14.87
CA SER A 114 -6.02 -27.79 -15.87
C SER A 114 -7.51 -28.06 -15.82
N PHE A 115 -8.06 -28.55 -16.92
CA PHE A 115 -9.49 -28.87 -16.97
C PHE A 115 -9.77 -30.04 -17.90
N GLU A 116 -11.04 -30.45 -17.93
CA GLU A 116 -11.48 -31.53 -18.79
C GLU A 116 -12.65 -31.03 -19.64
N LYS A 117 -12.39 -30.89 -20.93
CA LYS A 117 -13.40 -30.42 -21.88
C LYS A 117 -14.37 -31.55 -22.17
N PHE A 118 -15.67 -31.26 -22.17
CA PHE A 118 -16.64 -32.31 -22.45
C PHE A 118 -17.93 -31.77 -23.03
N GLU A 119 -18.42 -32.45 -24.06
CA GLU A 119 -19.66 -32.06 -24.73
C GLU A 119 -20.82 -32.18 -23.74
N ILE A 120 -21.22 -31.06 -23.15
CA ILE A 120 -22.29 -31.06 -22.17
C ILE A 120 -23.66 -31.33 -22.80
N PHE A 121 -23.89 -30.76 -23.98
CA PHE A 121 -25.15 -30.92 -24.70
C PHE A 121 -24.86 -31.34 -26.14
N PRO A 122 -24.71 -32.65 -26.38
CA PRO A 122 -24.44 -33.22 -27.70
C PRO A 122 -25.29 -32.62 -28.82
N LYS A 123 -24.61 -32.14 -29.87
CA LYS A 123 -25.28 -31.50 -30.99
C LYS A 123 -26.43 -32.33 -31.56
N THR A 124 -26.12 -33.58 -31.91
CA THR A 124 -27.11 -34.51 -32.47
C THR A 124 -27.57 -35.44 -31.37
N SER A 125 -28.57 -35.00 -30.60
CA SER A 125 -29.09 -35.79 -29.50
C SER A 125 -29.98 -34.96 -28.58
N SER A 126 -29.41 -33.89 -28.06
CA SER A 126 -30.12 -33.01 -27.13
C SER A 126 -31.00 -32.01 -27.84
N TRP A 127 -31.01 -32.02 -29.17
CA TRP A 127 -31.82 -31.02 -29.86
C TRP A 127 -32.81 -31.43 -30.95
N PRO A 128 -33.81 -32.25 -30.60
CA PRO A 128 -34.79 -32.63 -31.62
C PRO A 128 -35.79 -31.47 -31.61
N ASN A 129 -36.80 -31.52 -32.48
CA ASN A 129 -37.80 -30.46 -32.55
C ASN A 129 -37.17 -29.13 -32.94
N HIS A 130 -35.86 -29.04 -32.74
CA HIS A 130 -35.10 -27.84 -33.07
C HIS A 130 -34.03 -28.24 -34.06
N GLU A 131 -33.71 -27.33 -34.96
CA GLU A 131 -32.71 -27.64 -35.97
C GLU A 131 -31.29 -27.18 -35.64
N THR A 132 -30.41 -28.16 -35.53
CA THR A 132 -29.01 -27.94 -35.19
C THR A 132 -28.19 -27.29 -36.29
N THR A 133 -28.01 -27.98 -37.41
CA THR A 133 -27.22 -27.42 -38.50
C THR A 133 -27.80 -26.13 -39.08
N LYS A 134 -26.99 -25.42 -39.84
CA LYS A 134 -27.37 -24.16 -40.48
C LYS A 134 -27.33 -22.98 -39.52
N GLY A 135 -26.35 -23.00 -38.62
CA GLY A 135 -26.20 -21.92 -37.68
C GLY A 135 -24.80 -21.36 -37.82
N VAL A 136 -24.52 -20.75 -38.98
CA VAL A 136 -23.21 -20.20 -39.24
C VAL A 136 -23.29 -18.80 -39.86
N THR A 137 -22.16 -18.10 -39.85
CA THR A 137 -22.09 -16.76 -40.42
C THR A 137 -20.72 -16.52 -41.03
N ALA A 138 -20.61 -15.46 -41.84
CA ALA A 138 -19.37 -15.11 -42.51
C ALA A 138 -18.41 -14.44 -41.54
N ALA A 139 -18.98 -13.85 -40.49
CA ALA A 139 -18.19 -13.17 -39.46
C ALA A 139 -17.18 -14.15 -38.87
N CYS A 140 -17.59 -15.40 -38.74
CA CYS A 140 -16.73 -16.43 -38.21
C CYS A 140 -16.51 -17.48 -39.30
N SER A 141 -15.86 -17.05 -40.38
CA SER A 141 -15.62 -17.95 -41.52
C SER A 141 -14.43 -18.89 -41.31
N TYR A 142 -14.36 -19.93 -42.14
CA TYR A 142 -13.29 -20.92 -42.06
C TYR A 142 -12.97 -21.54 -43.42
N ALA A 143 -11.69 -21.51 -43.78
CA ALA A 143 -11.22 -22.06 -45.06
C ALA A 143 -11.76 -21.22 -46.22
N GLY A 144 -12.69 -20.33 -45.90
CA GLY A 144 -13.30 -19.49 -46.91
C GLY A 144 -14.82 -19.48 -46.78
N ALA A 145 -15.37 -20.58 -46.27
CA ALA A 145 -16.80 -20.71 -46.08
C ALA A 145 -17.18 -20.12 -44.74
N SER A 146 -18.48 -20.05 -44.46
CA SER A 146 -18.96 -19.51 -43.19
C SER A 146 -18.98 -20.61 -42.12
N SER A 147 -18.83 -20.23 -40.86
CA SER A 147 -18.84 -21.21 -39.77
C SER A 147 -19.18 -20.57 -38.42
N PHE A 148 -18.91 -21.30 -37.33
CA PHE A 148 -19.21 -20.82 -35.99
C PHE A 148 -18.28 -21.42 -34.94
N TYR A 149 -18.49 -21.05 -33.68
CA TYR A 149 -17.69 -21.52 -32.56
C TYR A 149 -17.86 -23.03 -32.37
N ARG A 150 -16.79 -23.71 -31.95
CA ARG A 150 -16.83 -25.15 -31.76
C ARG A 150 -17.42 -25.60 -30.43
N ASN A 151 -17.66 -24.68 -29.51
CA ASN A 151 -18.19 -25.06 -28.20
C ASN A 151 -19.61 -24.56 -27.99
N LEU A 152 -20.05 -23.67 -28.85
CA LEU A 152 -21.39 -23.10 -28.78
C LEU A 152 -22.20 -23.50 -30.01
N LEU A 153 -23.49 -23.79 -29.81
CA LEU A 153 -24.36 -24.21 -30.91
C LEU A 153 -25.46 -23.19 -31.23
N TRP A 154 -25.58 -22.79 -32.50
CA TRP A 154 -26.58 -21.81 -32.90
C TRP A 154 -27.87 -22.48 -33.34
N LEU A 155 -28.85 -22.54 -32.44
CA LEU A 155 -30.13 -23.15 -32.75
C LEU A 155 -31.10 -22.22 -33.47
N THR A 156 -31.59 -22.68 -34.63
CA THR A 156 -32.55 -21.92 -35.44
C THR A 156 -33.82 -22.75 -35.66
N LYS A 157 -34.93 -22.06 -35.95
CA LYS A 157 -36.23 -22.70 -36.16
C LYS A 157 -36.22 -23.86 -37.16
N LYS A 158 -36.87 -24.97 -36.78
CA LYS A 158 -36.95 -26.16 -37.62
C LYS A 158 -38.21 -26.08 -38.48
N GLY A 159 -38.12 -25.37 -39.60
CA GLY A 159 -39.27 -25.21 -40.47
C GLY A 159 -40.35 -24.43 -39.76
N SER A 160 -40.15 -23.12 -39.64
CA SER A 160 -41.09 -22.22 -38.97
C SER A 160 -41.72 -22.81 -37.69
N SER A 161 -41.04 -23.78 -37.10
CA SER A 161 -41.51 -24.43 -35.88
C SER A 161 -40.48 -24.38 -34.76
N TYR A 162 -40.47 -23.29 -33.99
CA TYR A 162 -39.54 -23.17 -32.88
C TYR A 162 -40.27 -23.35 -31.56
N PRO A 163 -40.45 -24.61 -31.13
CA PRO A 163 -41.15 -24.91 -29.87
C PRO A 163 -40.35 -24.39 -28.67
N LYS A 164 -40.97 -24.38 -27.50
CA LYS A 164 -40.32 -23.92 -26.29
C LYS A 164 -39.42 -25.01 -25.72
N LEU A 165 -38.11 -24.85 -25.90
CA LEU A 165 -37.16 -25.84 -25.42
C LEU A 165 -36.79 -25.63 -23.96
N SER A 166 -36.40 -26.73 -23.33
CA SER A 166 -36.01 -26.70 -21.92
C SER A 166 -35.08 -27.90 -21.69
N LYS A 167 -33.79 -27.60 -21.58
CA LYS A 167 -32.77 -28.62 -21.37
C LYS A 167 -32.06 -28.36 -20.04
N SER A 168 -31.53 -29.41 -19.42
CA SER A 168 -30.84 -29.27 -18.14
C SER A 168 -29.60 -30.14 -18.04
N TYR A 169 -28.75 -29.83 -17.08
CA TYR A 169 -27.52 -30.58 -16.83
C TYR A 169 -27.21 -30.62 -15.34
N VAL A 170 -26.70 -31.76 -14.88
CA VAL A 170 -26.35 -31.93 -13.48
C VAL A 170 -24.84 -32.11 -13.38
N ASN A 171 -24.23 -31.34 -12.49
CA ASN A 171 -22.79 -31.40 -12.30
C ASN A 171 -22.35 -32.60 -11.48
N ASN A 172 -21.98 -33.66 -12.19
CA ASN A 172 -21.50 -34.89 -11.56
C ASN A 172 -20.07 -35.10 -12.00
N LYS A 173 -19.17 -34.25 -11.49
CA LYS A 173 -17.76 -34.33 -11.86
C LYS A 173 -16.88 -34.21 -10.62
N GLY A 174 -17.46 -33.70 -9.53
CA GLY A 174 -16.71 -33.54 -8.30
C GLY A 174 -15.87 -32.27 -8.33
N LYS A 175 -15.96 -31.56 -9.46
CA LYS A 175 -15.22 -30.33 -9.68
C LYS A 175 -16.18 -29.20 -9.96
N GLU A 176 -15.66 -28.13 -10.56
CA GLU A 176 -16.47 -26.98 -10.95
C GLU A 176 -16.63 -27.08 -12.46
N VAL A 177 -17.79 -26.69 -12.96
CA VAL A 177 -18.01 -26.73 -14.39
C VAL A 177 -18.23 -25.33 -14.94
N LEU A 178 -17.43 -24.97 -15.94
CA LEU A 178 -17.54 -23.67 -16.57
C LEU A 178 -18.49 -23.80 -17.75
N VAL A 179 -19.62 -23.11 -17.66
CA VAL A 179 -20.62 -23.15 -18.72
C VAL A 179 -20.70 -21.81 -19.42
N LEU A 180 -20.53 -21.82 -20.73
CA LEU A 180 -20.59 -20.59 -21.54
C LEU A 180 -21.74 -20.68 -22.51
N TRP A 181 -22.36 -19.54 -22.79
CA TRP A 181 -23.48 -19.48 -23.73
C TRP A 181 -23.68 -18.06 -24.24
N GLY A 182 -24.56 -17.88 -25.23
CA GLY A 182 -24.80 -16.57 -25.78
C GLY A 182 -26.25 -16.23 -26.05
N VAL A 183 -26.49 -14.97 -26.42
CA VAL A 183 -27.82 -14.49 -26.72
C VAL A 183 -27.70 -13.57 -27.93
N HIS A 184 -28.45 -13.88 -28.98
CA HIS A 184 -28.42 -13.12 -30.23
C HIS A 184 -29.43 -11.97 -30.27
N HIS A 185 -29.02 -10.88 -30.91
CA HIS A 185 -29.87 -9.70 -31.05
C HIS A 185 -29.91 -9.24 -32.51
N PRO A 186 -30.81 -9.83 -33.32
CA PRO A 186 -30.96 -9.48 -34.73
C PRO A 186 -31.22 -7.99 -34.95
N PRO A 187 -30.81 -7.45 -36.12
CA PRO A 187 -30.99 -6.04 -36.45
C PRO A 187 -32.43 -5.60 -36.75
N THR A 188 -33.15 -6.39 -37.54
CA THR A 188 -34.53 -6.07 -37.91
C THR A 188 -35.57 -7.13 -37.53
N GLY A 189 -36.76 -6.67 -37.14
CA GLY A 189 -37.83 -7.57 -36.76
C GLY A 189 -38.06 -8.67 -37.77
N THR A 190 -37.74 -8.37 -39.03
CA THR A 190 -37.89 -9.33 -40.13
C THR A 190 -37.03 -10.57 -39.88
N ASP A 191 -35.78 -10.34 -39.51
CA ASP A 191 -34.82 -11.40 -39.25
C ASP A 191 -35.20 -12.28 -38.05
N GLN A 192 -35.79 -11.66 -37.04
CA GLN A 192 -36.22 -12.40 -35.86
C GLN A 192 -37.13 -13.54 -36.35
N GLN A 193 -38.00 -13.19 -37.29
CA GLN A 193 -38.96 -14.13 -37.88
C GLN A 193 -38.23 -15.29 -38.55
N SER A 194 -37.42 -14.94 -39.54
CA SER A 194 -36.65 -15.91 -40.32
C SER A 194 -35.66 -16.78 -39.54
N LEU A 195 -35.38 -16.43 -38.29
CA LEU A 195 -34.43 -17.21 -37.50
C LEU A 195 -35.05 -18.11 -36.44
N TYR A 196 -35.91 -17.53 -35.60
CA TYR A 196 -36.54 -18.29 -34.53
C TYR A 196 -38.07 -18.24 -34.60
N GLN A 197 -38.59 -17.69 -35.69
CA GLN A 197 -40.03 -17.56 -35.89
C GLN A 197 -40.63 -16.55 -34.91
N ASN A 198 -41.14 -17.07 -33.79
CA ASN A 198 -41.75 -16.26 -32.74
C ASN A 198 -41.20 -14.84 -32.71
N ALA A 199 -42.08 -13.86 -32.86
CA ALA A 199 -41.68 -12.46 -32.86
C ALA A 199 -41.10 -12.00 -31.52
N ASP A 200 -41.70 -12.46 -30.42
CA ASP A 200 -41.22 -12.09 -29.10
C ASP A 200 -40.87 -13.32 -28.26
N ALA A 201 -39.63 -13.77 -28.39
CA ALA A 201 -39.13 -14.94 -27.66
C ALA A 201 -38.33 -14.48 -26.44
N TYR A 202 -37.78 -15.43 -25.70
CA TYR A 202 -36.98 -15.12 -24.51
C TYR A 202 -36.04 -16.27 -24.15
N VAL A 203 -35.03 -15.97 -23.33
CA VAL A 203 -34.07 -16.97 -22.88
C VAL A 203 -33.97 -16.86 -21.37
N SER A 204 -33.92 -18.00 -20.68
CA SER A 204 -33.85 -17.97 -19.23
C SER A 204 -32.96 -19.04 -18.62
N VAL A 205 -31.80 -18.62 -18.11
CA VAL A 205 -30.87 -19.54 -17.49
C VAL A 205 -31.04 -19.49 -15.98
N GLY A 206 -30.83 -20.62 -15.31
CA GLY A 206 -30.99 -20.65 -13.87
C GLY A 206 -30.42 -21.87 -13.18
N SER A 207 -29.97 -21.66 -11.95
CA SER A 207 -29.40 -22.73 -11.15
C SER A 207 -29.67 -22.35 -9.71
N SER A 208 -28.85 -22.85 -8.81
CA SER A 208 -29.03 -22.57 -7.39
C SER A 208 -28.64 -21.14 -7.03
N LYS A 209 -27.50 -20.70 -7.52
CA LYS A 209 -27.04 -19.35 -7.22
C LYS A 209 -27.27 -18.39 -8.39
N TYR A 210 -27.39 -18.95 -9.60
CA TYR A 210 -27.61 -18.13 -10.79
C TYR A 210 -29.09 -18.04 -11.17
N ASN A 211 -29.48 -16.85 -11.61
CA ASN A 211 -30.86 -16.61 -12.01
C ASN A 211 -30.87 -15.33 -12.82
N ARG A 212 -31.22 -15.43 -14.10
CA ARG A 212 -31.27 -14.26 -14.98
C ARG A 212 -32.08 -14.59 -16.22
N ARG A 213 -32.78 -13.58 -16.74
CA ARG A 213 -33.61 -13.76 -17.92
C ARG A 213 -33.33 -12.71 -18.98
N PHE A 214 -33.17 -13.14 -20.23
CA PHE A 214 -32.87 -12.23 -21.33
C PHE A 214 -33.97 -12.08 -22.38
N THR A 215 -34.02 -10.92 -23.00
CA THR A 215 -35.00 -10.63 -24.04
C THR A 215 -34.33 -9.89 -25.20
N PRO A 216 -34.57 -10.33 -26.45
CA PRO A 216 -33.97 -9.69 -27.61
C PRO A 216 -34.20 -8.17 -27.67
N GLU A 217 -33.15 -7.44 -28.01
CA GLU A 217 -33.22 -5.99 -28.15
C GLU A 217 -32.90 -5.63 -29.59
N ILE A 218 -33.86 -5.90 -30.49
CA ILE A 218 -33.68 -5.63 -31.91
C ILE A 218 -33.61 -4.13 -32.22
N ALA A 219 -32.65 -3.76 -33.06
CA ALA A 219 -32.45 -2.36 -33.43
C ALA A 219 -31.50 -2.19 -34.62
N ALA A 220 -31.09 -0.95 -34.85
CA ALA A 220 -30.18 -0.62 -35.94
C ALA A 220 -28.84 -0.14 -35.39
N ARG A 221 -27.78 -0.89 -35.72
CA ARG A 221 -26.44 -0.56 -35.27
C ARG A 221 -25.44 -0.68 -36.43
N PRO A 222 -24.38 0.13 -36.41
CA PRO A 222 -23.35 0.13 -37.45
C PRO A 222 -22.88 -1.27 -37.77
N LYS A 223 -22.23 -1.44 -38.91
CA LYS A 223 -21.75 -2.76 -39.29
C LYS A 223 -20.34 -3.03 -38.79
N VAL A 224 -20.18 -4.20 -38.18
CA VAL A 224 -18.91 -4.66 -37.64
C VAL A 224 -18.68 -6.02 -38.27
N ARG A 225 -17.64 -6.13 -39.09
CA ARG A 225 -17.34 -7.38 -39.78
C ARG A 225 -18.56 -7.74 -40.61
N ASP A 226 -19.18 -6.71 -41.19
CA ASP A 226 -20.37 -6.86 -42.00
C ASP A 226 -21.47 -7.48 -41.16
N GLN A 227 -21.88 -6.77 -40.12
CA GLN A 227 -22.94 -7.24 -39.23
C GLN A 227 -23.52 -6.06 -38.46
N ALA A 228 -24.84 -5.91 -38.51
CA ALA A 228 -25.52 -4.85 -37.78
C ALA A 228 -26.18 -5.51 -36.58
N GLY A 229 -26.01 -6.83 -36.51
CA GLY A 229 -26.56 -7.60 -35.41
C GLY A 229 -25.50 -7.76 -34.33
N ARG A 230 -25.90 -8.26 -33.16
CA ARG A 230 -24.97 -8.44 -32.05
C ARG A 230 -25.18 -9.77 -31.36
N MET A 231 -24.28 -10.11 -30.44
CA MET A 231 -24.36 -11.37 -29.70
C MET A 231 -23.60 -11.26 -28.39
N ASN A 232 -24.31 -11.37 -27.26
CA ASN A 232 -23.66 -11.28 -25.95
C ASN A 232 -23.34 -12.65 -25.37
N TYR A 233 -22.11 -12.80 -24.91
CA TYR A 233 -21.65 -14.06 -24.34
C TYR A 233 -21.70 -14.02 -22.81
N TYR A 234 -22.03 -15.15 -22.21
CA TYR A 234 -22.13 -15.23 -20.77
C TYR A 234 -21.45 -16.47 -20.19
N TRP A 235 -21.27 -16.50 -18.88
CA TRP A 235 -20.64 -17.65 -18.23
C TRP A 235 -20.98 -17.72 -16.74
N THR A 236 -20.71 -18.88 -16.15
CA THR A 236 -20.95 -19.10 -14.74
C THR A 236 -20.33 -20.40 -14.32
N LEU A 237 -19.92 -20.49 -13.06
CA LEU A 237 -19.31 -21.70 -12.55
C LEU A 237 -20.37 -22.53 -11.81
N LEU A 238 -20.70 -23.69 -12.36
CA LEU A 238 -21.70 -24.55 -11.74
C LEU A 238 -21.06 -25.40 -10.67
N GLU A 239 -21.59 -25.26 -9.45
CA GLU A 239 -21.09 -26.01 -8.29
C GLU A 239 -21.40 -27.48 -8.33
N PRO A 240 -20.64 -28.28 -7.58
CA PRO A 240 -20.81 -29.73 -7.51
C PRO A 240 -22.17 -30.12 -6.96
N GLY A 241 -22.97 -30.78 -7.79
CA GLY A 241 -24.30 -31.19 -7.36
C GLY A 241 -25.39 -30.34 -7.98
N ASP A 242 -25.24 -29.03 -7.92
CA ASP A 242 -26.23 -28.12 -8.48
C ASP A 242 -26.57 -28.47 -9.93
N THR A 243 -27.67 -27.88 -10.40
CA THR A 243 -28.14 -28.08 -11.76
C THR A 243 -28.42 -26.76 -12.46
N ILE A 244 -27.92 -26.62 -13.67
CA ILE A 244 -28.15 -25.41 -14.45
C ILE A 244 -29.26 -25.77 -15.44
N THR A 245 -30.16 -24.84 -15.70
CA THR A 245 -31.27 -25.12 -16.60
C THR A 245 -31.63 -23.99 -17.58
N PHE A 246 -31.37 -24.22 -18.87
CA PHE A 246 -31.68 -23.25 -19.90
C PHE A 246 -33.12 -23.49 -20.37
N GLU A 247 -33.79 -22.41 -20.72
CA GLU A 247 -35.16 -22.49 -21.20
C GLU A 247 -35.35 -21.28 -22.10
N ALA A 248 -35.37 -21.52 -23.41
CA ALA A 248 -35.54 -20.43 -24.36
C ALA A 248 -36.59 -20.73 -25.43
N THR A 249 -36.93 -19.70 -26.19
CA THR A 249 -37.90 -19.78 -27.26
C THR A 249 -37.33 -19.04 -28.47
N GLY A 250 -36.01 -19.07 -28.60
CA GLY A 250 -35.34 -18.41 -29.70
C GLY A 250 -34.26 -17.47 -29.23
N ASN A 251 -33.21 -17.31 -30.04
CA ASN A 251 -32.08 -16.42 -29.74
C ASN A 251 -31.02 -17.04 -28.81
N LEU A 252 -31.24 -18.27 -28.37
CA LEU A 252 -30.29 -18.92 -27.49
C LEU A 252 -29.13 -19.62 -28.16
N ILE A 253 -27.94 -19.02 -28.12
CA ILE A 253 -26.78 -19.68 -28.68
C ILE A 253 -26.47 -20.66 -27.56
N ALA A 254 -26.76 -21.94 -27.77
CA ALA A 254 -26.59 -22.96 -26.74
C ALA A 254 -25.21 -23.55 -26.46
N PRO A 255 -25.02 -24.00 -25.21
CA PRO A 255 -23.79 -24.60 -24.71
C PRO A 255 -23.58 -25.95 -25.37
N TRP A 256 -22.46 -26.16 -26.04
CA TRP A 256 -22.19 -27.45 -26.66
C TRP A 256 -21.08 -28.17 -25.87
N TYR A 257 -20.03 -27.44 -25.50
CA TYR A 257 -18.93 -28.01 -24.71
C TYR A 257 -18.66 -27.18 -23.45
N ALA A 258 -18.32 -27.85 -22.35
CA ALA A 258 -18.04 -27.19 -21.09
C ALA A 258 -16.74 -27.72 -20.49
N PHE A 259 -16.28 -27.12 -19.40
CA PHE A 259 -15.04 -27.55 -18.80
C PHE A 259 -15.11 -27.78 -17.28
N ALA A 260 -14.50 -28.88 -16.84
CA ALA A 260 -14.44 -29.23 -15.42
C ALA A 260 -13.07 -28.69 -15.00
N LEU A 261 -13.08 -27.75 -14.08
CA LEU A 261 -11.85 -27.08 -13.66
C LEU A 261 -11.07 -27.63 -12.48
N ASN A 262 -9.74 -27.60 -12.61
CA ASN A 262 -8.82 -28.03 -11.57
C ASN A 262 -8.11 -26.80 -11.03
N ARG A 263 -8.42 -26.43 -9.78
CA ARG A 263 -7.80 -25.25 -9.18
C ARG A 263 -6.37 -25.49 -8.67
N GLY A 264 -5.42 -24.77 -9.25
CA GLY A 264 -4.04 -24.88 -8.81
C GLY A 264 -3.65 -23.47 -8.41
N SER A 265 -2.57 -23.30 -7.65
CA SER A 265 -2.17 -21.94 -7.27
C SER A 265 -0.85 -21.53 -7.90
N GLY A 266 -0.55 -20.23 -7.83
CA GLY A 266 0.69 -19.74 -8.38
C GLY A 266 0.78 -19.75 -9.90
N SER A 267 -0.36 -19.68 -10.57
CA SER A 267 -0.39 -19.67 -12.03
C SER A 267 -0.91 -18.31 -12.44
N GLY A 268 -1.02 -18.05 -13.73
CA GLY A 268 -1.53 -16.76 -14.14
C GLY A 268 -1.41 -16.51 -15.62
N ILE A 269 -1.94 -15.38 -16.06
CA ILE A 269 -1.90 -14.99 -17.45
C ILE A 269 -0.86 -13.91 -17.66
N ILE A 270 -0.10 -13.97 -18.75
CA ILE A 270 0.91 -12.95 -19.03
C ILE A 270 0.94 -12.59 -20.51
N THR A 271 1.45 -11.41 -20.82
CA THR A 271 1.56 -10.97 -22.21
C THR A 271 3.03 -10.88 -22.58
N SER A 272 3.44 -11.69 -23.56
CA SER A 272 4.83 -11.72 -23.99
C SER A 272 5.02 -12.22 -25.41
N ASP A 273 6.02 -11.69 -26.08
CA ASP A 273 6.32 -12.13 -27.44
C ASP A 273 7.65 -12.88 -27.45
N ALA A 274 8.04 -13.39 -26.29
CA ALA A 274 9.28 -14.13 -26.19
C ALA A 274 9.00 -15.57 -26.61
N PRO A 275 9.96 -16.20 -27.36
CA PRO A 275 9.85 -17.57 -27.84
C PRO A 275 9.75 -18.62 -26.76
N VAL A 276 8.89 -19.63 -26.97
CA VAL A 276 8.77 -20.69 -25.98
C VAL A 276 9.81 -21.74 -26.32
N HIS A 277 10.50 -22.26 -25.31
CA HIS A 277 11.50 -23.30 -25.56
C HIS A 277 11.36 -24.44 -24.58
N ASP A 278 12.14 -25.49 -24.82
CA ASP A 278 12.13 -26.66 -23.95
C ASP A 278 13.23 -26.39 -22.92
N CYS A 279 12.87 -25.53 -21.98
CA CYS A 279 13.76 -25.09 -20.93
C CYS A 279 12.95 -25.09 -19.65
N ASN A 280 13.57 -25.49 -18.54
CA ASN A 280 12.86 -25.51 -17.26
C ASN A 280 13.42 -24.43 -16.32
N THR A 281 12.56 -23.76 -15.55
CA THR A 281 13.01 -22.70 -14.63
C THR A 281 12.20 -22.65 -13.35
N LYS A 282 12.63 -21.81 -12.41
CA LYS A 282 11.92 -21.67 -11.14
C LYS A 282 11.31 -20.29 -11.10
N CYS A 283 11.70 -19.45 -12.03
CA CYS A 283 11.19 -18.09 -12.08
C CYS A 283 11.05 -17.59 -13.53
N GLN A 284 9.84 -17.24 -13.92
CA GLN A 284 9.57 -16.76 -15.27
C GLN A 284 9.00 -15.34 -15.30
N THR A 285 9.40 -14.59 -16.31
CA THR A 285 8.92 -13.22 -16.48
C THR A 285 8.67 -13.00 -17.96
N PRO A 286 7.87 -12.00 -18.30
CA PRO A 286 7.58 -11.70 -19.71
C PRO A 286 8.81 -11.44 -20.55
N HIS A 287 9.93 -11.12 -19.93
CA HIS A 287 11.13 -10.88 -20.73
C HIS A 287 11.96 -12.14 -20.89
N GLY A 288 11.74 -13.11 -20.01
CA GLY A 288 12.47 -14.35 -20.08
C GLY A 288 12.53 -14.99 -18.72
N ALA A 289 13.14 -16.16 -18.61
CA ALA A 289 13.26 -16.84 -17.31
C ALA A 289 14.49 -16.38 -16.55
N ILE A 290 14.39 -16.37 -15.22
CA ILE A 290 15.51 -15.94 -14.38
C ILE A 290 16.00 -17.11 -13.54
N ASN A 291 17.31 -17.15 -13.32
CA ASN A 291 17.94 -18.20 -12.52
C ASN A 291 19.00 -17.56 -11.62
N SER A 292 18.57 -17.11 -10.46
CA SER A 292 19.47 -16.44 -9.54
C SER A 292 19.07 -16.75 -8.12
N SER A 293 19.95 -16.44 -7.20
CA SER A 293 19.67 -16.63 -5.80
C SER A 293 19.86 -15.27 -5.13
N LEU A 294 19.97 -14.23 -5.94
CA LEU A 294 20.13 -12.88 -5.43
C LEU A 294 18.78 -12.44 -4.90
N PRO A 295 18.78 -11.54 -3.90
CA PRO A 295 17.55 -11.03 -3.28
C PRO A 295 16.69 -10.07 -4.11
N PHE A 296 17.31 -9.36 -5.07
CA PHE A 296 16.55 -8.42 -5.89
C PHE A 296 16.80 -8.59 -7.38
N GLN A 297 15.91 -8.01 -8.19
CA GLN A 297 16.03 -8.06 -9.62
C GLN A 297 15.36 -6.80 -10.19
N ASN A 298 15.82 -6.33 -11.34
CA ASN A 298 15.26 -5.14 -11.97
C ASN A 298 14.90 -5.46 -13.41
N ILE A 299 14.43 -6.69 -13.62
CA ILE A 299 14.07 -7.15 -14.94
C ILE A 299 12.61 -6.91 -15.26
N HIS A 300 11.72 -7.26 -14.33
CA HIS A 300 10.30 -7.10 -14.58
C HIS A 300 9.44 -7.31 -13.35
N PRO A 301 8.45 -6.43 -13.17
CA PRO A 301 7.57 -6.58 -12.00
C PRO A 301 6.68 -7.83 -12.11
N VAL A 302 6.30 -8.22 -13.32
CA VAL A 302 5.46 -9.39 -13.48
C VAL A 302 6.29 -10.66 -13.27
N THR A 303 5.80 -11.53 -12.39
CA THR A 303 6.54 -12.73 -12.05
C THR A 303 5.69 -13.99 -11.87
N ILE A 304 6.28 -15.15 -12.17
CA ILE A 304 5.60 -16.43 -11.98
C ILE A 304 6.63 -17.41 -11.43
N GLY A 305 6.35 -18.00 -10.27
CA GLY A 305 7.28 -18.93 -9.67
C GLY A 305 7.84 -18.37 -8.38
N GLU A 306 9.15 -18.52 -8.16
CA GLU A 306 9.81 -17.98 -6.97
C GLU A 306 10.92 -17.07 -7.45
N CYS A 307 10.72 -15.75 -7.37
CA CYS A 307 11.71 -14.85 -7.88
C CYS A 307 12.27 -13.86 -6.88
N PRO A 308 13.23 -13.04 -7.33
CA PRO A 308 13.81 -12.03 -6.45
C PRO A 308 12.79 -10.88 -6.38
N LYS A 309 12.98 -9.96 -5.46
CA LYS A 309 12.05 -8.85 -5.33
C LYS A 309 12.31 -7.81 -6.42
N TYR A 310 11.27 -7.45 -7.18
CA TYR A 310 11.45 -6.44 -8.21
C TYR A 310 11.75 -5.09 -7.57
N VAL A 311 12.64 -4.34 -8.20
CA VAL A 311 13.05 -3.06 -7.65
C VAL A 311 13.54 -2.15 -8.79
N ARG A 312 13.44 -0.84 -8.62
CA ARG A 312 13.89 0.07 -9.68
C ARG A 312 15.38 0.38 -9.69
N SER A 313 16.08 -0.08 -8.67
CA SER A 313 17.51 0.20 -8.58
C SER A 313 18.31 -0.20 -9.81
N THR A 314 19.40 0.53 -10.02
CA THR A 314 20.31 0.27 -11.13
C THR A 314 21.51 -0.50 -10.61
N LYS A 315 21.88 -0.20 -9.37
CA LYS A 315 23.03 -0.82 -8.73
C LYS A 315 22.82 -1.06 -7.22
N LEU A 316 23.22 -2.23 -6.75
CA LEU A 316 23.12 -2.60 -5.35
C LEU A 316 24.30 -3.46 -4.94
N ARG A 317 25.44 -2.81 -4.68
CA ARG A 317 26.63 -3.55 -4.29
C ARG A 317 26.95 -3.31 -2.82
N MET A 318 27.09 -4.40 -2.07
CA MET A 318 27.37 -4.33 -0.66
C MET A 318 28.84 -4.68 -0.35
N ALA A 319 29.55 -3.78 0.31
CA ALA A 319 30.94 -4.04 0.68
C ALA A 319 31.06 -5.19 1.67
N THR A 320 32.17 -5.90 1.62
CA THR A 320 32.45 -7.00 2.54
C THR A 320 33.89 -6.83 3.03
N GLY A 321 34.78 -6.51 2.09
CA GLY A 321 36.18 -6.29 2.42
C GLY A 321 36.37 -4.87 2.91
N LEU A 322 37.60 -4.37 2.86
CA LEU A 322 37.86 -3.02 3.33
C LEU A 322 38.27 -2.08 2.21
N ARG A 323 38.45 -0.82 2.57
CA ARG A 323 38.86 0.20 1.62
C ARG A 323 40.16 -0.30 1.01
N ASN A 324 40.18 -0.41 -0.32
CA ASN A 324 41.36 -0.92 -1.03
C ASN A 324 42.37 0.16 -1.39
N ILE A 325 43.48 0.17 -0.65
CA ILE A 325 44.55 1.13 -0.87
C ILE A 325 45.84 0.44 -1.32
N PRO A 326 46.01 0.26 -2.64
CA PRO A 326 47.17 -0.39 -3.27
C PRO A 326 48.49 0.28 -2.90
N ALA A 327 48.52 1.60 -3.05
CA ALA A 327 49.70 2.41 -2.74
C ALA A 327 50.99 1.78 -3.29
N ARG A 328 50.85 1.04 -4.39
CA ARG A 328 51.96 0.36 -5.03
C ARG A 328 53.19 1.25 -5.27
N GLY B 1 38.84 7.82 8.28
CA GLY B 1 38.47 6.65 9.05
C GLY B 1 37.95 7.03 10.41
N LEU B 2 36.76 6.53 10.75
CA LEU B 2 36.16 6.83 12.04
C LEU B 2 37.07 6.45 13.19
N PHE B 3 37.96 5.48 12.94
CA PHE B 3 38.88 5.03 13.98
C PHE B 3 40.31 5.43 13.75
N GLY B 4 40.53 6.32 12.78
CA GLY B 4 41.87 6.81 12.49
C GLY B 4 42.95 5.84 12.03
N ALA B 5 42.65 4.54 11.96
CA ALA B 5 43.66 3.57 11.54
C ALA B 5 43.79 3.45 10.03
N ILE B 6 42.90 2.69 9.39
CA ILE B 6 42.97 2.51 7.93
C ILE B 6 42.93 3.83 7.20
N ALA B 7 43.85 3.99 6.23
CA ALA B 7 43.96 5.22 5.45
C ALA B 7 44.09 6.38 6.43
N GLY B 8 44.69 6.06 7.58
CA GLY B 8 44.91 7.04 8.63
C GLY B 8 46.36 6.98 9.10
N PHE B 9 46.59 6.67 10.38
CA PHE B 9 47.96 6.60 10.87
C PHE B 9 48.72 5.41 10.29
N ILE B 10 48.02 4.59 9.52
CA ILE B 10 48.63 3.46 8.82
C ILE B 10 48.27 3.74 7.38
N GLU B 11 48.98 4.70 6.81
CA GLU B 11 48.78 5.19 5.45
C GLU B 11 48.23 4.29 4.34
N GLY B 12 48.73 3.08 4.19
CA GLY B 12 48.23 2.24 3.11
C GLY B 12 48.20 0.76 3.39
N GLY B 13 47.78 -0.01 2.40
CA GLY B 13 47.69 -1.45 2.57
C GLY B 13 48.79 -2.26 1.91
N TRP B 14 48.95 -3.50 2.36
CA TRP B 14 49.97 -4.38 1.82
C TRP B 14 49.45 -5.30 0.73
N THR B 15 49.73 -4.96 -0.52
CA THR B 15 49.28 -5.80 -1.63
C THR B 15 49.90 -7.18 -1.46
N GLY B 16 50.92 -7.25 -0.63
CA GLY B 16 51.60 -8.50 -0.39
C GLY B 16 50.81 -9.51 0.43
N MET B 17 50.54 -9.17 1.69
CA MET B 17 49.78 -10.07 2.59
C MET B 17 48.50 -10.57 1.93
N ILE B 18 48.38 -11.89 1.80
CA ILE B 18 47.20 -12.48 1.18
C ILE B 18 46.59 -13.64 1.96
N ASP B 19 46.79 -13.65 3.28
CA ASP B 19 46.25 -14.70 4.14
C ASP B 19 44.98 -14.24 4.86
N GLY B 20 44.77 -12.93 4.85
CA GLY B 20 43.60 -12.36 5.51
C GLY B 20 43.54 -10.86 5.31
N TRP B 21 42.75 -10.20 6.14
CA TRP B 21 42.60 -8.76 6.03
C TRP B 21 43.58 -8.02 6.92
N TYR B 22 43.86 -8.58 8.10
CA TYR B 22 44.77 -7.94 9.03
C TYR B 22 45.96 -8.85 9.40
N GLY B 23 47.16 -8.28 9.45
CA GLY B 23 48.32 -9.09 9.79
C GLY B 23 49.54 -8.29 10.22
N TYR B 24 50.68 -8.98 10.28
CA TYR B 24 51.92 -8.36 10.69
C TYR B 24 53.00 -8.47 9.61
N HIS B 25 54.00 -7.60 9.69
CA HIS B 25 55.10 -7.62 8.73
C HIS B 25 56.27 -8.43 9.28
N HIS B 26 57.08 -7.78 10.12
CA HIS B 26 58.25 -8.39 10.77
C HIS B 26 59.54 -8.42 9.95
N GLN B 27 60.59 -7.85 10.54
CA GLN B 27 61.91 -7.78 9.91
C GLN B 27 63.00 -8.17 10.92
N ASN B 28 63.22 -9.48 11.02
CA ASN B 28 64.21 -10.05 11.92
C ASN B 28 65.41 -10.46 11.09
N GLU B 29 66.60 -10.53 11.72
CA GLU B 29 67.82 -10.93 11.02
C GLU B 29 67.56 -12.00 9.96
N GLN B 30 67.04 -13.12 10.43
CA GLN B 30 66.72 -14.27 9.60
C GLN B 30 65.92 -13.95 8.34
N GLY B 31 65.44 -12.71 8.21
CA GLY B 31 64.69 -12.32 7.02
C GLY B 31 63.35 -11.66 7.30
N SER B 32 62.70 -11.17 6.25
CA SER B 32 61.40 -10.50 6.37
C SER B 32 60.21 -11.41 6.06
N GLY B 33 59.06 -10.79 5.81
CA GLY B 33 57.85 -11.54 5.50
C GLY B 33 56.55 -10.87 5.93
N TYR B 34 55.43 -11.56 5.69
CA TYR B 34 54.09 -11.10 6.04
C TYR B 34 53.33 -12.27 6.65
N ALA B 35 52.46 -11.98 7.61
CA ALA B 35 51.68 -13.03 8.25
C ALA B 35 50.37 -12.47 8.80
N ALA B 36 49.25 -12.95 8.27
CA ALA B 36 47.95 -12.49 8.70
C ALA B 36 47.54 -13.11 10.02
N ASP B 37 46.79 -12.37 10.83
CA ASP B 37 46.34 -12.89 12.12
C ASP B 37 44.99 -13.60 11.98
N GLN B 38 44.98 -14.92 12.17
CA GLN B 38 43.76 -15.70 12.04
C GLN B 38 42.69 -15.17 12.97
N LYS B 39 43.04 -15.06 14.25
CA LYS B 39 42.14 -14.55 15.28
C LYS B 39 41.29 -13.39 14.73
N SER B 40 41.96 -12.33 14.32
CA SER B 40 41.31 -11.14 13.79
C SER B 40 40.50 -11.44 12.55
N THR B 41 41.21 -11.75 11.48
CA THR B 41 40.62 -12.03 10.19
C THR B 41 39.41 -12.99 10.21
N GLN B 42 39.47 -14.04 11.01
CA GLN B 42 38.35 -14.98 11.05
C GLN B 42 37.10 -14.36 11.68
N ASN B 43 37.28 -13.57 12.73
CA ASN B 43 36.15 -12.91 13.37
C ASN B 43 35.47 -11.93 12.42
N ALA B 44 36.27 -11.11 11.75
CA ALA B 44 35.74 -10.15 10.80
C ALA B 44 34.93 -10.91 9.76
N ILE B 45 35.49 -12.01 9.30
CA ILE B 45 34.81 -12.81 8.30
C ILE B 45 33.48 -13.33 8.82
N ASP B 46 33.50 -13.96 9.99
CA ASP B 46 32.26 -14.49 10.54
C ASP B 46 31.19 -13.40 10.66
N GLY B 47 31.59 -12.23 11.13
CA GLY B 47 30.65 -11.13 11.26
C GLY B 47 30.08 -10.73 9.93
N ILE B 48 30.93 -10.24 9.04
CA ILE B 48 30.50 -9.82 7.72
C ILE B 48 29.60 -10.86 7.06
N THR B 49 29.96 -12.13 7.18
CA THR B 49 29.16 -13.18 6.57
C THR B 49 27.78 -13.18 7.19
N ASN B 50 27.74 -13.03 8.51
CA ASN B 50 26.46 -13.03 9.22
C ASN B 50 25.62 -11.82 8.81
N LYS B 51 26.28 -10.70 8.57
CA LYS B 51 25.60 -9.49 8.16
C LYS B 51 24.93 -9.72 6.82
N VAL B 52 25.71 -10.17 5.84
CA VAL B 52 25.14 -10.38 4.51
C VAL B 52 23.98 -11.37 4.50
N ASN B 53 24.03 -12.38 5.35
CA ASN B 53 22.94 -13.35 5.39
C ASN B 53 21.70 -12.75 6.02
N SER B 54 21.91 -11.87 6.99
CA SER B 54 20.81 -11.24 7.69
C SER B 54 20.06 -10.27 6.78
N VAL B 55 20.81 -9.57 5.93
CA VAL B 55 20.19 -8.62 5.01
C VAL B 55 19.36 -9.36 3.96
N ILE B 56 19.86 -10.50 3.49
CA ILE B 56 19.12 -11.25 2.49
C ILE B 56 17.89 -11.95 3.09
N GLU B 57 17.92 -12.23 4.38
CA GLU B 57 16.81 -12.88 5.06
C GLU B 57 15.57 -11.99 5.13
N LYS B 58 15.77 -10.73 5.51
CA LYS B 58 14.66 -9.80 5.66
C LYS B 58 13.92 -9.52 4.35
N MET B 59 14.54 -9.86 3.23
CA MET B 59 13.94 -9.65 1.92
C MET B 59 13.32 -10.94 1.40
N ASN B 60 12.13 -11.26 1.86
CA ASN B 60 11.47 -12.48 1.39
C ASN B 60 11.38 -12.45 -0.12
N THR B 61 11.54 -13.62 -0.73
CA THR B 61 11.45 -13.74 -2.18
C THR B 61 10.02 -13.47 -2.61
N GLN B 62 9.87 -12.96 -3.84
CA GLN B 62 8.57 -12.63 -4.42
C GLN B 62 7.94 -13.83 -5.14
N PHE B 63 6.67 -14.10 -4.87
CA PHE B 63 5.98 -15.20 -5.54
C PHE B 63 5.18 -14.67 -6.71
N THR B 64 4.34 -15.52 -7.31
CA THR B 64 3.55 -15.09 -8.47
C THR B 64 2.83 -13.75 -8.28
N ALA B 65 2.93 -12.89 -9.30
CA ALA B 65 2.33 -11.58 -9.28
C ALA B 65 2.04 -11.12 -10.70
N VAL B 66 0.81 -11.33 -11.17
CA VAL B 66 0.43 -10.94 -12.52
C VAL B 66 -0.53 -9.75 -12.51
N GLY B 67 -0.65 -9.07 -13.64
CA GLY B 67 -1.54 -7.92 -13.71
C GLY B 67 -3.02 -8.24 -13.61
N LYS B 68 -3.85 -7.22 -13.74
CA LYS B 68 -5.31 -7.37 -13.68
C LYS B 68 -5.87 -6.52 -14.80
N GLU B 69 -7.10 -6.82 -15.23
CA GLU B 69 -7.67 -6.04 -16.30
C GLU B 69 -8.94 -5.33 -15.87
N PHE B 70 -9.22 -4.20 -16.53
CA PHE B 70 -10.38 -3.39 -16.21
C PHE B 70 -11.06 -2.86 -17.47
N ASN B 71 -12.39 -2.81 -17.47
CA ASN B 71 -13.12 -2.28 -18.64
C ASN B 71 -13.14 -0.74 -18.63
N ASN B 72 -13.55 -0.13 -19.73
CA ASN B 72 -13.54 1.32 -19.83
C ASN B 72 -14.47 2.07 -18.88
N LEU B 73 -15.05 1.37 -17.93
CA LEU B 73 -15.89 2.03 -16.95
C LEU B 73 -15.43 1.70 -15.53
N GLU B 74 -14.19 1.21 -15.44
CA GLU B 74 -13.57 0.85 -14.17
C GLU B 74 -12.24 1.60 -14.05
N ARG B 75 -12.26 2.88 -14.40
CA ARG B 75 -11.06 3.71 -14.38
C ARG B 75 -10.54 4.03 -12.98
N ARG B 76 -11.46 4.37 -12.09
CA ARG B 76 -11.09 4.69 -10.72
C ARG B 76 -10.44 3.46 -10.11
N ILE B 77 -11.10 2.33 -10.26
CA ILE B 77 -10.57 1.10 -9.72
C ILE B 77 -9.23 0.73 -10.40
N GLU B 78 -9.14 0.97 -11.69
CA GLU B 78 -7.90 0.67 -12.41
C GLU B 78 -6.74 1.49 -11.83
N ASN B 79 -6.98 2.77 -11.56
CA ASN B 79 -5.95 3.63 -11.03
C ASN B 79 -5.61 3.34 -9.57
N LEU B 80 -6.59 2.87 -8.82
CA LEU B 80 -6.36 2.55 -7.41
C LEU B 80 -5.33 1.43 -7.43
N ASN B 81 -5.57 0.44 -8.29
CA ASN B 81 -4.69 -0.70 -8.40
C ASN B 81 -3.30 -0.24 -8.84
N LYS B 82 -3.28 0.78 -9.69
CA LYS B 82 -2.04 1.34 -10.21
C LYS B 82 -1.31 2.06 -9.07
N LYS B 83 -2.07 2.81 -8.27
CA LYS B 83 -1.50 3.55 -7.15
C LYS B 83 -0.85 2.61 -6.16
N VAL B 84 -1.52 1.48 -5.89
CA VAL B 84 -1.01 0.50 -4.95
C VAL B 84 0.28 -0.11 -5.42
N ASP B 85 0.30 -0.56 -6.66
CA ASP B 85 1.49 -1.18 -7.20
C ASP B 85 2.68 -0.25 -7.19
N ASP B 86 2.47 0.99 -7.62
CA ASP B 86 3.58 1.93 -7.65
C ASP B 86 4.04 2.29 -6.26
N GLY B 87 3.09 2.42 -5.34
CA GLY B 87 3.42 2.77 -3.97
C GLY B 87 4.35 1.78 -3.30
N PHE B 88 4.03 0.50 -3.43
CA PHE B 88 4.84 -0.56 -2.83
C PHE B 88 6.20 -0.57 -3.51
N LEU B 89 6.22 -0.37 -4.82
CA LEU B 89 7.47 -0.36 -5.54
C LEU B 89 8.42 0.73 -5.08
N ASP B 90 7.91 1.93 -4.81
CA ASP B 90 8.74 3.04 -4.34
C ASP B 90 9.40 2.70 -3.01
N ILE B 91 8.58 2.20 -2.08
CA ILE B 91 9.06 1.85 -0.76
C ILE B 91 10.12 0.78 -0.76
N TRP B 92 9.91 -0.31 -1.50
CA TRP B 92 10.91 -1.37 -1.50
C TRP B 92 12.23 -0.90 -2.07
N THR B 93 12.15 -0.10 -3.13
CA THR B 93 13.33 0.44 -3.76
C THR B 93 14.06 1.32 -2.74
N TYR B 94 13.30 2.17 -2.06
CA TYR B 94 13.89 3.04 -1.06
C TYR B 94 14.55 2.19 0.02
N ASN B 95 13.84 1.20 0.54
CA ASN B 95 14.41 0.38 1.60
C ASN B 95 15.68 -0.31 1.18
N ALA B 96 15.66 -0.95 0.01
CA ALA B 96 16.83 -1.67 -0.47
C ALA B 96 18.01 -0.75 -0.64
N GLU B 97 17.83 0.33 -1.38
CA GLU B 97 18.95 1.24 -1.59
C GLU B 97 19.54 1.83 -0.32
N LEU B 98 18.68 2.20 0.62
CA LEU B 98 19.13 2.79 1.88
C LEU B 98 19.87 1.79 2.80
N LEU B 99 19.35 0.59 2.92
CA LEU B 99 19.98 -0.38 3.79
C LEU B 99 21.42 -0.58 3.35
N VAL B 100 21.62 -0.78 2.05
CA VAL B 100 22.97 -0.99 1.51
C VAL B 100 23.87 0.22 1.77
N LEU B 101 23.36 1.41 1.51
CA LEU B 101 24.11 2.64 1.73
C LEU B 101 24.56 2.76 3.18
N LEU B 102 23.63 2.53 4.10
CA LEU B 102 23.92 2.64 5.51
C LEU B 102 24.82 1.54 6.02
N GLU B 103 24.57 0.31 5.59
CA GLU B 103 25.41 -0.78 6.03
C GLU B 103 26.84 -0.73 5.47
N ASN B 104 27.01 -0.15 4.29
CA ASN B 104 28.33 -0.04 3.70
C ASN B 104 29.20 0.82 4.60
N GLU B 105 28.65 1.96 5.02
CA GLU B 105 29.38 2.85 5.92
C GLU B 105 29.81 2.09 7.16
N ARG B 106 28.88 1.31 7.72
CA ARG B 106 29.14 0.52 8.92
C ARG B 106 30.21 -0.54 8.73
N THR B 107 30.28 -1.14 7.54
CA THR B 107 31.27 -2.16 7.28
C THR B 107 32.68 -1.59 7.20
N LEU B 108 32.84 -0.51 6.46
CA LEU B 108 34.15 0.09 6.35
C LEU B 108 34.69 0.50 7.72
N ASP B 109 33.83 1.06 8.58
CA ASP B 109 34.24 1.45 9.92
C ASP B 109 34.58 0.24 10.79
N PHE B 110 33.90 -0.87 10.55
CA PHE B 110 34.14 -2.10 11.29
C PHE B 110 35.60 -2.48 11.13
N HIS B 111 36.05 -2.56 9.87
CA HIS B 111 37.43 -2.90 9.54
C HIS B 111 38.40 -1.92 10.20
N ASP B 112 38.14 -0.63 10.03
CA ASP B 112 38.98 0.40 10.63
C ASP B 112 39.13 0.13 12.12
N SER B 113 38.04 -0.20 12.78
CA SER B 113 38.08 -0.47 14.21
C SER B 113 38.90 -1.74 14.48
N ASN B 114 38.67 -2.78 13.68
CA ASN B 114 39.41 -4.03 13.86
C ASN B 114 40.92 -3.80 13.79
N VAL B 115 41.36 -3.06 12.78
CA VAL B 115 42.77 -2.76 12.59
C VAL B 115 43.28 -2.01 13.82
N ARG B 116 42.63 -0.91 14.18
CA ARG B 116 43.06 -0.15 15.33
C ARG B 116 43.17 -0.99 16.60
N ASN B 117 42.23 -1.92 16.79
CA ASN B 117 42.27 -2.76 17.99
C ASN B 117 43.44 -3.71 18.04
N LEU B 118 43.86 -4.21 16.87
CA LEU B 118 45.00 -5.13 16.81
C LEU B 118 46.26 -4.36 17.20
N TYR B 119 46.43 -3.18 16.61
CA TYR B 119 47.57 -2.34 16.90
C TYR B 119 47.76 -2.22 18.40
N GLU B 120 46.74 -1.74 19.09
CA GLU B 120 46.82 -1.56 20.53
C GLU B 120 46.88 -2.84 21.33
N LYS B 121 46.66 -3.99 20.69
CA LYS B 121 46.73 -5.26 21.39
C LYS B 121 48.21 -5.66 21.44
N VAL B 122 48.94 -5.26 20.41
CA VAL B 122 50.37 -5.51 20.31
C VAL B 122 51.10 -4.48 21.17
N LYS B 123 50.82 -3.20 20.93
CA LYS B 123 51.43 -2.12 21.68
C LYS B 123 51.44 -2.31 23.20
N SER B 124 50.37 -2.88 23.75
CA SER B 124 50.30 -3.09 25.19
C SER B 124 51.15 -4.28 25.63
N GLN B 125 51.57 -5.11 24.67
CA GLN B 125 52.41 -6.26 24.97
C GLN B 125 53.86 -5.81 25.10
N LEU B 126 54.37 -5.19 24.05
CA LEU B 126 55.73 -4.71 24.02
C LEU B 126 56.00 -3.72 25.16
N LYS B 127 55.49 -2.51 25.03
CA LYS B 127 55.68 -1.45 26.03
C LYS B 127 57.05 -0.79 25.89
N ASN B 128 57.96 -1.15 26.79
CA ASN B 128 59.31 -0.60 26.82
C ASN B 128 60.26 -1.29 25.86
N ASN B 129 60.09 -2.60 25.73
CA ASN B 129 60.95 -3.41 24.86
C ASN B 129 61.04 -2.99 23.39
N ALA B 130 60.34 -1.92 23.03
CA ALA B 130 60.35 -1.41 21.66
C ALA B 130 59.73 -0.03 21.65
N LYS B 131 59.96 0.73 20.58
CA LYS B 131 59.41 2.08 20.50
C LYS B 131 58.56 2.29 19.25
N GLU B 132 57.48 3.06 19.43
CA GLU B 132 56.57 3.38 18.34
C GLU B 132 57.19 4.34 17.34
N ILE B 133 57.31 3.90 16.10
CA ILE B 133 57.88 4.73 15.04
C ILE B 133 56.73 5.40 14.27
N GLY B 134 56.44 4.85 13.09
CA GLY B 134 55.37 5.39 12.27
C GLY B 134 54.66 4.24 11.58
N ASN B 135 53.64 4.56 10.79
CA ASN B 135 52.87 3.56 10.07
C ASN B 135 52.60 2.29 10.87
N GLY B 136 52.35 2.47 12.16
CA GLY B 136 52.05 1.34 13.03
C GLY B 136 53.13 0.28 13.12
N CYS B 137 54.39 0.68 13.09
CA CYS B 137 55.50 -0.25 13.21
C CYS B 137 56.18 -0.03 14.56
N PHE B 138 56.67 -1.11 15.16
CA PHE B 138 57.38 -0.99 16.41
C PHE B 138 58.84 -1.35 16.16
N GLU B 139 59.75 -0.69 16.87
CA GLU B 139 61.17 -0.98 16.70
C GLU B 139 61.68 -1.60 17.99
N PHE B 140 62.09 -2.87 17.91
CA PHE B 140 62.59 -3.60 19.06
C PHE B 140 63.87 -3.03 19.65
N TYR B 141 63.96 -3.12 20.98
CA TYR B 141 65.13 -2.66 21.71
C TYR B 141 65.98 -3.91 21.96
N HIS B 142 65.33 -4.98 22.41
CA HIS B 142 66.02 -6.23 22.69
C HIS B 142 66.11 -7.17 21.49
N LYS B 143 66.16 -6.59 20.30
CA LYS B 143 66.24 -7.35 19.04
C LYS B 143 65.92 -8.84 19.19
N CYS B 144 64.72 -9.22 18.74
CA CYS B 144 64.27 -10.60 18.85
C CYS B 144 64.18 -11.36 17.52
N ASP B 145 64.31 -12.67 17.61
CA ASP B 145 64.28 -13.57 16.46
C ASP B 145 62.88 -14.03 16.02
N ASP B 146 62.88 -14.92 15.03
CA ASP B 146 61.66 -15.49 14.49
C ASP B 146 60.87 -16.26 15.54
N ALA B 147 61.58 -16.86 16.49
CA ALA B 147 60.91 -17.61 17.54
C ALA B 147 60.18 -16.63 18.47
N CYS B 148 60.67 -15.40 18.52
CA CYS B 148 60.08 -14.36 19.35
C CYS B 148 58.93 -13.65 18.63
N MET B 149 59.13 -13.37 17.34
CA MET B 149 58.09 -12.72 16.56
C MET B 149 56.80 -13.52 16.66
N GLU B 150 56.93 -14.83 16.77
CA GLU B 150 55.77 -15.70 16.87
C GLU B 150 55.10 -15.64 18.25
N SER B 151 55.74 -14.97 19.18
CA SER B 151 55.13 -14.84 20.50
C SER B 151 54.39 -13.51 20.50
N VAL B 152 54.73 -12.66 19.53
CA VAL B 152 54.09 -11.37 19.39
C VAL B 152 52.79 -11.60 18.63
N ARG B 153 52.90 -12.14 17.43
CA ARG B 153 51.71 -12.42 16.61
C ARG B 153 50.99 -13.65 17.19
N ASN B 154 50.95 -13.69 18.52
CA ASN B 154 50.31 -14.80 19.21
C ASN B 154 49.74 -14.31 20.54
N GLY B 155 50.39 -13.31 21.14
CA GLY B 155 49.90 -12.78 22.41
C GLY B 155 50.65 -13.30 23.61
N THR B 156 51.58 -14.21 23.37
CA THR B 156 52.38 -14.78 24.44
C THR B 156 53.45 -13.77 24.91
N TYR B 157 54.48 -13.55 24.10
CA TYR B 157 55.56 -12.60 24.39
C TYR B 157 56.08 -12.57 25.83
N ASP B 158 55.47 -11.73 26.66
CA ASP B 158 55.84 -11.59 28.07
C ASP B 158 57.22 -10.98 28.32
N TYR B 159 57.23 -9.75 28.84
CA TYR B 159 58.44 -9.00 29.15
C TYR B 159 58.08 -7.53 29.36
N PRO B 160 57.45 -7.21 30.52
CA PRO B 160 57.03 -5.84 30.86
C PRO B 160 58.06 -4.73 30.57
N ASP C 5 55.41 28.30 26.03
CA ASP C 5 54.79 28.05 24.70
C ASP C 5 53.90 26.80 24.69
N THR C 6 52.68 26.96 24.18
CA THR C 6 51.71 25.89 24.11
C THR C 6 50.93 25.90 22.80
N ILE C 7 50.06 24.90 22.64
CA ILE C 7 49.20 24.77 21.45
C ILE C 7 48.01 23.91 21.85
N CYS C 8 46.81 24.32 21.43
CA CYS C 8 45.63 23.54 21.78
C CYS C 8 44.79 23.12 20.57
N ILE C 9 44.10 21.99 20.70
CA ILE C 9 43.22 21.48 19.65
C ILE C 9 41.77 21.67 20.10
N GLY C 10 40.96 22.32 19.28
CA GLY C 10 39.58 22.57 19.64
C GLY C 10 38.61 22.55 18.47
N TYR C 11 37.36 22.92 18.75
CA TYR C 11 36.33 22.92 17.72
C TYR C 11 35.42 24.14 17.75
N HIS C 12 35.01 24.56 16.56
CA HIS C 12 34.14 25.70 16.38
C HIS C 12 32.95 25.73 17.33
N ALA C 13 32.32 26.90 17.45
CA ALA C 13 31.15 27.08 18.31
C ALA C 13 30.58 28.46 18.06
N ASN C 14 29.31 28.66 18.40
CA ASN C 14 28.68 29.97 18.18
C ASN C 14 27.37 30.22 18.90
N ASN C 15 26.71 31.29 18.50
CA ASN C 15 25.46 31.71 19.11
C ASN C 15 24.22 31.03 18.56
N SER C 16 24.39 30.10 17.61
CA SER C 16 23.25 29.40 17.01
C SER C 16 22.34 28.81 18.09
N THR C 17 21.03 28.86 17.86
CA THR C 17 20.05 28.34 18.82
C THR C 17 19.18 27.24 18.23
N ASP C 18 19.54 26.78 17.03
CA ASP C 18 18.81 25.71 16.35
C ASP C 18 19.01 24.38 17.09
N THR C 19 17.94 23.60 17.23
CA THR C 19 18.06 22.30 17.91
C THR C 19 17.55 21.14 17.07
N VAL C 20 18.20 19.99 17.21
CA VAL C 20 17.81 18.79 16.49
C VAL C 20 17.59 17.71 17.52
N ASP C 21 17.01 16.59 17.11
CA ASP C 21 16.78 15.49 18.04
C ASP C 21 17.59 14.29 17.60
N THR C 22 17.87 13.41 18.56
CA THR C 22 18.60 12.19 18.28
C THR C 22 17.88 11.09 19.04
N VAL C 23 18.25 9.85 18.76
CA VAL C 23 17.61 8.74 19.43
C VAL C 23 17.95 8.72 20.93
N LEU C 24 19.17 9.17 21.28
CA LEU C 24 19.61 9.17 22.67
C LEU C 24 19.26 10.42 23.47
N GLU C 25 19.07 11.55 22.80
CA GLU C 25 18.78 12.80 23.47
C GLU C 25 17.95 13.76 22.63
N LYS C 26 17.05 14.49 23.26
CA LYS C 26 16.22 15.46 22.55
C LYS C 26 16.73 16.89 22.71
N ASN C 27 16.25 17.78 21.87
CA ASN C 27 16.65 19.18 21.94
C ASN C 27 18.13 19.47 22.11
N VAL C 28 18.96 19.06 21.16
CA VAL C 28 20.39 19.33 21.26
C VAL C 28 20.72 20.50 20.35
N THR C 29 21.36 21.53 20.88
CA THR C 29 21.71 22.68 20.04
C THR C 29 22.95 22.39 19.21
N VAL C 30 22.89 22.70 17.93
CA VAL C 30 24.04 22.47 17.06
C VAL C 30 24.48 23.77 16.40
N THR C 31 25.68 23.77 15.84
CA THR C 31 26.21 24.96 15.20
C THR C 31 25.57 25.25 13.84
N HIS C 32 25.29 24.20 13.07
CA HIS C 32 24.69 24.34 11.74
C HIS C 32 23.72 23.18 11.46
N SER C 33 22.69 23.46 10.68
CA SER C 33 21.69 22.45 10.34
C SER C 33 20.84 22.95 9.18
N VAL C 34 20.07 22.03 8.58
CA VAL C 34 19.18 22.40 7.48
C VAL C 34 17.78 21.86 7.78
N ASN C 35 16.77 22.57 7.30
CA ASN C 35 15.41 22.12 7.50
C ASN C 35 15.03 21.34 6.25
N LEU C 36 14.36 20.21 6.42
CA LEU C 36 13.97 19.44 5.25
C LEU C 36 12.46 19.52 5.04
N LEU C 37 11.76 20.18 5.96
CA LEU C 37 10.31 20.27 5.90
C LEU C 37 9.68 21.61 5.48
N GLU C 38 9.07 21.65 4.30
CA GLU C 38 8.43 22.87 3.80
C GLU C 38 7.02 23.04 4.33
N ASP C 39 6.74 24.19 4.93
CA ASP C 39 5.41 24.41 5.49
C ASP C 39 4.79 25.76 5.16
N SER C 40 5.30 26.41 4.13
CA SER C 40 4.80 27.71 3.73
C SER C 40 4.25 27.72 2.34
N HIS C 41 3.18 28.48 2.12
CA HIS C 41 2.60 28.54 0.79
C HIS C 41 2.05 29.89 0.35
N ASN C 42 1.73 29.91 -0.93
CA ASN C 42 1.21 31.01 -1.71
C ASN C 42 -0.13 31.59 -1.27
N GLY C 43 -1.06 30.69 -0.94
CA GLY C 43 -2.38 31.10 -0.53
C GLY C 43 -3.25 31.39 -1.74
N LYS C 44 -2.72 31.12 -2.93
CA LYS C 44 -3.47 31.40 -4.16
C LYS C 44 -3.42 30.30 -5.22
N LEU C 45 -4.48 30.19 -6.03
CA LEU C 45 -4.53 29.19 -7.09
C LEU C 45 -3.86 29.81 -8.30
N CYS C 46 -2.71 29.28 -8.67
CA CYS C 46 -1.93 29.82 -9.78
C CYS C 46 -1.95 29.05 -11.08
N LYS C 47 -1.14 29.52 -12.02
CA LYS C 47 -1.01 28.93 -13.34
C LYS C 47 0.10 27.91 -13.31
N LEU C 48 -0.04 26.88 -14.13
CA LEU C 48 0.96 25.83 -14.23
C LEU C 48 1.45 25.82 -15.65
N LYS C 49 2.71 26.21 -15.84
CA LYS C 49 3.29 26.26 -17.19
C LYS C 49 2.55 27.25 -18.09
N GLY C 50 2.28 28.44 -17.57
CA GLY C 50 1.61 29.45 -18.35
C GLY C 50 0.09 29.37 -18.39
N ILE C 51 -0.46 28.17 -18.57
CA ILE C 51 -1.91 28.00 -18.63
C ILE C 51 -2.57 28.20 -17.28
N ALA C 52 -3.74 28.84 -17.27
CA ALA C 52 -4.44 29.08 -16.02
C ALA C 52 -5.47 27.97 -15.78
N PRO C 53 -5.95 27.86 -14.54
CA PRO C 53 -6.93 26.83 -14.22
C PRO C 53 -8.31 27.21 -14.73
N LEU C 54 -9.27 26.31 -14.55
CA LEU C 54 -10.64 26.56 -14.99
C LEU C 54 -11.56 26.60 -13.78
N GLN C 55 -12.05 27.78 -13.41
CA GLN C 55 -12.96 27.86 -12.28
C GLN C 55 -14.35 27.49 -12.70
N LEU C 56 -15.08 26.79 -11.85
CA LEU C 56 -16.44 26.43 -12.18
C LEU C 56 -17.32 27.27 -11.26
N GLY C 57 -16.68 27.86 -10.26
CA GLY C 57 -17.40 28.70 -9.33
C GLY C 57 -18.64 28.05 -8.77
N LYS C 58 -19.79 28.59 -9.15
CA LYS C 58 -21.07 28.10 -8.66
C LYS C 58 -21.50 26.82 -9.36
N CYS C 59 -20.75 26.41 -10.37
CA CYS C 59 -21.07 25.21 -11.13
C CYS C 59 -20.22 24.00 -10.78
N ASN C 60 -20.66 22.82 -11.21
CA ASN C 60 -19.90 21.60 -10.98
C ASN C 60 -19.66 20.93 -12.33
N ILE C 61 -18.88 19.85 -12.37
CA ILE C 61 -18.60 19.17 -13.64
C ILE C 61 -19.86 18.91 -14.43
N ALA C 62 -20.92 18.43 -13.76
CA ALA C 62 -22.19 18.14 -14.43
C ALA C 62 -22.76 19.38 -15.10
N GLY C 63 -22.90 20.46 -14.34
CA GLY C 63 -23.42 21.69 -14.92
C GLY C 63 -22.65 22.11 -16.14
N TRP C 64 -21.35 22.29 -15.98
CA TRP C 64 -20.45 22.70 -17.05
C TRP C 64 -20.65 21.92 -18.34
N LEU C 65 -20.44 20.61 -18.30
CA LEU C 65 -20.59 19.78 -19.48
C LEU C 65 -22.00 19.75 -20.07
N LEU C 66 -23.01 19.62 -19.20
CA LEU C 66 -24.40 19.59 -19.66
C LEU C 66 -24.84 20.92 -20.26
N GLY C 67 -24.31 22.01 -19.73
CA GLY C 67 -24.68 23.31 -20.24
C GLY C 67 -25.73 24.02 -19.40
N ASN C 68 -25.83 23.65 -18.13
CA ASN C 68 -26.80 24.29 -17.24
C ASN C 68 -26.75 25.80 -17.47
N PRO C 69 -27.92 26.46 -17.47
CA PRO C 69 -28.10 27.89 -17.68
C PRO C 69 -27.13 28.84 -16.95
N GLU C 70 -27.05 28.68 -15.64
CA GLU C 70 -26.18 29.51 -14.81
C GLU C 70 -24.68 29.42 -15.13
N CYS C 71 -24.29 28.42 -15.90
CA CYS C 71 -22.86 28.24 -16.23
C CYS C 71 -22.52 28.71 -17.62
N ASP C 72 -23.00 29.89 -18.00
CA ASP C 72 -22.73 30.41 -19.33
C ASP C 72 -21.30 30.95 -19.45
N LEU C 73 -20.75 31.38 -18.32
CA LEU C 73 -19.39 31.90 -18.31
C LEU C 73 -18.42 30.89 -18.90
N LEU C 74 -18.61 29.63 -18.50
CA LEU C 74 -17.74 28.54 -18.93
C LEU C 74 -17.84 28.19 -20.41
N LEU C 75 -18.94 28.59 -21.05
CA LEU C 75 -19.18 28.29 -22.47
C LEU C 75 -18.00 28.55 -23.41
N THR C 76 -17.24 29.61 -23.12
CA THR C 76 -16.10 30.00 -23.96
C THR C 76 -14.78 29.24 -23.71
N ALA C 77 -14.66 28.59 -22.56
CA ALA C 77 -13.44 27.87 -22.21
C ALA C 77 -13.09 26.71 -23.14
N SER C 78 -11.80 26.46 -23.31
CA SER C 78 -11.34 25.38 -24.18
C SER C 78 -10.07 24.67 -23.68
N SER C 79 -9.27 25.36 -22.85
CA SER C 79 -8.06 24.75 -22.30
C SER C 79 -7.81 25.24 -20.88
N TRP C 80 -7.22 24.35 -20.06
CA TRP C 80 -6.91 24.65 -18.66
C TRP C 80 -5.77 23.74 -18.20
N SER C 81 -5.23 24.04 -17.01
CA SER C 81 -4.14 23.24 -16.44
C SER C 81 -4.70 22.30 -15.37
N TYR C 82 -5.88 22.64 -14.84
CA TYR C 82 -6.56 21.85 -13.83
C TYR C 82 -7.93 22.46 -13.52
N ILE C 83 -8.92 21.62 -13.30
CA ILE C 83 -10.28 22.07 -13.01
C ILE C 83 -10.51 22.36 -11.52
N VAL C 84 -11.26 23.41 -11.21
CA VAL C 84 -11.49 23.80 -9.83
C VAL C 84 -12.93 23.96 -9.38
N GLU C 85 -13.39 23.13 -8.44
CA GLU C 85 -14.75 23.25 -7.89
C GLU C 85 -14.62 23.94 -6.55
N THR C 86 -15.71 24.50 -6.05
CA THR C 86 -15.68 25.20 -4.77
C THR C 86 -16.74 24.67 -3.80
N SER C 87 -16.87 25.33 -2.66
CA SER C 87 -17.84 24.93 -1.64
C SER C 87 -19.29 25.18 -2.06
N ASN C 88 -19.46 25.95 -3.12
CA ASN C 88 -20.79 26.26 -3.61
C ASN C 88 -20.92 25.91 -5.09
N SER C 89 -20.43 24.73 -5.44
CA SER C 89 -20.51 24.25 -6.82
C SER C 89 -21.70 23.31 -6.88
N GLU C 90 -22.89 23.89 -6.78
CA GLU C 90 -24.13 23.11 -6.79
C GLU C 90 -24.98 23.27 -8.03
N ASN C 91 -24.50 24.04 -9.00
CA ASN C 91 -25.27 24.24 -10.22
C ASN C 91 -24.89 23.21 -11.25
N GLY C 92 -25.67 22.14 -11.32
CA GLY C 92 -25.39 21.08 -12.28
C GLY C 92 -26.68 20.59 -12.92
N THR C 93 -27.17 19.46 -12.43
CA THR C 93 -28.40 18.88 -12.94
C THR C 93 -29.58 19.65 -12.36
N CYS C 94 -30.08 20.62 -13.12
CA CYS C 94 -31.21 21.44 -12.67
C CYS C 94 -32.53 20.68 -12.70
N TYR C 95 -32.73 19.81 -13.69
CA TYR C 95 -33.94 19.01 -13.76
C TYR C 95 -33.60 17.67 -13.10
N PRO C 96 -34.25 17.35 -11.98
CA PRO C 96 -34.03 16.11 -11.23
C PRO C 96 -33.83 14.86 -12.07
N GLY C 97 -32.96 13.97 -11.60
CA GLY C 97 -32.69 12.73 -12.30
C GLY C 97 -31.37 12.11 -11.87
N ASP C 98 -30.85 11.21 -12.69
CA ASP C 98 -29.58 10.55 -12.40
C ASP C 98 -28.55 10.72 -13.50
N PHE C 99 -27.29 10.76 -13.09
CA PHE C 99 -26.19 10.92 -14.05
C PHE C 99 -25.38 9.63 -13.97
N ILE C 100 -25.78 8.66 -14.80
CA ILE C 100 -25.13 7.36 -14.85
C ILE C 100 -23.62 7.44 -15.04
N ASP C 101 -22.90 6.72 -14.19
CA ASP C 101 -21.45 6.67 -14.23
C ASP C 101 -20.82 8.08 -14.19
N TYR C 102 -21.34 8.93 -13.30
CA TYR C 102 -20.84 10.30 -13.17
C TYR C 102 -19.38 10.36 -12.68
N GLU C 103 -19.09 9.60 -11.63
CA GLU C 103 -17.73 9.54 -11.08
C GLU C 103 -16.73 9.09 -12.14
N GLU C 104 -17.09 8.11 -12.95
CA GLU C 104 -16.18 7.65 -13.98
C GLU C 104 -15.95 8.74 -15.01
N LEU C 105 -16.94 9.60 -15.21
CA LEU C 105 -16.78 10.69 -16.18
C LEU C 105 -15.74 11.67 -15.65
N ARG C 106 -15.85 11.98 -14.36
CA ARG C 106 -14.92 12.87 -13.72
C ARG C 106 -13.50 12.31 -13.83
N GLU C 107 -13.36 11.02 -13.58
CA GLU C 107 -12.06 10.38 -13.66
C GLU C 107 -11.49 10.56 -15.06
N GLN C 108 -12.36 10.46 -16.06
CA GLN C 108 -11.94 10.63 -17.45
C GLN C 108 -11.44 12.06 -17.66
N LEU C 109 -12.23 13.03 -17.21
CA LEU C 109 -11.88 14.44 -17.35
C LEU C 109 -10.54 14.79 -16.72
N SER C 110 -10.14 14.03 -15.72
CA SER C 110 -8.88 14.30 -15.05
C SER C 110 -7.65 14.18 -15.95
N SER C 111 -7.81 13.57 -17.11
CA SER C 111 -6.68 13.43 -18.04
C SER C 111 -6.97 14.15 -19.36
N VAL C 112 -7.84 15.16 -19.28
CA VAL C 112 -8.18 15.96 -20.44
C VAL C 112 -7.65 17.36 -20.19
N SER C 113 -6.84 17.86 -21.11
CA SER C 113 -6.24 19.19 -20.96
C SER C 113 -6.94 20.27 -21.78
N SER C 114 -7.67 19.85 -22.80
CA SER C 114 -8.39 20.78 -23.67
C SER C 114 -9.29 20.04 -24.64
N PHE C 115 -10.30 20.73 -25.14
CA PHE C 115 -11.22 20.14 -26.11
C PHE C 115 -11.76 21.17 -27.08
N GLU C 116 -12.53 20.69 -28.06
CA GLU C 116 -13.16 21.55 -29.05
C GLU C 116 -14.65 21.26 -29.05
N LYS C 117 -15.43 22.23 -28.56
CA LYS C 117 -16.89 22.13 -28.49
C LYS C 117 -17.46 22.33 -29.89
N PHE C 118 -18.41 21.50 -30.29
CA PHE C 118 -18.99 21.64 -31.62
C PHE C 118 -20.40 21.09 -31.68
N GLU C 119 -21.29 21.85 -32.32
CA GLU C 119 -22.68 21.46 -32.48
C GLU C 119 -22.72 20.19 -33.33
N ILE C 120 -22.88 19.04 -32.68
CA ILE C 120 -22.92 17.76 -33.39
C ILE C 120 -24.22 17.56 -34.18
N PHE C 121 -25.33 18.00 -33.60
CA PHE C 121 -26.64 17.89 -34.24
C PHE C 121 -27.35 19.25 -34.21
N PRO C 122 -27.09 20.11 -35.21
CA PRO C 122 -27.68 21.45 -35.33
C PRO C 122 -29.17 21.49 -35.03
N LYS C 123 -29.56 22.36 -34.09
CA LYS C 123 -30.97 22.48 -33.68
C LYS C 123 -31.93 22.64 -34.86
N THR C 124 -31.65 23.63 -35.70
CA THR C 124 -32.48 23.90 -36.87
C THR C 124 -31.79 23.31 -38.08
N SER C 125 -32.04 22.03 -38.35
CA SER C 125 -31.44 21.34 -39.49
C SER C 125 -31.61 19.83 -39.37
N SER C 126 -31.11 19.29 -38.28
CA SER C 126 -31.16 17.86 -38.06
C SER C 126 -32.50 17.39 -37.52
N TRP C 127 -33.42 18.33 -37.29
CA TRP C 127 -34.69 17.90 -36.72
C TRP C 127 -36.04 18.30 -37.36
N PRO C 128 -36.25 17.90 -38.62
CA PRO C 128 -37.53 18.25 -39.25
C PRO C 128 -38.49 17.15 -38.78
N ASN C 129 -39.77 17.23 -39.16
CA ASN C 129 -40.75 16.22 -38.74
C ASN C 129 -40.92 16.22 -37.22
N HIS C 130 -39.93 16.76 -36.53
CA HIS C 130 -39.93 16.86 -35.08
C HIS C 130 -39.80 18.32 -34.70
N GLU C 131 -40.44 18.70 -33.61
CA GLU C 131 -40.39 20.08 -33.21
C GLU C 131 -39.33 20.41 -32.17
N THR C 132 -38.40 21.25 -32.58
CA THR C 132 -37.27 21.69 -31.77
C THR C 132 -37.65 22.62 -30.59
N THR C 133 -38.15 23.81 -30.89
CA THR C 133 -38.51 24.75 -29.83
C THR C 133 -39.62 24.22 -28.93
N LYS C 134 -39.78 24.88 -27.78
CA LYS C 134 -40.79 24.52 -26.79
C LYS C 134 -40.39 23.32 -25.94
N GLY C 135 -39.10 23.24 -25.62
CA GLY C 135 -38.61 22.15 -24.79
C GLY C 135 -37.90 22.74 -23.59
N VAL C 136 -38.67 23.43 -22.75
CA VAL C 136 -38.10 24.09 -21.57
C VAL C 136 -38.93 23.82 -20.32
N THR C 137 -38.35 24.11 -19.16
CA THR C 137 -39.03 23.92 -17.89
C THR C 137 -38.59 24.99 -16.89
N ALA C 138 -39.34 25.11 -15.80
CA ALA C 138 -39.05 26.10 -14.77
C ALA C 138 -37.91 25.62 -13.90
N ALA C 139 -37.69 24.31 -13.86
CA ALA C 139 -36.62 23.70 -13.08
C ALA C 139 -35.27 24.30 -13.51
N CYS C 140 -35.16 24.57 -14.81
CA CYS C 140 -33.94 25.16 -15.35
C CYS C 140 -34.30 26.52 -15.93
N SER C 141 -34.74 27.44 -15.07
CA SER C 141 -35.14 28.77 -15.49
C SER C 141 -33.97 29.71 -15.75
N TYR C 142 -34.23 30.82 -16.45
CA TYR C 142 -33.21 31.81 -16.76
C TYR C 142 -33.77 33.23 -16.89
N ALA C 143 -33.17 34.17 -16.16
CA ALA C 143 -33.61 35.57 -16.17
C ALA C 143 -34.99 35.69 -15.53
N GLY C 144 -35.64 34.55 -15.29
CA GLY C 144 -36.96 34.54 -14.69
C GLY C 144 -37.90 33.60 -15.45
N ALA C 145 -37.64 33.46 -16.75
CA ALA C 145 -38.43 32.60 -17.62
C ALA C 145 -37.90 31.17 -17.56
N SER C 146 -38.60 30.24 -18.19
CA SER C 146 -38.17 28.84 -18.20
C SER C 146 -37.17 28.60 -19.34
N SER C 147 -36.28 27.63 -19.15
CA SER C 147 -35.28 27.31 -20.18
C SER C 147 -34.72 25.89 -20.04
N PHE C 148 -33.61 25.61 -20.74
CA PHE C 148 -33.00 24.30 -20.70
C PHE C 148 -31.49 24.36 -20.94
N TYR C 149 -30.84 23.19 -20.95
CA TYR C 149 -29.41 23.07 -21.16
C TYR C 149 -29.03 23.55 -22.57
N ARG C 150 -27.86 24.16 -22.69
CA ARG C 150 -27.39 24.68 -23.97
C ARG C 150 -26.74 23.64 -24.89
N ASN C 151 -26.49 22.44 -24.38
CA ASN C 151 -25.84 21.42 -25.20
C ASN C 151 -26.76 20.26 -25.51
N LEU C 152 -27.89 20.19 -24.81
CA LEU C 152 -28.88 19.14 -25.00
C LEU C 152 -30.18 19.75 -25.53
N LEU C 153 -30.84 19.05 -26.45
CA LEU C 153 -32.10 19.52 -27.05
C LEU C 153 -33.31 18.66 -26.68
N TRP C 154 -34.36 19.30 -26.16
CA TRP C 154 -35.57 18.58 -25.76
C TRP C 154 -36.59 18.48 -26.89
N LEU C 155 -36.59 17.36 -27.59
CA LEU C 155 -37.52 17.16 -28.69
C LEU C 155 -38.92 16.70 -28.26
N THR C 156 -39.94 17.45 -28.68
CA THR C 156 -41.33 17.14 -28.37
C THR C 156 -42.14 16.98 -29.65
N LYS C 157 -43.25 16.24 -29.57
CA LYS C 157 -44.13 15.98 -30.72
C LYS C 157 -44.51 17.23 -31.52
N LYS C 158 -44.42 17.13 -32.85
CA LYS C 158 -44.77 18.23 -33.75
C LYS C 158 -46.23 18.11 -34.17
N GLY C 159 -47.14 18.60 -33.32
CA GLY C 159 -48.55 18.51 -33.60
C GLY C 159 -48.98 17.05 -33.60
N SER C 160 -49.08 16.47 -32.40
CA SER C 160 -49.47 15.06 -32.22
C SER C 160 -48.87 14.10 -33.25
N SER C 161 -47.74 14.50 -33.85
CA SER C 161 -47.06 13.71 -34.87
C SER C 161 -45.59 13.48 -34.52
N TYR C 162 -45.31 12.44 -33.73
CA TYR C 162 -43.94 12.12 -33.35
C TYR C 162 -43.47 10.88 -34.10
N PRO C 163 -42.99 11.06 -35.34
CA PRO C 163 -42.50 9.96 -36.16
C PRO C 163 -41.26 9.31 -35.54
N LYS C 164 -40.88 8.14 -36.06
CA LYS C 164 -39.71 7.44 -35.56
C LYS C 164 -38.44 8.06 -36.14
N LEU C 165 -37.72 8.83 -35.32
CA LEU C 165 -36.50 9.49 -35.77
C LEU C 165 -35.29 8.57 -35.68
N SER C 166 -34.32 8.84 -36.54
CA SER C 166 -33.08 8.07 -36.58
C SER C 166 -32.00 8.98 -37.14
N LYS C 167 -31.12 9.46 -36.27
CA LYS C 167 -30.03 10.35 -36.67
C LYS C 167 -28.69 9.68 -36.33
N SER C 168 -27.64 10.04 -37.06
CA SER C 168 -26.32 9.47 -36.83
C SER C 168 -25.20 10.48 -36.99
N TYR C 169 -24.03 10.13 -36.46
CA TYR C 169 -22.84 10.98 -36.54
C TYR C 169 -21.60 10.13 -36.69
N VAL C 170 -20.66 10.62 -37.49
CA VAL C 170 -19.40 9.92 -37.70
C VAL C 170 -18.27 10.75 -37.12
N ASN C 171 -17.42 10.10 -36.32
CA ASN C 171 -16.31 10.79 -35.70
C ASN C 171 -15.14 11.02 -36.65
N ASN C 172 -15.11 12.21 -37.24
CA ASN C 172 -14.05 12.60 -38.16
C ASN C 172 -13.33 13.79 -37.54
N LYS C 173 -12.61 13.53 -36.45
CA LYS C 173 -11.89 14.59 -35.74
C LYS C 173 -10.47 14.15 -35.42
N GLY C 174 -10.22 12.85 -35.50
CA GLY C 174 -8.90 12.32 -35.20
C GLY C 174 -8.67 12.20 -33.71
N LYS C 175 -9.67 12.62 -32.95
CA LYS C 175 -9.63 12.60 -31.49
C LYS C 175 -10.76 11.75 -30.97
N GLU C 176 -11.10 11.95 -29.70
CA GLU C 176 -12.19 11.25 -29.06
C GLU C 176 -13.33 12.27 -28.95
N VAL C 177 -14.56 11.79 -29.10
CA VAL C 177 -15.70 12.68 -28.99
C VAL C 177 -16.58 12.28 -27.82
N LEU C 178 -16.82 13.23 -26.93
CA LEU C 178 -17.66 13.01 -25.77
C LEU C 178 -19.08 13.38 -26.13
N VAL C 179 -19.95 12.38 -26.14
CA VAL C 179 -21.35 12.60 -26.47
C VAL C 179 -22.23 12.41 -25.25
N LEU C 180 -23.02 13.44 -24.94
CA LEU C 180 -23.92 13.38 -23.79
C LEU C 180 -25.36 13.48 -24.25
N TRP C 181 -26.27 12.81 -23.53
CA TRP C 181 -27.67 12.83 -23.87
C TRP C 181 -28.51 12.40 -22.68
N GLY C 182 -29.82 12.53 -22.80
CA GLY C 182 -30.71 12.16 -21.70
C GLY C 182 -31.97 11.41 -22.08
N VAL C 183 -32.69 10.94 -21.06
CA VAL C 183 -33.93 10.21 -21.26
C VAL C 183 -34.91 10.68 -20.20
N HIS C 184 -36.06 11.15 -20.66
CA HIS C 184 -37.09 11.67 -19.77
C HIS C 184 -38.10 10.62 -19.28
N HIS C 185 -38.54 10.76 -18.04
CA HIS C 185 -39.50 9.86 -17.43
C HIS C 185 -40.65 10.64 -16.81
N PRO C 186 -41.67 10.99 -17.61
CA PRO C 186 -42.84 11.74 -17.13
C PRO C 186 -43.54 11.05 -15.95
N PRO C 187 -44.22 11.83 -15.10
CA PRO C 187 -44.92 11.31 -13.91
C PRO C 187 -46.21 10.51 -14.20
N THR C 188 -47.05 11.04 -15.08
CA THR C 188 -48.32 10.38 -15.43
C THR C 188 -48.49 10.05 -16.91
N GLY C 189 -49.13 8.92 -17.18
CA GLY C 189 -49.36 8.48 -18.55
C GLY C 189 -49.95 9.57 -19.42
N THR C 190 -50.68 10.49 -18.78
CA THR C 190 -51.31 11.60 -19.48
C THR C 190 -50.25 12.49 -20.14
N ASP C 191 -49.21 12.80 -19.39
CA ASP C 191 -48.13 13.64 -19.87
C ASP C 191 -47.34 13.01 -21.01
N GLN C 192 -47.18 11.69 -20.97
CA GLN C 192 -46.47 10.99 -22.01
C GLN C 192 -47.13 11.36 -23.34
N GLN C 193 -48.46 11.37 -23.31
CA GLN C 193 -49.29 11.70 -24.47
C GLN C 193 -48.97 13.10 -24.98
N SER C 194 -49.20 14.08 -24.11
CA SER C 194 -48.99 15.48 -24.41
C SER C 194 -47.56 15.89 -24.80
N LEU C 195 -46.59 15.00 -24.59
CA LEU C 195 -45.21 15.33 -24.92
C LEU C 195 -44.67 14.69 -26.19
N TYR C 196 -44.79 13.37 -26.27
CA TYR C 196 -44.29 12.63 -27.43
C TYR C 196 -45.37 11.82 -28.13
N GLN C 197 -46.63 12.04 -27.73
CA GLN C 197 -47.77 11.31 -28.30
C GLN C 197 -47.73 9.84 -27.91
N ASN C 198 -47.18 9.03 -28.80
CA ASN C 198 -47.06 7.58 -28.59
C ASN C 198 -47.01 7.21 -27.11
N ALA C 199 -47.95 6.36 -26.69
CA ALA C 199 -48.03 5.92 -25.30
C ALA C 199 -46.83 5.11 -24.87
N ASP C 200 -46.35 4.23 -25.75
CA ASP C 200 -45.20 3.40 -25.44
C ASP C 200 -44.07 3.58 -26.45
N ALA C 201 -43.22 4.57 -26.20
CA ALA C 201 -42.09 4.87 -27.08
C ALA C 201 -40.81 4.26 -26.52
N TYR C 202 -39.69 4.49 -27.19
CA TYR C 202 -38.41 3.96 -26.73
C TYR C 202 -37.23 4.75 -27.31
N VAL C 203 -36.06 4.59 -26.69
CA VAL C 203 -34.86 5.26 -27.16
C VAL C 203 -33.76 4.22 -27.29
N SER C 204 -32.97 4.30 -28.34
CA SER C 204 -31.92 3.31 -28.55
C SER C 204 -30.62 3.88 -29.12
N VAL C 205 -29.59 3.95 -28.29
CA VAL C 205 -28.29 4.46 -28.71
C VAL C 205 -27.37 3.28 -29.02
N GLY C 206 -26.50 3.45 -30.01
CA GLY C 206 -25.60 2.38 -30.36
C GLY C 206 -24.43 2.78 -31.24
N SER C 207 -23.32 2.09 -31.06
CA SER C 207 -22.12 2.34 -31.83
C SER C 207 -21.39 1.01 -31.91
N SER C 208 -20.08 1.07 -32.08
CA SER C 208 -19.29 -0.15 -32.18
C SER C 208 -19.14 -0.85 -30.83
N LYS C 209 -18.81 -0.11 -29.79
CA LYS C 209 -18.63 -0.71 -28.48
C LYS C 209 -19.84 -0.46 -27.58
N TYR C 210 -20.62 0.58 -27.89
CA TYR C 210 -21.80 0.91 -27.09
C TYR C 210 -23.07 0.34 -27.68
N ASN C 211 -23.95 -0.11 -26.79
CA ASN C 211 -25.21 -0.70 -27.19
C ASN C 211 -26.10 -0.74 -25.96
N ARG C 212 -27.20 0.00 -25.99
CA ARG C 212 -28.13 0.03 -24.87
C ARG C 212 -29.45 0.61 -25.32
N ARG C 213 -30.54 0.12 -24.73
CA ARG C 213 -31.88 0.55 -25.08
C ARG C 213 -32.69 0.96 -23.85
N PHE C 214 -33.35 2.12 -23.92
CA PHE C 214 -34.13 2.62 -22.79
C PHE C 214 -35.63 2.69 -23.03
N THR C 215 -36.40 2.56 -21.96
CA THR C 215 -37.86 2.61 -22.02
C THR C 215 -38.38 3.43 -20.85
N PRO C 216 -39.32 4.36 -21.12
CA PRO C 216 -39.87 5.21 -20.06
C PRO C 216 -40.46 4.44 -18.88
N GLU C 217 -40.16 4.91 -17.67
CA GLU C 217 -40.67 4.28 -16.47
C GLU C 217 -41.54 5.28 -15.74
N ILE C 218 -42.73 5.51 -16.29
CA ILE C 218 -43.67 6.46 -15.71
C ILE C 218 -44.20 6.02 -14.35
N ALA C 219 -44.24 6.96 -13.41
CA ALA C 219 -44.71 6.69 -12.07
C ALA C 219 -44.94 7.96 -11.23
N ALA C 220 -45.13 7.77 -9.92
CA ALA C 220 -45.36 8.86 -8.99
C ALA C 220 -44.19 8.99 -8.02
N ARG C 221 -43.53 10.14 -8.07
CA ARG C 221 -42.39 10.41 -7.21
C ARG C 221 -42.49 11.82 -6.61
N PRO C 222 -41.96 12.00 -5.40
CA PRO C 222 -41.99 13.29 -4.71
C PRO C 222 -41.55 14.43 -5.61
N LYS C 223 -41.87 15.66 -5.23
CA LYS C 223 -41.49 16.80 -6.04
C LYS C 223 -40.12 17.34 -5.66
N VAL C 224 -39.30 17.55 -6.68
CA VAL C 224 -37.96 18.08 -6.54
C VAL C 224 -37.89 19.29 -7.46
N ARG C 225 -37.72 20.48 -6.89
CA ARG C 225 -37.70 21.70 -7.68
C ARG C 225 -39.01 21.77 -8.45
N ASP C 226 -40.09 21.36 -7.78
CA ASP C 226 -41.42 21.36 -8.36
C ASP C 226 -41.43 20.45 -9.58
N GLN C 227 -41.16 19.17 -9.36
CA GLN C 227 -41.14 18.19 -10.43
C GLN C 227 -41.28 16.79 -9.86
N ALA C 228 -42.23 16.02 -10.39
CA ALA C 228 -42.45 14.65 -9.95
C ALA C 228 -41.89 13.75 -11.04
N GLY C 229 -41.42 14.41 -12.10
CA GLY C 229 -40.82 13.71 -13.22
C GLY C 229 -39.31 13.61 -13.03
N ARG C 230 -38.66 12.81 -13.86
CA ARG C 230 -37.21 12.62 -13.76
C ARG C 230 -36.54 12.67 -15.13
N MET C 231 -35.20 12.66 -15.12
CA MET C 231 -34.43 12.70 -16.37
C MET C 231 -33.02 12.16 -16.12
N ASN C 232 -32.70 11.05 -16.77
CA ASN C 232 -31.38 10.44 -16.60
C ASN C 232 -30.43 10.86 -17.70
N TYR C 233 -29.24 11.28 -17.31
CA TYR C 233 -28.22 11.71 -18.25
C TYR C 233 -27.20 10.61 -18.52
N TYR C 234 -26.71 10.54 -19.76
CA TYR C 234 -25.75 9.52 -20.12
C TYR C 234 -24.59 10.07 -20.95
N TRP C 235 -23.55 9.27 -21.11
CA TRP C 235 -22.38 9.70 -21.90
C TRP C 235 -21.57 8.51 -22.40
N THR C 236 -20.68 8.78 -23.35
CA THR C 236 -19.80 7.76 -23.89
C THR C 236 -18.77 8.42 -24.79
N LEU C 237 -17.59 7.82 -24.87
CA LEU C 237 -16.53 8.37 -25.69
C LEU C 237 -16.54 7.67 -27.05
N LEU C 238 -16.87 8.41 -28.10
CA LEU C 238 -16.89 7.82 -29.42
C LEU C 238 -15.50 7.80 -30.03
N GLU C 239 -15.05 6.61 -30.40
CA GLU C 239 -13.72 6.43 -30.99
C GLU C 239 -13.59 6.98 -32.40
N PRO C 240 -12.35 7.23 -32.82
CA PRO C 240 -12.05 7.76 -34.16
C PRO C 240 -12.50 6.81 -35.25
N GLY C 241 -13.44 7.26 -36.06
CA GLY C 241 -13.93 6.44 -37.14
C GLY C 241 -15.32 5.87 -36.88
N ASP C 242 -15.50 5.31 -35.69
CA ASP C 242 -16.79 4.73 -35.30
C ASP C 242 -17.95 5.71 -35.50
N THR C 243 -19.15 5.17 -35.45
CA THR C 243 -20.36 5.97 -35.63
C THR C 243 -21.35 5.68 -34.52
N ILE C 244 -21.91 6.74 -33.94
CA ILE C 244 -22.91 6.57 -32.89
C ILE C 244 -24.24 6.82 -33.56
N THR C 245 -25.27 6.08 -33.17
CA THR C 245 -26.58 6.22 -33.79
C THR C 245 -27.77 6.19 -32.84
N PHE C 246 -28.42 7.34 -32.69
CA PHE C 246 -29.60 7.42 -31.83
C PHE C 246 -30.84 7.07 -32.65
N GLU C 247 -31.81 6.43 -32.01
CA GLU C 247 -33.05 6.06 -32.66
C GLU C 247 -34.10 6.02 -31.58
N ALA C 248 -34.96 7.03 -31.56
CA ALA C 248 -36.01 7.10 -30.55
C ALA C 248 -37.38 7.41 -31.14
N THR C 249 -38.40 7.27 -30.29
CA THR C 249 -39.79 7.53 -30.65
C THR C 249 -40.43 8.32 -29.52
N GLY C 250 -39.63 9.16 -28.88
CA GLY C 250 -40.11 9.98 -27.77
C GLY C 250 -39.27 9.81 -26.52
N ASN C 251 -39.18 10.88 -25.74
CA ASN C 251 -38.42 10.87 -24.48
C ASN C 251 -36.91 11.08 -24.65
N LEU C 252 -36.45 11.25 -25.88
CA LEU C 252 -35.03 11.44 -26.12
C LEU C 252 -34.53 12.88 -26.02
N ILE C 253 -33.85 13.22 -24.93
CA ILE C 253 -33.28 14.56 -24.81
C ILE C 253 -32.04 14.40 -25.68
N ALA C 254 -32.08 14.99 -26.88
CA ALA C 254 -30.99 14.83 -27.83
C ALA C 254 -29.73 15.65 -27.69
N PRO C 255 -28.63 15.11 -28.22
CA PRO C 255 -27.30 15.71 -28.21
C PRO C 255 -27.28 16.92 -29.14
N TRP C 256 -26.95 18.09 -28.63
CA TRP C 256 -26.88 19.27 -29.47
C TRP C 256 -25.39 19.66 -29.68
N TYR C 257 -24.61 19.63 -28.61
CA TYR C 257 -23.18 19.93 -28.70
C TYR C 257 -22.32 18.83 -28.08
N ALA C 258 -21.17 18.57 -28.69
CA ALA C 258 -20.26 17.53 -28.21
C ALA C 258 -18.83 18.08 -28.12
N PHE C 259 -17.91 17.30 -27.57
CA PHE C 259 -16.55 17.76 -27.42
C PHE C 259 -15.50 16.79 -27.94
N ALA C 260 -14.50 17.33 -28.63
CA ALA C 260 -13.39 16.54 -29.15
C ALA C 260 -12.31 16.71 -28.08
N LEU C 261 -11.90 15.61 -27.46
CA LEU C 261 -10.95 15.68 -26.37
C LEU C 261 -9.45 15.52 -26.63
N ASN C 262 -8.66 16.34 -25.95
CA ASN C 262 -7.21 16.33 -26.03
C ASN C 262 -6.67 15.78 -24.73
N ARG C 263 -6.10 14.58 -24.79
CA ARG C 263 -5.56 13.97 -23.59
C ARG C 263 -4.20 14.52 -23.18
N GLY C 264 -4.13 15.08 -21.98
CA GLY C 264 -2.89 15.59 -21.45
C GLY C 264 -2.68 14.86 -20.14
N SER C 265 -1.47 14.84 -19.60
CA SER C 265 -1.26 14.16 -18.32
C SER C 265 -0.91 15.13 -17.20
N GLY C 266 -0.97 14.65 -15.97
CA GLY C 266 -0.64 15.49 -14.82
C GLY C 266 -1.62 16.61 -14.53
N SER C 267 -2.88 16.40 -14.89
CA SER C 267 -3.92 17.40 -14.65
C SER C 267 -4.89 16.73 -13.69
N GLY C 268 -5.93 17.45 -13.29
CA GLY C 268 -6.88 16.86 -12.38
C GLY C 268 -7.88 17.85 -11.85
N ILE C 269 -8.82 17.34 -11.07
CA ILE C 269 -9.87 18.15 -10.46
C ILE C 269 -9.60 18.36 -8.97
N ILE C 270 -9.81 19.57 -8.47
CA ILE C 270 -9.58 19.83 -7.04
C ILE C 270 -10.68 20.71 -6.46
N THR C 271 -10.85 20.66 -5.14
CA THR C 271 -11.85 21.50 -4.50
C THR C 271 -11.11 22.51 -3.62
N SER C 272 -11.32 23.79 -3.92
CA SER C 272 -10.67 24.87 -3.18
C SER C 272 -11.42 26.18 -3.26
N ASP C 273 -11.34 26.97 -2.20
CA ASP C 273 -11.99 28.27 -2.19
C ASP C 273 -10.92 29.35 -2.16
N ALA C 274 -9.73 29.00 -2.61
CA ALA C 274 -8.64 29.97 -2.65
C ALA C 274 -8.74 30.80 -3.92
N PRO C 275 -8.45 32.09 -3.83
CA PRO C 275 -8.51 33.01 -4.97
C PRO C 275 -7.56 32.68 -6.12
N VAL C 276 -8.04 32.81 -7.34
CA VAL C 276 -7.19 32.57 -8.50
C VAL C 276 -6.48 33.86 -8.83
N HIS C 277 -5.17 33.80 -9.07
CA HIS C 277 -4.42 35.00 -9.44
C HIS C 277 -3.54 34.79 -10.64
N ASP C 278 -2.95 35.88 -11.12
CA ASP C 278 -2.05 35.80 -12.25
C ASP C 278 -0.68 35.54 -11.66
N CYS C 279 -0.47 34.30 -11.27
CA CYS C 279 0.75 33.86 -10.64
C CYS C 279 1.10 32.52 -11.29
N ASN C 280 2.39 32.27 -11.51
CA ASN C 280 2.82 31.00 -12.11
C ASN C 280 3.59 30.18 -11.08
N THR C 281 3.38 28.85 -11.07
CA THR C 281 4.05 27.96 -10.12
C THR C 281 4.40 26.59 -10.71
N LYS C 282 5.15 25.78 -9.95
CA LYS C 282 5.52 24.44 -10.41
C LYS C 282 4.78 23.43 -9.55
N CYS C 283 4.17 23.91 -8.47
CA CYS C 283 3.45 23.04 -7.57
C CYS C 283 2.23 23.72 -6.96
N GLN C 284 1.04 23.15 -7.20
CA GLN C 284 -0.18 23.72 -6.67
C GLN C 284 -0.93 22.78 -5.74
N THR C 285 -1.55 23.34 -4.71
CA THR C 285 -2.33 22.56 -3.77
C THR C 285 -3.58 23.36 -3.43
N PRO C 286 -4.62 22.70 -2.92
CA PRO C 286 -5.86 23.38 -2.57
C PRO C 286 -5.69 24.53 -1.58
N HIS C 287 -4.57 24.56 -0.86
CA HIS C 287 -4.39 25.66 0.08
C HIS C 287 -3.62 26.80 -0.55
N GLY C 288 -2.93 26.52 -1.65
CA GLY C 288 -2.16 27.54 -2.33
C GLY C 288 -1.01 26.92 -3.08
N ALA C 289 -0.24 27.73 -3.80
CA ALA C 289 0.91 27.21 -4.54
C ALA C 289 2.15 27.15 -3.68
N ILE C 290 3.00 26.17 -3.94
CA ILE C 290 4.24 26.01 -3.18
C ILE C 290 5.45 26.23 -4.07
N ASN C 291 6.50 26.81 -3.49
CA ASN C 291 7.73 27.08 -4.22
C ASN C 291 8.90 26.73 -3.33
N SER C 292 9.30 25.47 -3.37
CA SER C 292 10.38 25.00 -2.52
C SER C 292 11.18 23.93 -3.23
N SER C 293 12.36 23.65 -2.69
CA SER C 293 13.20 22.62 -3.24
C SER C 293 13.45 21.62 -2.12
N LEU C 294 12.70 21.77 -1.02
CA LEU C 294 12.82 20.87 0.11
C LEU C 294 12.17 19.55 -0.27
N PRO C 295 12.64 18.44 0.32
CA PRO C 295 12.11 17.10 0.03
C PRO C 295 10.73 16.77 0.58
N PHE C 296 10.31 17.43 1.64
CA PHE C 296 8.98 17.14 2.20
C PHE C 296 8.16 18.39 2.44
N GLN C 297 6.86 18.20 2.65
CA GLN C 297 5.94 19.30 2.94
C GLN C 297 4.80 18.73 3.77
N ASN C 298 4.19 19.58 4.60
CA ASN C 298 3.08 19.13 5.44
C ASN C 298 1.92 20.09 5.25
N ILE C 299 1.75 20.55 4.00
CA ILE C 299 0.71 21.49 3.65
C ILE C 299 -0.56 20.81 3.20
N HIS C 300 -0.43 19.88 2.26
CA HIS C 300 -1.61 19.20 1.76
C HIS C 300 -1.28 17.96 0.95
N PRO C 301 -2.03 16.88 1.16
CA PRO C 301 -1.77 15.66 0.40
C PRO C 301 -2.14 15.79 -1.07
N VAL C 302 -3.13 16.64 -1.38
CA VAL C 302 -3.54 16.84 -2.77
C VAL C 302 -2.52 17.73 -3.47
N THR C 303 -2.04 17.27 -4.61
CA THR C 303 -1.00 17.98 -5.34
C THR C 303 -1.14 17.96 -6.86
N ILE C 304 -0.66 19.02 -7.50
CA ILE C 304 -0.66 19.13 -8.96
C ILE C 304 0.66 19.77 -9.38
N GLY C 305 1.42 19.07 -10.22
CA GLY C 305 2.70 19.60 -10.66
C GLY C 305 3.85 18.75 -10.14
N GLU C 306 4.90 19.38 -9.63
CA GLU C 306 6.04 18.66 -9.06
C GLU C 306 6.22 19.19 -7.65
N CYS C 307 5.82 18.42 -6.65
CA CYS C 307 5.90 18.89 -5.28
C CYS C 307 6.73 18.04 -4.36
N PRO C 308 6.87 18.49 -3.11
CA PRO C 308 7.63 17.74 -2.11
C PRO C 308 6.71 16.59 -1.66
N LYS C 309 7.26 15.60 -0.96
CA LYS C 309 6.45 14.48 -0.49
C LYS C 309 5.62 14.90 0.72
N TYR C 310 4.31 14.68 0.65
CA TYR C 310 3.44 15.03 1.77
C TYR C 310 3.75 14.14 2.96
N VAL C 311 3.75 14.72 4.15
CA VAL C 311 4.08 13.96 5.34
C VAL C 311 3.38 14.58 6.56
N ARG C 312 3.14 13.80 7.61
CA ARG C 312 2.46 14.35 8.79
C ARG C 312 3.37 15.03 9.78
N SER C 313 4.67 14.92 9.56
CA SER C 313 5.62 15.53 10.48
C SER C 313 5.39 17.01 10.77
N THR C 314 5.82 17.42 11.95
CA THR C 314 5.73 18.80 12.40
C THR C 314 7.10 19.44 12.25
N LYS C 315 8.14 18.64 12.48
CA LYS C 315 9.50 19.12 12.39
C LYS C 315 10.46 18.08 11.82
N LEU C 316 11.35 18.51 10.93
CA LEU C 316 12.36 17.64 10.33
C LEU C 316 13.64 18.41 10.12
N ARG C 317 14.44 18.54 11.17
CA ARG C 317 15.70 19.26 11.05
C ARG C 317 16.87 18.31 11.15
N MET C 318 17.76 18.39 10.18
CA MET C 318 18.91 17.52 10.14
C MET C 318 20.19 18.28 10.49
N ALA C 319 20.92 17.78 11.49
CA ALA C 319 22.17 18.41 11.90
C ALA C 319 23.24 18.31 10.82
N THR C 320 24.12 19.30 10.76
CA THR C 320 25.21 19.32 9.81
C THR C 320 26.47 19.69 10.58
N GLY C 321 26.34 20.69 11.45
CA GLY C 321 27.45 21.12 12.27
C GLY C 321 27.58 20.21 13.48
N LEU C 322 28.25 20.69 14.53
CA LEU C 322 28.44 19.87 15.72
C LEU C 322 27.70 20.44 16.91
N ARG C 323 27.76 19.71 18.02
CA ARG C 323 27.13 20.11 19.26
C ARG C 323 27.71 21.48 19.61
N ASN C 324 26.82 22.47 19.76
CA ASN C 324 27.24 23.84 20.03
C ASN C 324 27.41 24.13 21.51
N ILE C 325 28.68 24.23 21.94
CA ILE C 325 29.00 24.53 23.33
C ILE C 325 29.73 25.86 23.45
N PRO C 326 28.96 26.96 23.61
CA PRO C 326 29.47 28.33 23.75
C PRO C 326 30.44 28.49 24.91
N ALA C 327 30.03 27.98 26.08
CA ALA C 327 30.84 28.05 27.30
C ALA C 327 31.49 29.42 27.50
N ARG C 328 30.81 30.46 27.00
CA ARG C 328 31.28 31.85 27.10
C ARG C 328 31.72 32.27 28.52
N GLY D 1 29.85 11.93 24.53
CA GLY D 1 30.45 11.73 23.22
C GLY D 1 30.95 10.32 23.04
N LEU D 2 30.52 9.68 21.95
CA LEU D 2 30.92 8.31 21.68
C LEU D 2 32.43 8.20 21.59
N PHE D 3 33.10 9.30 21.27
CA PHE D 3 34.55 9.26 21.16
C PHE D 3 35.29 10.02 22.26
N GLY D 4 34.53 10.43 23.27
CA GLY D 4 35.12 11.12 24.40
C GLY D 4 35.77 12.49 24.20
N ALA D 5 35.82 12.98 22.96
CA ALA D 5 36.45 14.27 22.72
C ALA D 5 35.51 15.46 22.97
N ILE D 6 34.64 15.76 22.01
CA ILE D 6 33.72 16.89 22.13
C ILE D 6 32.85 16.77 23.37
N ALA D 7 32.75 17.86 24.12
CA ALA D 7 31.97 17.89 25.37
C ALA D 7 32.47 16.76 26.25
N GLY D 8 33.75 16.43 26.07
CA GLY D 8 34.40 15.38 26.83
C GLY D 8 35.72 15.86 27.40
N PHE D 9 36.83 15.24 27.02
CA PHE D 9 38.10 15.66 27.56
C PHE D 9 38.50 17.05 27.04
N ILE D 10 37.71 17.58 26.12
CA ILE D 10 37.92 18.92 25.60
C ILE D 10 36.59 19.59 25.91
N GLU D 11 36.44 19.94 27.18
CA GLU D 11 35.24 20.55 27.73
C GLU D 11 34.31 21.44 26.90
N GLY D 12 34.85 22.40 26.15
CA GLY D 12 33.97 23.25 25.38
C GLY D 12 34.51 23.73 24.05
N GLY D 13 33.71 24.56 23.36
CA GLY D 13 34.13 25.06 22.07
C GLY D 13 34.62 26.50 22.06
N TRP D 14 35.37 26.84 21.01
CA TRP D 14 35.90 28.20 20.87
C TRP D 14 35.02 29.10 20.02
N THR D 15 34.24 29.97 20.66
CA THR D 15 33.37 30.88 19.93
C THR D 15 34.25 31.75 19.04
N GLY D 16 35.55 31.76 19.34
CA GLY D 16 36.49 32.53 18.57
C GLY D 16 36.76 32.00 17.17
N MET D 17 37.37 30.82 17.08
CA MET D 17 37.70 30.20 15.79
C MET D 17 36.50 30.20 14.84
N ILE D 18 36.66 30.82 13.67
CA ILE D 18 35.57 30.89 12.70
C ILE D 18 35.99 30.55 11.26
N ASP D 19 37.04 29.74 11.13
CA ASP D 19 37.54 29.34 9.82
C ASP D 19 37.06 27.93 9.46
N GLY D 20 36.57 27.22 10.47
CA GLY D 20 36.10 25.87 10.25
C GLY D 20 35.57 25.27 11.53
N TRP D 21 35.45 23.96 11.55
CA TRP D 21 34.92 23.28 12.73
C TRP D 21 36.03 22.85 13.67
N TYR D 22 37.17 22.43 13.13
CA TYR D 22 38.28 21.99 13.96
C TYR D 22 39.55 22.80 13.71
N GLY D 23 40.25 23.17 14.78
CA GLY D 23 41.47 23.94 14.62
C GLY D 23 42.40 23.94 15.82
N TYR D 24 43.39 24.83 15.78
CA TYR D 24 44.36 24.95 16.85
C TYR D 24 44.35 26.33 17.48
N HIS D 25 44.87 26.42 18.71
CA HIS D 25 44.93 27.70 19.41
C HIS D 25 46.31 28.34 19.21
N HIS D 26 47.30 27.89 20.00
CA HIS D 26 48.68 28.36 19.95
C HIS D 26 48.99 29.66 20.71
N GLN D 27 49.98 29.55 21.61
CA GLN D 27 50.41 30.67 22.44
C GLN D 27 51.94 30.76 22.48
N ASN D 28 52.49 31.41 21.46
CA ASN D 28 53.92 31.59 21.30
C ASN D 28 54.26 33.02 21.70
N GLU D 29 55.50 33.27 22.10
CA GLU D 29 55.94 34.61 22.49
C GLU D 29 55.29 35.70 21.65
N GLN D 30 55.54 35.61 20.35
CA GLN D 30 55.04 36.54 19.37
C GLN D 30 53.53 36.85 19.47
N GLY D 31 52.82 36.10 20.31
CA GLY D 31 51.39 36.34 20.47
C GLY D 31 50.52 35.09 20.31
N SER D 32 49.22 35.23 20.60
CA SER D 32 48.27 34.12 20.52
C SER D 32 47.48 34.10 19.20
N GLY D 33 46.37 33.37 19.21
CA GLY D 33 45.53 33.27 18.02
C GLY D 33 44.79 31.95 17.86
N TYR D 34 44.04 31.84 16.76
CA TYR D 34 43.26 30.65 16.43
C TYR D 34 43.48 30.35 14.95
N ALA D 35 43.48 29.07 14.59
CA ALA D 35 43.65 28.69 13.20
C ALA D 35 43.01 27.33 12.93
N ALA D 36 42.00 27.31 12.06
CA ALA D 36 41.30 26.08 11.73
C ALA D 36 42.11 25.22 10.76
N ASP D 37 41.99 23.90 10.88
CA ASP D 37 42.71 23.00 9.99
C ASP D 37 41.88 22.70 8.74
N GLN D 38 42.33 23.18 7.58
CA GLN D 38 41.61 22.95 6.32
C GLN D 38 41.41 21.46 6.08
N LYS D 39 42.52 20.73 6.10
CA LYS D 39 42.50 19.29 5.90
C LYS D 39 41.26 18.67 6.56
N SER D 40 41.16 18.82 7.88
CA SER D 40 40.06 18.27 8.66
C SER D 40 38.71 18.84 8.24
N THR D 41 38.53 20.13 8.51
CA THR D 41 37.30 20.82 8.21
C THR D 41 36.72 20.60 6.80
N GLN D 42 37.58 20.56 5.78
CA GLN D 42 37.08 20.35 4.42
C GLN D 42 36.52 18.95 4.23
N ASN D 43 37.17 17.96 4.81
CA ASN D 43 36.70 16.59 4.68
C ASN D 43 35.35 16.43 5.34
N ALA D 44 35.22 16.95 6.55
CA ALA D 44 33.97 16.85 7.27
C ALA D 44 32.89 17.49 6.42
N ILE D 45 33.21 18.64 5.85
CA ILE D 45 32.26 19.34 5.01
C ILE D 45 31.84 18.50 3.80
N ASP D 46 32.82 17.97 3.06
CA ASP D 46 32.50 17.15 1.90
C ASP D 46 31.59 15.97 2.28
N GLY D 47 31.91 15.33 3.40
CA GLY D 47 31.11 14.20 3.85
C GLY D 47 29.69 14.62 4.14
N ILE D 48 29.54 15.49 5.13
CA ILE D 48 28.22 15.98 5.51
C ILE D 48 27.40 16.43 4.30
N THR D 49 28.04 17.13 3.37
CA THR D 49 27.35 17.60 2.19
C THR D 49 26.85 16.41 1.39
N ASN D 50 27.70 15.40 1.25
CA ASN D 50 27.34 14.22 0.50
C ASN D 50 26.18 13.48 1.17
N LYS D 51 26.18 13.49 2.51
CA LYS D 51 25.14 12.83 3.26
C LYS D 51 23.81 13.51 2.99
N VAL D 52 23.74 14.82 3.18
CA VAL D 52 22.51 15.55 2.95
C VAL D 52 21.95 15.38 1.54
N ASN D 53 22.83 15.29 0.55
CA ASN D 53 22.37 15.12 -0.82
C ASN D 53 21.83 13.72 -1.04
N SER D 54 22.44 12.74 -0.39
CA SER D 54 22.02 11.35 -0.50
C SER D 54 20.64 11.13 0.10
N VAL D 55 20.38 11.79 1.22
CA VAL D 55 19.11 11.68 1.89
C VAL D 55 18.00 12.28 1.03
N ILE D 56 18.28 13.40 0.40
CA ILE D 56 17.28 14.04 -0.44
C ILE D 56 17.01 13.29 -1.74
N GLU D 57 18.01 12.53 -2.20
CA GLU D 57 17.89 11.76 -3.41
C GLU D 57 16.90 10.62 -3.28
N LYS D 58 16.98 9.89 -2.18
CA LYS D 58 16.10 8.74 -1.97
C LYS D 58 14.62 9.11 -1.88
N MET D 59 14.35 10.39 -1.66
CA MET D 59 12.98 10.87 -1.53
C MET D 59 12.53 11.50 -2.83
N ASN D 60 12.09 10.67 -3.79
CA ASN D 60 11.63 11.20 -5.07
C ASN D 60 10.50 12.19 -4.82
N THR D 61 10.47 13.25 -5.63
CA THR D 61 9.45 14.26 -5.51
C THR D 61 8.11 13.66 -5.91
N GLN D 62 7.04 14.19 -5.34
CA GLN D 62 5.69 13.72 -5.61
C GLN D 62 5.05 14.43 -6.79
N PHE D 63 4.44 13.67 -7.69
CA PHE D 63 3.78 14.27 -8.85
C PHE D 63 2.29 14.40 -8.58
N THR D 64 1.52 14.77 -9.60
CA THR D 64 0.08 14.96 -9.42
C THR D 64 -0.60 13.81 -8.69
N ALA D 65 -1.44 14.18 -7.73
CA ALA D 65 -2.18 13.22 -6.92
C ALA D 65 -3.48 13.85 -6.41
N VAL D 66 -4.58 13.60 -7.12
CA VAL D 66 -5.87 14.15 -6.73
C VAL D 66 -6.79 13.05 -6.20
N GLY D 67 -7.84 13.45 -5.49
CA GLY D 67 -8.78 12.47 -4.95
C GLY D 67 -9.63 11.74 -5.98
N LYS D 68 -10.51 10.88 -5.49
CA LYS D 68 -11.42 10.12 -6.34
C LYS D 68 -12.78 10.21 -5.70
N GLU D 69 -13.83 9.97 -6.46
CA GLU D 69 -15.18 10.04 -5.90
C GLU D 69 -15.92 8.71 -6.00
N PHE D 70 -16.82 8.50 -5.05
CA PHE D 70 -17.59 7.26 -4.99
C PHE D 70 -19.06 7.49 -4.65
N ASN D 71 -19.96 6.75 -5.28
CA ASN D 71 -21.40 6.91 -4.99
C ASN D 71 -21.79 6.19 -3.69
N ASN D 72 -22.98 6.45 -3.19
CA ASN D 72 -23.42 5.84 -1.94
C ASN D 72 -23.57 4.32 -1.93
N LEU D 73 -23.10 3.66 -2.98
CA LEU D 73 -23.16 2.20 -3.01
C LEU D 73 -21.78 1.63 -3.30
N GLU D 74 -20.76 2.48 -3.16
CA GLU D 74 -19.37 2.09 -3.38
C GLU D 74 -18.58 2.38 -2.10
N ARG D 75 -19.16 2.02 -0.97
CA ARG D 75 -18.53 2.28 0.32
C ARG D 75 -17.29 1.46 0.57
N ARG D 76 -17.36 0.17 0.28
CA ARG D 76 -16.23 -0.72 0.50
C ARG D 76 -15.06 -0.22 -0.33
N ILE D 77 -15.31 0.05 -1.59
CA ILE D 77 -14.28 0.53 -2.47
C ILE D 77 -13.77 1.88 -2.01
N GLU D 78 -14.66 2.74 -1.54
CA GLU D 78 -14.26 4.06 -1.04
C GLU D 78 -13.27 3.93 0.12
N ASN D 79 -13.56 3.00 1.03
CA ASN D 79 -12.71 2.79 2.19
C ASN D 79 -11.42 2.10 1.86
N LEU D 80 -11.44 1.26 0.82
CA LEU D 80 -10.24 0.55 0.41
C LEU D 80 -9.26 1.63 -0.04
N ASN D 81 -9.77 2.57 -0.84
CA ASN D 81 -8.96 3.68 -1.33
C ASN D 81 -8.45 4.50 -0.16
N LYS D 82 -9.29 4.65 0.85
CA LYS D 82 -8.95 5.42 2.04
C LYS D 82 -7.84 4.69 2.78
N LYS D 83 -7.99 3.38 2.92
CA LYS D 83 -7.00 2.58 3.63
C LYS D 83 -5.63 2.66 2.98
N VAL D 84 -5.62 2.66 1.65
CA VAL D 84 -4.39 2.73 0.91
C VAL D 84 -3.69 4.06 1.11
N ASP D 85 -4.43 5.14 0.96
CA ASP D 85 -3.84 6.45 1.11
C ASP D 85 -3.27 6.64 2.50
N ASP D 86 -4.02 6.28 3.53
CA ASP D 86 -3.53 6.45 4.89
C ASP D 86 -2.33 5.56 5.18
N GLY D 87 -2.38 4.32 4.68
CA GLY D 87 -1.28 3.41 4.89
C GLY D 87 0.06 3.92 4.36
N PHE D 88 0.07 4.39 3.12
CA PHE D 88 1.30 4.91 2.54
C PHE D 88 1.76 6.14 3.33
N LEU D 89 0.81 6.99 3.72
CA LEU D 89 1.16 8.19 4.47
C LEU D 89 1.86 7.88 5.81
N ASP D 90 1.39 6.85 6.52
CA ASP D 90 1.98 6.45 7.79
C ASP D 90 3.43 6.04 7.58
N ILE D 91 3.64 5.19 6.58
CA ILE D 91 4.97 4.68 6.28
C ILE D 91 5.97 5.76 5.89
N TRP D 92 5.59 6.66 4.99
CA TRP D 92 6.53 7.71 4.61
C TRP D 92 6.89 8.61 5.77
N THR D 93 5.89 8.92 6.60
CA THR D 93 6.12 9.77 7.75
C THR D 93 7.11 9.06 8.67
N TYR D 94 6.86 7.77 8.90
CA TYR D 94 7.74 6.99 9.75
C TYR D 94 9.14 6.98 9.17
N ASN D 95 9.29 6.68 7.89
CA ASN D 95 10.61 6.65 7.28
C ASN D 95 11.35 7.97 7.38
N ALA D 96 10.68 9.06 7.04
CA ALA D 96 11.29 10.39 7.09
C ALA D 96 11.74 10.73 8.51
N GLU D 97 10.85 10.65 9.47
CA GLU D 97 11.22 10.97 10.83
C GLU D 97 12.36 10.13 11.38
N LEU D 98 12.33 8.83 11.12
CA LEU D 98 13.37 7.94 11.62
C LEU D 98 14.72 8.17 10.99
N LEU D 99 14.77 8.34 9.67
CA LEU D 99 16.05 8.55 9.01
C LEU D 99 16.77 9.73 9.63
N VAL D 100 16.05 10.84 9.81
CA VAL D 100 16.63 12.05 10.38
C VAL D 100 17.13 11.78 11.80
N LEU D 101 16.30 11.14 12.61
CA LEU D 101 16.66 10.82 13.98
C LEU D 101 17.96 10.02 14.03
N LEU D 102 18.02 8.96 13.23
CA LEU D 102 19.18 8.10 13.23
C LEU D 102 20.40 8.76 12.66
N GLU D 103 20.25 9.48 11.57
CA GLU D 103 21.40 10.14 10.97
C GLU D 103 21.93 11.30 11.81
N ASN D 104 21.08 11.93 12.60
CA ASN D 104 21.54 13.02 13.45
C ASN D 104 22.54 12.46 14.46
N GLU D 105 22.18 11.34 15.08
CA GLU D 105 23.07 10.71 16.03
C GLU D 105 24.42 10.43 15.37
N ARG D 106 24.39 9.89 14.16
CA ARG D 106 25.59 9.56 13.41
C ARG D 106 26.44 10.77 13.08
N THR D 107 25.81 11.91 12.83
CA THR D 107 26.53 13.13 12.48
C THR D 107 27.30 13.68 13.67
N LEU D 108 26.62 13.79 14.81
CA LEU D 108 27.28 14.30 15.99
C LEU D 108 28.49 13.46 16.35
N ASP D 109 28.37 12.13 16.25
CA ASP D 109 29.49 11.24 16.55
C ASP D 109 30.62 11.37 15.53
N PHE D 110 30.25 11.70 14.30
CA PHE D 110 31.23 11.88 13.24
C PHE D 110 32.18 12.98 13.67
N HIS D 111 31.63 14.13 14.05
CA HIS D 111 32.42 15.27 14.49
C HIS D 111 33.28 14.89 15.68
N ASP D 112 32.68 14.26 16.69
CA ASP D 112 33.42 13.82 17.88
C ASP D 112 34.64 13.00 17.47
N SER D 113 34.45 12.08 16.54
CA SER D 113 35.54 11.25 16.05
C SER D 113 36.60 12.08 15.34
N ASN D 114 36.15 13.01 14.49
CA ASN D 114 37.07 13.87 13.76
C ASN D 114 37.99 14.65 14.71
N VAL D 115 37.39 15.26 15.73
CA VAL D 115 38.14 16.01 16.73
C VAL D 115 39.15 15.10 17.41
N ARG D 116 38.69 13.98 17.95
CA ARG D 116 39.60 13.06 18.61
C ARG D 116 40.77 12.63 17.71
N ASN D 117 40.50 12.39 16.43
CA ASN D 117 41.54 11.97 15.51
C ASN D 117 42.61 13.03 15.27
N LEU D 118 42.21 14.31 15.25
CA LEU D 118 43.16 15.39 15.05
C LEU D 118 44.08 15.46 16.26
N TYR D 119 43.49 15.40 17.45
CA TYR D 119 44.26 15.44 18.68
C TYR D 119 45.41 14.45 18.62
N GLU D 120 45.08 13.18 18.40
CA GLU D 120 46.08 12.13 18.35
C GLU D 120 47.01 12.19 17.13
N LYS D 121 46.71 13.07 16.18
CA LYS D 121 47.55 13.22 14.99
C LYS D 121 48.69 14.17 15.38
N VAL D 122 48.37 15.11 16.28
CA VAL D 122 49.31 16.08 16.79
C VAL D 122 50.15 15.40 17.87
N LYS D 123 49.47 14.83 18.86
CA LYS D 123 50.14 14.13 19.95
C LYS D 123 51.25 13.16 19.51
N SER D 124 51.05 12.48 18.40
CA SER D 124 52.05 11.53 17.92
C SER D 124 53.23 12.24 17.27
N GLN D 125 53.04 13.51 16.94
CA GLN D 125 54.10 14.30 16.32
C GLN D 125 55.07 14.80 17.39
N LEU D 126 54.52 15.53 18.36
CA LEU D 126 55.32 16.07 19.46
C LEU D 126 56.05 14.97 20.23
N LYS D 127 55.30 14.21 21.03
CA LYS D 127 55.86 13.12 21.84
C LYS D 127 56.53 13.65 23.11
N ASN D 128 57.85 13.69 23.09
CA ASN D 128 58.65 14.16 24.22
C ASN D 128 58.78 15.66 24.28
N ASN D 129 58.91 16.28 23.12
CA ASN D 129 59.10 17.73 23.01
C ASN D 129 58.03 18.60 23.68
N ALA D 130 57.04 17.97 24.31
CA ALA D 130 55.97 18.69 24.99
C ALA D 130 55.20 17.71 25.85
N LYS D 131 54.42 18.22 26.80
CA LYS D 131 53.65 17.36 27.68
C LYS D 131 52.15 17.66 27.67
N GLU D 132 51.36 16.59 27.74
CA GLU D 132 49.90 16.69 27.76
C GLU D 132 49.40 17.28 29.06
N ILE D 133 48.72 18.41 28.96
CA ILE D 133 48.17 19.07 30.14
C ILE D 133 46.70 18.67 30.27
N GLY D 134 45.82 19.58 29.89
CA GLY D 134 44.39 19.32 29.94
C GLY D 134 43.69 19.95 28.74
N ASN D 135 42.38 19.79 28.66
CA ASN D 135 41.61 20.34 27.56
C ASN D 135 42.31 20.23 26.21
N GLY D 136 43.00 19.10 26.01
CA GLY D 136 43.67 18.87 24.75
C GLY D 136 44.73 19.88 24.36
N CYS D 137 45.46 20.40 25.33
CA CYS D 137 46.51 21.36 25.05
C CYS D 137 47.86 20.70 25.34
N PHE D 138 48.87 21.05 24.57
CA PHE D 138 50.20 20.51 24.79
C PHE D 138 51.08 21.66 25.27
N GLU D 139 52.04 21.36 26.14
CA GLU D 139 52.95 22.38 26.63
C GLU D 139 54.34 22.05 26.12
N PHE D 140 54.87 22.93 25.27
CA PHE D 140 56.19 22.73 24.70
C PHE D 140 57.33 22.76 25.71
N TYR D 141 58.34 21.93 25.45
CA TYR D 141 59.52 21.85 26.28
C TYR D 141 60.57 22.73 25.61
N HIS D 142 60.72 22.55 24.29
CA HIS D 142 61.70 23.32 23.52
C HIS D 142 61.14 24.63 22.98
N LYS D 143 60.18 25.22 23.70
CA LYS D 143 59.56 26.48 23.32
C LYS D 143 59.81 26.90 21.87
N CYS D 144 58.80 26.74 21.04
CA CYS D 144 58.91 27.06 19.61
C CYS D 144 58.12 28.29 19.16
N ASP D 145 58.59 28.92 18.10
CA ASP D 145 57.99 30.13 17.53
C ASP D 145 56.87 29.88 16.52
N ASP D 146 56.39 30.96 15.93
CA ASP D 146 55.32 30.94 14.94
C ASP D 146 55.71 30.15 13.71
N ALA D 147 57.00 30.15 13.39
CA ALA D 147 57.48 29.41 12.24
C ALA D 147 57.38 27.90 12.54
N CYS D 148 57.44 27.57 13.82
CA CYS D 148 57.37 26.18 14.26
C CYS D 148 55.93 25.72 14.42
N MET D 149 55.08 26.59 14.97
CA MET D 149 53.68 26.27 15.16
C MET D 149 53.07 25.87 13.83
N GLU D 150 53.57 26.48 12.75
CA GLU D 150 53.07 26.17 11.42
C GLU D 150 53.56 24.82 10.90
N SER D 151 54.48 24.19 11.61
CA SER D 151 54.97 22.89 11.20
C SER D 151 54.13 21.86 11.95
N VAL D 152 53.47 22.34 13.00
CA VAL D 152 52.62 21.48 13.81
C VAL D 152 51.27 21.40 13.12
N ARG D 153 50.63 22.56 12.93
CA ARG D 153 49.35 22.60 12.23
C ARG D 153 49.56 22.38 10.74
N ASN D 154 50.47 21.44 10.44
CA ASN D 154 50.79 21.12 9.06
C ASN D 154 51.23 19.67 8.95
N GLY D 155 51.81 19.14 10.03
CA GLY D 155 52.24 17.75 10.03
C GLY D 155 53.71 17.58 9.75
N THR D 156 54.38 18.69 9.47
CA THR D 156 55.82 18.64 9.19
C THR D 156 56.61 18.42 10.48
N TYR D 157 56.69 19.45 11.32
CA TYR D 157 57.39 19.40 12.60
C TYR D 157 58.73 18.66 12.64
N ASP D 158 58.70 17.35 12.89
CA ASP D 158 59.89 16.50 12.94
C ASP D 158 60.85 16.80 14.10
N TYR D 159 60.91 15.87 15.06
CA TYR D 159 61.76 15.97 16.24
C TYR D 159 61.30 14.93 17.27
N PRO D 160 61.61 13.64 17.03
CA PRO D 160 61.22 12.53 17.92
C PRO D 160 61.45 12.78 19.42
N ASP E 5 48.78 -1.18 46.67
CA ASP E 5 47.48 -0.49 46.43
C ASP E 5 47.18 -0.36 44.94
N THR E 6 45.96 -0.76 44.56
CA THR E 6 45.53 -0.71 43.17
C THR E 6 44.07 -0.26 43.05
N ILE E 7 43.60 -0.12 41.81
CA ILE E 7 42.23 0.28 41.52
C ILE E 7 41.91 -0.22 40.12
N CYS E 8 40.72 -0.79 39.93
CA CYS E 8 40.35 -1.30 38.61
C CYS E 8 39.02 -0.74 38.08
N ILE E 9 38.92 -0.64 36.74
CA ILE E 9 37.70 -0.16 36.08
C ILE E 9 37.03 -1.35 35.41
N GLY E 10 35.75 -1.53 35.71
CA GLY E 10 35.03 -2.65 35.13
C GLY E 10 33.56 -2.38 34.87
N TYR E 11 32.83 -3.43 34.49
CA TYR E 11 31.41 -3.31 34.18
C TYR E 11 30.54 -4.42 34.73
N HIS E 12 29.32 -4.05 35.11
CA HIS E 12 28.36 -4.97 35.68
C HIS E 12 28.22 -6.29 34.90
N ALA E 13 27.61 -7.28 35.53
CA ALA E 13 27.40 -8.59 34.92
C ALA E 13 26.52 -9.40 35.84
N ASN E 14 25.85 -10.42 35.30
CA ASN E 14 24.99 -11.25 36.13
C ASN E 14 24.58 -12.60 35.54
N ASN E 15 23.59 -13.21 36.18
CA ASN E 15 23.09 -14.52 35.78
C ASN E 15 22.02 -14.50 34.69
N SER E 16 21.69 -13.31 34.20
CA SER E 16 20.66 -13.19 33.15
C SER E 16 20.97 -14.13 31.99
N THR E 17 19.91 -14.72 31.41
CA THR E 17 20.04 -15.64 30.28
C THR E 17 19.29 -15.18 29.02
N ASP E 18 18.81 -13.93 29.05
CA ASP E 18 18.10 -13.34 27.93
C ASP E 18 19.06 -13.07 26.78
N THR E 19 18.65 -13.36 25.54
CA THR E 19 19.51 -13.12 24.39
C THR E 19 18.83 -12.26 23.32
N VAL E 20 19.64 -11.44 22.66
CA VAL E 20 19.15 -10.56 21.61
C VAL E 20 19.97 -10.86 20.36
N ASP E 21 19.55 -10.34 19.21
CA ASP E 21 20.31 -10.54 17.99
C ASP E 21 20.82 -9.22 17.45
N THR E 22 21.91 -9.29 16.69
CA THR E 22 22.48 -8.09 16.09
C THR E 22 22.80 -8.46 14.66
N VAL E 23 23.12 -7.46 13.86
CA VAL E 23 23.43 -7.71 12.47
C VAL E 23 24.73 -8.53 12.33
N LEU E 24 25.69 -8.31 13.23
CA LEU E 24 26.97 -9.03 13.20
C LEU E 24 27.00 -10.38 13.92
N GLU E 25 26.13 -10.58 14.89
CA GLU E 25 26.13 -11.81 15.66
C GLU E 25 24.75 -12.16 16.21
N LYS E 26 24.43 -13.46 16.24
CA LYS E 26 23.14 -13.90 16.78
C LYS E 26 23.28 -14.44 18.21
N ASN E 27 22.15 -14.56 18.89
CA ASN E 27 22.13 -15.08 20.25
C ASN E 27 23.18 -14.54 21.21
N VAL E 28 23.15 -13.25 21.48
CA VAL E 28 24.11 -12.65 22.41
C VAL E 28 23.40 -12.43 23.75
N THR E 29 23.97 -12.92 24.83
CA THR E 29 23.34 -12.74 26.12
C THR E 29 23.66 -11.37 26.68
N VAL E 30 22.64 -10.69 27.17
CA VAL E 30 22.85 -9.36 27.73
C VAL E 30 22.38 -9.31 29.15
N THR E 31 22.78 -8.27 29.88
CA THR E 31 22.41 -8.15 31.28
C THR E 31 20.97 -7.72 31.49
N HIS E 32 20.48 -6.84 30.62
CA HIS E 32 19.10 -6.32 30.69
C HIS E 32 18.53 -6.10 29.30
N SER E 33 17.21 -6.27 29.17
CA SER E 33 16.54 -6.09 27.89
C SER E 33 15.04 -6.00 28.10
N VAL E 34 14.30 -5.61 27.06
CA VAL E 34 12.85 -5.51 27.12
C VAL E 34 12.26 -6.19 25.93
N ASN E 35 11.09 -6.76 26.09
CA ASN E 35 10.41 -7.42 24.98
C ASN E 35 9.44 -6.41 24.40
N LEU E 36 9.37 -6.32 23.08
CA LEU E 36 8.47 -5.37 22.48
C LEU E 36 7.31 -6.09 21.82
N LEU E 37 7.34 -7.42 21.86
CA LEU E 37 6.31 -8.22 21.19
C LEU E 37 5.29 -8.93 22.07
N GLU E 38 4.03 -8.50 22.02
CA GLU E 38 2.97 -9.11 22.83
C GLU E 38 2.38 -10.31 22.12
N ASP E 39 2.36 -11.44 22.80
CA ASP E 39 1.81 -12.66 22.20
C ASP E 39 0.85 -13.45 23.09
N SER E 40 0.28 -12.80 24.10
CA SER E 40 -0.64 -13.47 25.00
C SER E 40 -1.99 -12.82 25.00
N HIS E 41 -3.02 -13.63 25.17
CA HIS E 41 -4.36 -13.08 25.20
C HIS E 41 -5.35 -13.74 26.14
N ASN E 42 -6.46 -13.02 26.28
CA ASN E 42 -7.63 -13.33 27.11
C ASN E 42 -8.33 -14.65 26.82
N GLY E 43 -8.53 -14.94 25.53
CA GLY E 43 -9.21 -16.14 25.11
C GLY E 43 -10.72 -15.94 25.15
N LYS E 44 -11.16 -14.72 25.45
CA LYS E 44 -12.59 -14.42 25.56
C LYS E 44 -13.05 -13.14 24.86
N LEU E 45 -14.30 -13.12 24.41
CA LEU E 45 -14.84 -11.95 23.76
C LEU E 45 -15.40 -11.06 24.87
N CYS E 46 -14.77 -9.91 25.09
CA CYS E 46 -15.16 -9.00 26.15
C CYS E 46 -15.92 -7.75 25.77
N LYS E 47 -16.13 -6.89 26.76
CA LYS E 47 -16.85 -5.63 26.60
C LYS E 47 -15.85 -4.54 26.31
N LEU E 48 -16.29 -3.56 25.54
CA LEU E 48 -15.45 -2.43 25.19
C LEU E 48 -16.14 -1.19 25.73
N LYS E 49 -15.52 -0.56 26.72
CA LYS E 49 -16.08 0.63 27.35
C LYS E 49 -17.44 0.36 27.97
N GLY E 50 -17.53 -0.76 28.68
CA GLY E 50 -18.77 -1.09 29.36
C GLY E 50 -19.78 -1.85 28.53
N ILE E 51 -20.01 -1.41 27.30
CA ILE E 51 -20.98 -2.09 26.45
C ILE E 51 -20.50 -3.47 26.01
N ALA E 52 -21.43 -4.42 25.95
CA ALA E 52 -21.08 -5.77 25.53
C ALA E 52 -21.33 -5.95 24.04
N PRO E 53 -20.75 -7.00 23.45
CA PRO E 53 -20.93 -7.26 22.02
C PRO E 53 -22.32 -7.85 21.75
N LEU E 54 -22.64 -8.04 20.48
CA LEU E 54 -23.91 -8.60 20.07
C LEU E 54 -23.69 -9.95 19.39
N GLN E 55 -24.01 -11.04 20.05
CA GLN E 55 -23.83 -12.34 19.43
C GLN E 55 -24.98 -12.63 18.50
N LEU E 56 -24.70 -13.25 17.37
CA LEU E 56 -25.76 -13.60 16.45
C LEU E 56 -25.89 -15.11 16.51
N GLY E 57 -24.92 -15.73 17.15
CA GLY E 57 -24.92 -17.17 17.28
C GLY E 57 -25.18 -17.91 15.99
N LYS E 58 -26.34 -18.56 15.94
CA LYS E 58 -26.74 -19.34 14.78
C LYS E 58 -27.23 -18.47 13.62
N CYS E 59 -27.35 -17.17 13.87
CA CYS E 59 -27.83 -16.24 12.85
C CYS E 59 -26.72 -15.41 12.20
N ASN E 60 -27.05 -14.77 11.07
CA ASN E 60 -26.09 -13.90 10.40
C ASN E 60 -26.73 -12.54 10.24
N ILE E 61 -25.98 -11.55 9.75
CA ILE E 61 -26.55 -10.22 9.58
C ILE E 61 -27.91 -10.25 8.87
N ALA E 62 -28.01 -11.03 7.80
CA ALA E 62 -29.26 -11.13 7.03
C ALA E 62 -30.39 -11.59 7.93
N GLY E 63 -30.22 -12.73 8.60
CA GLY E 63 -31.26 -13.23 9.48
C GLY E 63 -31.71 -12.17 10.49
N TRP E 64 -30.76 -11.67 11.26
CA TRP E 64 -31.03 -10.65 12.27
C TRP E 64 -31.89 -9.49 11.78
N LEU E 65 -31.41 -8.76 10.78
CA LEU E 65 -32.16 -7.63 10.26
C LEU E 65 -33.50 -7.98 9.64
N LEU E 66 -33.55 -9.05 8.84
CA LEU E 66 -34.78 -9.48 8.20
C LEU E 66 -35.80 -9.98 9.21
N GLY E 67 -35.33 -10.58 10.29
CA GLY E 67 -36.23 -11.10 11.30
C GLY E 67 -36.50 -12.58 11.19
N ASN E 68 -35.58 -13.32 10.57
CA ASN E 68 -35.74 -14.76 10.44
C ASN E 68 -36.24 -15.33 11.77
N PRO E 69 -37.17 -16.29 11.73
CA PRO E 69 -37.78 -16.96 12.89
C PRO E 69 -36.83 -17.38 14.01
N GLU E 70 -35.82 -18.17 13.66
CA GLU E 70 -34.85 -18.66 14.63
C GLU E 70 -34.07 -17.58 15.38
N CYS E 71 -34.11 -16.34 14.89
CA CYS E 71 -33.35 -15.25 15.53
C CYS E 71 -34.22 -14.34 16.37
N ASP E 72 -35.07 -14.95 17.18
CA ASP E 72 -35.94 -14.15 18.04
C ASP E 72 -35.20 -13.56 19.22
N LEU E 73 -34.14 -14.23 19.65
CA LEU E 73 -33.33 -13.75 20.77
C LEU E 73 -32.87 -12.32 20.53
N LEU E 74 -32.41 -12.08 19.30
CA LEU E 74 -31.90 -10.79 18.93
C LEU E 74 -32.93 -9.66 18.88
N LEU E 75 -34.20 -10.03 18.77
CA LEU E 75 -35.29 -9.05 18.70
C LEU E 75 -35.22 -7.90 19.70
N THR E 76 -34.76 -8.20 20.90
CA THR E 76 -34.69 -7.21 21.98
C THR E 76 -33.46 -6.29 21.98
N ALA E 77 -32.41 -6.66 21.26
CA ALA E 77 -31.17 -5.88 21.22
C ALA E 77 -31.32 -4.48 20.61
N SER E 78 -30.53 -3.54 21.10
CA SER E 78 -30.59 -2.17 20.59
C SER E 78 -29.23 -1.47 20.54
N SER E 79 -28.28 -1.93 21.35
CA SER E 79 -26.94 -1.34 21.34
C SER E 79 -25.86 -2.40 21.57
N TRP E 80 -24.68 -2.19 20.99
CA TRP E 80 -23.57 -3.14 21.11
C TRP E 80 -22.27 -2.39 20.82
N SER E 81 -21.14 -3.05 21.12
CA SER E 81 -19.83 -2.46 20.88
C SER E 81 -19.21 -3.02 19.60
N TYR E 82 -19.69 -4.21 19.20
CA TYR E 82 -19.25 -4.86 17.98
C TYR E 82 -20.08 -6.12 17.73
N ILE E 83 -20.40 -6.39 16.47
CA ILE E 83 -21.22 -7.54 16.11
C ILE E 83 -20.38 -8.81 15.94
N VAL E 84 -20.92 -9.94 16.36
CA VAL E 84 -20.19 -11.22 16.29
C VAL E 84 -20.88 -12.40 15.60
N GLU E 85 -20.31 -12.86 14.48
CA GLU E 85 -20.86 -14.02 13.79
C GLU E 85 -19.99 -15.21 14.16
N THR E 86 -20.50 -16.43 13.95
CA THR E 86 -19.73 -17.62 14.30
C THR E 86 -19.64 -18.58 13.12
N SER E 87 -19.06 -19.75 13.37
CA SER E 87 -18.90 -20.77 12.34
C SER E 87 -20.20 -21.40 11.90
N ASN E 88 -21.25 -21.15 12.67
CA ASN E 88 -22.56 -21.69 12.37
C ASN E 88 -23.59 -20.58 12.31
N SER E 89 -23.25 -19.50 11.63
CA SER E 89 -24.15 -18.38 11.46
C SER E 89 -24.77 -18.54 10.08
N GLU E 90 -25.65 -19.53 9.95
CA GLU E 90 -26.29 -19.81 8.68
C GLU E 90 -27.80 -19.52 8.63
N ASN E 91 -28.35 -18.98 9.72
CA ASN E 91 -29.77 -18.67 9.74
C ASN E 91 -30.00 -17.24 9.27
N GLY E 92 -30.31 -17.09 7.99
CA GLY E 92 -30.56 -15.77 7.45
C GLY E 92 -31.75 -15.79 6.52
N THR E 93 -31.48 -15.84 5.22
CA THR E 93 -32.52 -15.89 4.21
C THR E 93 -33.08 -17.31 4.14
N CYS E 94 -34.18 -17.54 4.84
CA CYS E 94 -34.82 -18.87 4.87
C CYS E 94 -35.54 -19.20 3.57
N TYR E 95 -36.16 -18.21 2.94
CA TYR E 95 -36.83 -18.43 1.66
C TYR E 95 -35.84 -18.03 0.59
N PRO E 96 -35.41 -18.99 -0.22
CA PRO E 96 -34.44 -18.75 -1.31
C PRO E 96 -34.61 -17.46 -2.09
N GLY E 97 -33.48 -16.86 -2.48
CA GLY E 97 -33.50 -15.63 -3.23
C GLY E 97 -32.17 -14.90 -3.18
N ASP E 98 -32.20 -13.60 -3.49
CA ASP E 98 -30.99 -12.79 -3.48
C ASP E 98 -31.13 -11.57 -2.59
N PHE E 99 -30.02 -11.18 -1.99
CA PHE E 99 -29.98 -10.01 -1.11
C PHE E 99 -29.10 -8.98 -1.80
N ILE E 100 -29.71 -8.16 -2.65
CA ILE E 100 -29.02 -7.13 -3.41
C ILE E 100 -28.16 -6.21 -2.54
N ASP E 101 -26.90 -6.04 -2.95
CA ASP E 101 -25.95 -5.19 -2.23
C ASP E 101 -25.83 -5.57 -0.75
N TYR E 102 -25.73 -6.87 -0.47
CA TYR E 102 -25.64 -7.37 0.90
C TYR E 102 -24.34 -6.93 1.57
N GLU E 103 -23.22 -7.12 0.87
CA GLU E 103 -21.92 -6.72 1.41
C GLU E 103 -21.89 -5.24 1.75
N GLU E 104 -22.45 -4.39 0.91
CA GLU E 104 -22.47 -2.97 1.20
C GLU E 104 -23.31 -2.69 2.44
N LEU E 105 -24.31 -3.53 2.71
CA LEU E 105 -25.14 -3.31 3.88
C LEU E 105 -24.30 -3.58 5.12
N ARG E 106 -23.55 -4.67 5.07
CA ARG E 106 -22.66 -5.04 6.17
C ARG E 106 -21.67 -3.91 6.45
N GLU E 107 -21.07 -3.37 5.38
CA GLU E 107 -20.12 -2.29 5.53
C GLU E 107 -20.80 -1.12 6.23
N GLN E 108 -22.06 -0.86 5.91
CA GLN E 108 -22.79 0.22 6.55
C GLN E 108 -22.95 -0.07 8.06
N LEU E 109 -23.38 -1.28 8.36
CA LEU E 109 -23.58 -1.70 9.74
C LEU E 109 -22.30 -1.58 10.59
N SER E 110 -21.15 -1.66 9.95
CA SER E 110 -19.90 -1.56 10.70
C SER E 110 -19.69 -0.22 11.39
N SER E 111 -20.47 0.81 11.03
CA SER E 111 -20.33 2.10 11.69
C SER E 111 -21.62 2.47 12.42
N VAL E 112 -22.39 1.45 12.81
CA VAL E 112 -23.64 1.66 13.53
C VAL E 112 -23.43 1.09 14.92
N SER E 113 -23.65 1.91 15.94
CA SER E 113 -23.45 1.46 17.32
C SER E 113 -24.76 1.11 18.03
N SER E 114 -25.88 1.59 17.51
CA SER E 114 -27.18 1.34 18.11
C SER E 114 -28.31 1.89 17.22
N PHE E 115 -29.50 1.35 17.41
CA PHE E 115 -30.66 1.80 16.64
C PHE E 115 -31.95 1.66 17.43
N GLU E 116 -33.04 2.13 16.84
CA GLU E 116 -34.36 2.02 17.43
C GLU E 116 -35.29 1.34 16.44
N LYS E 117 -35.70 0.11 16.77
CA LYS E 117 -36.59 -0.67 15.92
C LYS E 117 -38.01 -0.12 16.09
N PHE E 118 -38.74 0.03 14.98
CA PHE E 118 -40.09 0.53 15.06
C PHE E 118 -40.95 0.08 13.89
N GLU E 119 -42.17 -0.35 14.21
CA GLU E 119 -43.13 -0.81 13.22
C GLU E 119 -43.47 0.38 12.30
N ILE E 120 -42.85 0.41 11.13
CA ILE E 120 -43.06 1.50 10.19
C ILE E 120 -44.45 1.43 9.53
N PHE E 121 -44.88 0.21 9.22
CA PHE E 121 -46.17 -0.03 8.59
C PHE E 121 -46.94 -1.11 9.36
N PRO E 122 -47.67 -0.70 10.42
CA PRO E 122 -48.47 -1.61 11.26
C PRO E 122 -49.27 -2.63 10.46
N LYS E 123 -49.06 -3.91 10.79
CA LYS E 123 -49.74 -5.02 10.10
C LYS E 123 -51.26 -4.84 10.00
N THR E 124 -51.90 -4.60 11.13
CA THR E 124 -53.34 -4.39 11.17
C THR E 124 -53.61 -2.89 11.28
N SER E 125 -53.65 -2.21 10.13
CA SER E 125 -53.89 -0.77 10.10
C SER E 125 -53.58 -0.19 8.73
N SER E 126 -52.35 -0.39 8.30
CA SER E 126 -51.89 0.13 7.03
C SER E 126 -52.29 -0.74 5.85
N TRP E 127 -52.97 -1.85 6.11
CA TRP E 127 -53.31 -2.74 5.00
C TRP E 127 -54.76 -3.23 4.78
N PRO E 128 -55.70 -2.29 4.60
CA PRO E 128 -57.08 -2.74 4.37
C PRO E 128 -57.12 -3.04 2.86
N ASN E 129 -58.26 -3.52 2.36
CA ASN E 129 -58.39 -3.84 0.93
C ASN E 129 -57.42 -4.96 0.54
N HIS E 130 -56.40 -5.14 1.36
CA HIS E 130 -55.40 -6.17 1.15
C HIS E 130 -55.38 -7.07 2.37
N GLU E 131 -55.14 -8.35 2.15
CA GLU E 131 -55.14 -9.29 3.25
C GLU E 131 -53.76 -9.56 3.85
N THR E 132 -53.64 -9.21 5.11
CA THR E 132 -52.42 -9.36 5.88
C THR E 132 -52.06 -10.81 6.21
N THR E 133 -52.88 -11.48 7.03
CA THR E 133 -52.60 -12.86 7.41
C THR E 133 -52.59 -13.82 6.23
N LYS E 134 -52.01 -15.00 6.47
CA LYS E 134 -51.90 -16.05 5.46
C LYS E 134 -50.75 -15.82 4.49
N GLY E 135 -49.66 -15.28 5.01
CA GLY E 135 -48.49 -15.03 4.19
C GLY E 135 -47.31 -15.75 4.81
N VAL E 136 -47.38 -17.08 4.83
CA VAL E 136 -46.31 -17.91 5.40
C VAL E 136 -45.93 -19.08 4.51
N THR E 137 -44.77 -19.68 4.81
CA THR E 137 -44.28 -20.82 4.05
C THR E 137 -43.54 -21.78 4.96
N ALA E 138 -43.30 -22.99 4.47
CA ALA E 138 -42.60 -24.02 5.22
C ALA E 138 -41.11 -23.75 5.24
N ALA E 139 -40.63 -23.02 4.23
CA ALA E 139 -39.22 -22.66 4.11
C ALA E 139 -38.77 -21.93 5.37
N CYS E 140 -39.67 -21.13 5.93
CA CYS E 140 -39.41 -20.38 7.15
C CYS E 140 -40.36 -20.85 8.22
N SER E 141 -40.25 -22.13 8.59
CA SER E 141 -41.13 -22.73 9.60
C SER E 141 -40.74 -22.37 11.03
N TYR E 142 -41.67 -22.59 11.97
CA TYR E 142 -41.45 -22.30 13.39
C TYR E 142 -42.25 -23.22 14.31
N ALA E 143 -41.55 -23.85 15.26
CA ALA E 143 -42.16 -24.76 16.20
C ALA E 143 -42.66 -26.01 15.49
N GLY E 144 -42.65 -25.96 14.15
CA GLY E 144 -43.10 -27.08 13.35
C GLY E 144 -44.05 -26.62 12.25
N ALA E 145 -44.77 -25.52 12.53
CA ALA E 145 -45.72 -24.95 11.58
C ALA E 145 -44.99 -24.01 10.63
N SER E 146 -45.69 -23.49 9.63
CA SER E 146 -45.08 -22.56 8.67
C SER E 146 -45.16 -21.14 9.20
N SER E 147 -44.22 -20.29 8.79
CA SER E 147 -44.19 -18.91 9.24
C SER E 147 -43.41 -17.98 8.30
N PHE E 148 -43.09 -16.78 8.78
CA PHE E 148 -42.35 -15.81 7.98
C PHE E 148 -41.52 -14.85 8.85
N TYR E 149 -40.84 -13.91 8.20
CA TYR E 149 -39.98 -12.92 8.87
C TYR E 149 -40.82 -12.00 9.75
N ARG E 150 -40.27 -11.59 10.88
CA ARG E 150 -40.98 -10.72 11.82
C ARG E 150 -40.96 -9.25 11.46
N ASN E 151 -40.16 -8.86 10.48
CA ASN E 151 -40.06 -7.44 10.12
C ASN E 151 -40.64 -7.15 8.73
N LEU E 152 -40.89 -8.20 7.97
CA LEU E 152 -41.44 -8.10 6.62
C LEU E 152 -42.82 -8.76 6.57
N LEU E 153 -43.75 -8.14 5.83
CA LEU E 153 -45.12 -8.65 5.72
C LEU E 153 -45.46 -9.15 4.31
N TRP E 154 -45.95 -10.38 4.21
CA TRP E 154 -46.30 -10.97 2.92
C TRP E 154 -47.76 -10.71 2.55
N LEU E 155 -48.00 -9.69 1.74
CA LEU E 155 -49.35 -9.35 1.31
C LEU E 155 -49.86 -10.18 0.14
N THR E 156 -51.02 -10.82 0.33
CA THR E 156 -51.66 -11.64 -0.69
C THR E 156 -53.07 -11.12 -0.97
N LYS E 157 -53.58 -11.42 -2.17
CA LYS E 157 -54.92 -10.99 -2.59
C LYS E 157 -56.04 -11.28 -1.59
N LYS E 158 -56.88 -10.28 -1.35
CA LYS E 158 -58.01 -10.40 -0.43
C LYS E 158 -59.25 -10.86 -1.20
N GLY E 159 -59.36 -12.17 -1.40
CA GLY E 159 -60.49 -12.71 -2.13
C GLY E 159 -60.43 -12.21 -3.57
N SER E 160 -59.53 -12.80 -4.36
CA SER E 160 -59.33 -12.43 -5.77
C SER E 160 -59.43 -10.93 -6.06
N SER E 161 -59.21 -10.12 -5.03
CA SER E 161 -59.29 -8.67 -5.15
C SER E 161 -58.00 -7.99 -4.68
N TYR E 162 -57.02 -7.87 -5.57
CA TYR E 162 -55.76 -7.21 -5.22
C TYR E 162 -55.68 -5.84 -5.85
N PRO E 163 -56.28 -4.83 -5.20
CA PRO E 163 -56.28 -3.46 -5.72
C PRO E 163 -54.86 -2.89 -5.76
N LYS E 164 -54.69 -1.76 -6.44
CA LYS E 164 -53.38 -1.11 -6.54
C LYS E 164 -53.09 -0.33 -5.26
N LEU E 165 -52.22 -0.87 -4.43
CA LEU E 165 -51.87 -0.22 -3.17
C LEU E 165 -50.78 0.84 -3.33
N SER E 166 -50.81 1.82 -2.44
CA SER E 166 -49.84 2.90 -2.46
C SER E 166 -49.73 3.44 -1.02
N LYS E 167 -48.64 3.07 -0.35
CA LYS E 167 -48.40 3.50 1.03
C LYS E 167 -47.11 4.34 1.08
N SER E 168 -47.01 5.23 2.06
CA SER E 168 -45.83 6.07 2.20
C SER E 168 -45.44 6.29 3.65
N TYR E 169 -44.20 6.74 3.84
CA TYR E 169 -43.66 7.02 5.17
C TYR E 169 -42.73 8.22 5.13
N VAL E 170 -42.79 9.04 6.17
CA VAL E 170 -41.93 10.22 6.27
C VAL E 170 -40.96 10.04 7.42
N ASN E 171 -39.69 10.28 7.14
CA ASN E 171 -38.65 10.12 8.16
C ASN E 171 -38.60 11.29 9.13
N ASN E 172 -39.28 11.12 10.26
CA ASN E 172 -39.31 12.12 11.32
C ASN E 172 -38.67 11.51 12.55
N LYS E 173 -37.35 11.30 12.49
CA LYS E 173 -36.63 10.71 13.60
C LYS E 173 -35.35 11.48 13.90
N GLY E 174 -34.94 12.31 12.94
CA GLY E 174 -33.72 13.09 13.11
C GLY E 174 -32.48 12.25 12.82
N LYS E 175 -32.70 10.97 12.51
CA LYS E 175 -31.63 10.03 12.22
C LYS E 175 -31.81 9.46 10.81
N GLU E 176 -31.21 8.31 10.56
CA GLU E 176 -31.32 7.62 9.29
C GLU E 176 -32.25 6.45 9.53
N VAL E 177 -33.05 6.11 8.54
CA VAL E 177 -33.95 4.97 8.71
C VAL E 177 -33.60 3.89 7.70
N LEU E 178 -33.37 2.69 8.20
CA LEU E 178 -33.04 1.56 7.36
C LEU E 178 -34.34 0.84 7.01
N VAL E 179 -34.71 0.87 5.72
CA VAL E 179 -35.92 0.23 5.26
C VAL E 179 -35.61 -1.00 4.41
N LEU E 180 -36.14 -2.15 4.80
CA LEU E 180 -35.91 -3.39 4.07
C LEU E 180 -37.22 -3.91 3.51
N TRP E 181 -37.16 -4.55 2.34
CA TRP E 181 -38.36 -5.10 1.72
C TRP E 181 -37.97 -6.16 0.70
N GLY E 182 -38.96 -6.87 0.17
CA GLY E 182 -38.69 -7.91 -0.81
C GLY E 182 -39.62 -7.95 -2.00
N VAL E 183 -39.29 -8.81 -2.96
CA VAL E 183 -40.08 -8.99 -4.17
C VAL E 183 -40.09 -10.47 -4.49
N HIS E 184 -41.30 -11.03 -4.60
CA HIS E 184 -41.48 -12.45 -4.87
C HIS E 184 -41.55 -12.79 -6.35
N HIS E 185 -41.01 -13.95 -6.70
CA HIS E 185 -41.01 -14.45 -8.07
C HIS E 185 -41.52 -15.90 -8.13
N PRO E 186 -42.85 -16.08 -8.20
CA PRO E 186 -43.46 -17.41 -8.26
C PRO E 186 -42.94 -18.25 -9.44
N PRO E 187 -42.96 -19.58 -9.29
CA PRO E 187 -42.47 -20.50 -10.32
C PRO E 187 -43.34 -20.62 -11.58
N THR E 188 -44.65 -20.74 -11.38
CA THR E 188 -45.59 -20.88 -12.50
C THR E 188 -46.69 -19.80 -12.56
N GLY E 189 -47.03 -19.40 -13.79
CA GLY E 189 -48.05 -18.39 -14.00
C GLY E 189 -49.31 -18.66 -13.20
N THR E 190 -49.57 -19.94 -12.94
CA THR E 190 -50.75 -20.37 -12.18
C THR E 190 -50.73 -19.77 -10.77
N ASP E 191 -49.56 -19.87 -10.12
CA ASP E 191 -49.37 -19.37 -8.77
C ASP E 191 -49.51 -17.85 -8.67
N GLN E 192 -49.07 -17.16 -9.71
CA GLN E 192 -49.16 -15.71 -9.74
C GLN E 192 -50.62 -15.35 -9.48
N GLN E 193 -51.50 -16.10 -10.16
CA GLN E 193 -52.94 -15.93 -10.06
C GLN E 193 -53.42 -16.10 -8.63
N SER E 194 -53.18 -17.29 -8.09
CA SER E 194 -53.57 -17.67 -6.74
C SER E 194 -53.00 -16.84 -5.60
N LEU E 195 -52.00 -16.01 -5.89
CA LEU E 195 -51.39 -15.19 -4.85
C LEU E 195 -51.76 -13.72 -4.86
N TYR E 196 -51.60 -13.08 -6.02
CA TYR E 196 -51.91 -11.66 -6.15
C TYR E 196 -52.94 -11.38 -7.25
N GLN E 197 -53.55 -12.44 -7.78
CA GLN E 197 -54.55 -12.33 -8.84
C GLN E 197 -53.91 -11.86 -10.14
N ASN E 198 -53.97 -10.54 -10.35
CA ASN E 198 -53.42 -9.89 -11.54
C ASN E 198 -52.25 -10.67 -12.14
N ALA E 199 -52.39 -11.07 -13.41
CA ALA E 199 -51.35 -11.84 -14.09
C ALA E 199 -50.05 -11.06 -14.25
N ASP E 200 -50.16 -9.77 -14.58
CA ASP E 200 -48.97 -8.95 -14.75
C ASP E 200 -48.98 -7.74 -13.82
N ALA E 201 -48.47 -7.93 -12.62
CA ALA E 201 -48.40 -6.88 -11.61
C ALA E 201 -46.99 -6.26 -11.60
N TYR E 202 -46.77 -5.30 -10.70
CA TYR E 202 -45.47 -4.65 -10.59
C TYR E 202 -45.28 -4.00 -9.21
N VAL E 203 -44.02 -3.69 -8.88
CA VAL E 203 -43.71 -3.06 -7.61
C VAL E 203 -42.83 -1.85 -7.91
N SER E 204 -43.06 -0.74 -7.22
CA SER E 204 -42.27 0.45 -7.46
C SER E 204 -41.94 1.27 -6.23
N VAL E 205 -40.69 1.22 -5.81
CA VAL E 205 -40.23 1.97 -4.64
C VAL E 205 -39.56 3.26 -5.08
N GLY E 206 -39.70 4.31 -4.29
CA GLY E 206 -39.09 5.55 -4.66
C GLY E 206 -39.05 6.60 -3.56
N SER E 207 -38.01 7.42 -3.62
CA SER E 207 -37.82 8.49 -2.65
C SER E 207 -37.09 9.60 -3.38
N SER E 208 -36.33 10.39 -2.64
CA SER E 208 -35.60 11.49 -3.23
C SER E 208 -34.38 11.03 -4.01
N LYS E 209 -33.60 10.13 -3.42
CA LYS E 209 -32.42 9.63 -4.09
C LYS E 209 -32.64 8.23 -4.68
N TYR E 210 -33.63 7.50 -4.15
CA TYR E 210 -33.92 6.16 -4.64
C TYR E 210 -35.05 6.14 -5.64
N ASN E 211 -34.90 5.30 -6.65
CA ASN E 211 -35.90 5.16 -7.71
C ASN E 211 -35.62 3.87 -8.44
N ARG E 212 -36.55 2.92 -8.36
CA ARG E 212 -36.39 1.63 -9.02
C ARG E 212 -37.73 0.93 -9.13
N ARG E 213 -37.91 0.17 -10.20
CA ARG E 213 -39.17 -0.53 -10.45
C ARG E 213 -38.92 -2.01 -10.77
N PHE E 214 -39.68 -2.89 -10.13
CA PHE E 214 -39.52 -4.33 -10.32
C PHE E 214 -40.71 -5.01 -11.00
N THR E 215 -40.43 -6.10 -11.70
CA THR E 215 -41.45 -6.88 -12.39
C THR E 215 -41.18 -8.36 -12.20
N PRO E 216 -42.21 -9.15 -11.83
CA PRO E 216 -42.03 -10.59 -11.62
C PRO E 216 -41.40 -11.31 -12.80
N GLU E 217 -40.47 -12.20 -12.51
CA GLU E 217 -39.80 -12.98 -13.54
C GLU E 217 -40.10 -14.45 -13.29
N ILE E 218 -41.34 -14.85 -13.59
CA ILE E 218 -41.79 -16.22 -13.38
C ILE E 218 -41.09 -17.22 -14.30
N ALA E 219 -40.66 -18.34 -13.72
CA ALA E 219 -39.97 -19.38 -14.48
C ALA E 219 -39.81 -20.69 -13.69
N ALA E 220 -38.96 -21.57 -14.21
CA ALA E 220 -38.71 -22.87 -13.60
C ALA E 220 -37.27 -22.97 -13.08
N ARG E 221 -37.13 -23.14 -11.77
CA ARG E 221 -35.83 -23.23 -11.14
C ARG E 221 -35.80 -24.39 -10.15
N PRO E 222 -34.62 -25.01 -9.95
CA PRO E 222 -34.45 -26.13 -9.02
C PRO E 222 -35.07 -25.84 -7.66
N LYS E 223 -35.30 -26.88 -6.88
CA LYS E 223 -35.88 -26.68 -5.56
C LYS E 223 -34.82 -26.46 -4.48
N VAL E 224 -35.05 -25.42 -3.69
CA VAL E 224 -34.18 -25.04 -2.59
C VAL E 224 -35.07 -24.96 -1.36
N ARG E 225 -34.84 -25.86 -0.41
CA ARG E 225 -35.66 -25.92 0.80
C ARG E 225 -37.11 -26.16 0.35
N ASP E 226 -37.24 -26.99 -0.68
CA ASP E 226 -38.56 -27.33 -1.24
C ASP E 226 -39.22 -26.05 -1.75
N GLN E 227 -38.59 -25.42 -2.74
CA GLN E 227 -39.10 -24.20 -3.33
C GLN E 227 -38.46 -23.97 -4.69
N ALA E 228 -39.29 -23.77 -5.71
CA ALA E 228 -38.81 -23.51 -7.07
C ALA E 228 -39.00 -22.02 -7.31
N GLY E 229 -39.58 -21.36 -6.30
CA GLY E 229 -39.81 -19.93 -6.36
C GLY E 229 -38.64 -19.19 -5.72
N ARG E 230 -38.61 -17.87 -5.88
CA ARG E 230 -37.52 -17.06 -5.32
C ARG E 230 -38.05 -15.78 -4.66
N MET E 231 -37.16 -15.05 -3.99
CA MET E 231 -37.54 -13.81 -3.34
C MET E 231 -36.29 -12.93 -3.13
N ASN E 232 -36.26 -11.78 -3.77
CA ASN E 232 -35.13 -10.87 -3.64
C ASN E 232 -35.37 -9.81 -2.58
N TYR E 233 -34.39 -9.62 -1.70
CA TYR E 233 -34.49 -8.64 -0.63
C TYR E 233 -33.73 -7.37 -0.97
N TYR E 234 -34.27 -6.23 -0.54
CA TYR E 234 -33.66 -4.95 -0.84
C TYR E 234 -33.59 -4.04 0.38
N TRP E 235 -32.82 -2.96 0.27
CA TRP E 235 -32.70 -2.00 1.38
C TRP E 235 -32.22 -0.65 0.91
N THR E 236 -32.34 0.35 1.78
CA THR E 236 -31.90 1.69 1.47
C THR E 236 -32.00 2.52 2.73
N LEU E 237 -31.16 3.54 2.83
CA LEU E 237 -31.15 4.43 3.98
C LEU E 237 -31.94 5.69 3.68
N LEU E 238 -33.08 5.86 4.34
CA LEU E 238 -33.91 7.03 4.10
C LEU E 238 -33.39 8.20 4.92
N GLU E 239 -33.07 9.28 4.23
CA GLU E 239 -32.56 10.48 4.87
C GLU E 239 -33.61 11.24 5.68
N PRO E 240 -33.14 12.09 6.61
CA PRO E 240 -34.02 12.89 7.46
C PRO E 240 -34.88 13.86 6.66
N GLY E 241 -36.18 13.67 6.73
CA GLY E 241 -37.09 14.55 6.00
C GLY E 241 -37.67 13.88 4.78
N ASP E 242 -36.82 13.24 3.98
CA ASP E 242 -37.27 12.57 2.76
C ASP E 242 -38.42 11.59 3.04
N THR E 243 -39.07 11.16 1.97
CA THR E 243 -40.19 10.24 2.05
C THR E 243 -39.99 9.09 1.09
N ILE E 244 -40.20 7.87 1.58
CA ILE E 244 -40.09 6.69 0.72
C ILE E 244 -41.51 6.30 0.37
N THR E 245 -41.74 5.84 -0.86
CA THR E 245 -43.09 5.48 -1.27
C THR E 245 -43.21 4.20 -2.08
N PHE E 246 -43.80 3.18 -1.50
CA PHE E 246 -44.01 1.91 -2.20
C PHE E 246 -45.33 1.98 -2.95
N GLU E 247 -45.38 1.30 -4.09
CA GLU E 247 -46.59 1.26 -4.90
C GLU E 247 -46.51 -0.04 -5.69
N ALA E 248 -47.31 -1.01 -5.29
CA ALA E 248 -47.32 -2.30 -5.96
C ALA E 248 -48.72 -2.80 -6.29
N THR E 249 -48.76 -3.88 -7.08
CA THR E 249 -49.99 -4.50 -7.49
C THR E 249 -49.82 -6.02 -7.37
N GLY E 250 -49.02 -6.42 -6.38
CA GLY E 250 -48.75 -7.83 -6.16
C GLY E 250 -47.27 -8.13 -6.14
N ASN E 251 -46.89 -9.15 -5.37
CA ASN E 251 -45.50 -9.59 -5.24
C ASN E 251 -44.65 -8.77 -4.27
N LEU E 252 -45.25 -7.76 -3.65
CA LEU E 252 -44.52 -6.91 -2.72
C LEU E 252 -44.46 -7.40 -1.28
N ILE E 253 -43.32 -7.96 -0.87
CA ILE E 253 -43.18 -8.38 0.52
C ILE E 253 -42.92 -7.04 1.19
N ALA E 254 -43.93 -6.54 1.90
CA ALA E 254 -43.85 -5.22 2.52
C ALA E 254 -43.09 -5.03 3.82
N PRO E 255 -42.60 -3.80 4.03
CA PRO E 255 -41.84 -3.38 5.22
C PRO E 255 -42.78 -3.32 6.41
N TRP E 256 -42.46 -4.06 7.46
CA TRP E 256 -43.29 -4.03 8.65
C TRP E 256 -42.53 -3.28 9.76
N TYR E 257 -41.24 -3.59 9.93
CA TYR E 257 -40.43 -2.90 10.93
C TYR E 257 -39.16 -2.30 10.32
N ALA E 258 -38.77 -1.13 10.79
CA ALA E 258 -37.57 -0.43 10.30
C ALA E 258 -36.68 0.01 11.47
N PHE E 259 -35.49 0.52 11.15
CA PHE E 259 -34.58 0.93 12.21
C PHE E 259 -34.01 2.33 12.04
N ALA E 260 -33.97 3.09 13.13
CA ALA E 260 -33.41 4.43 13.15
C ALA E 260 -31.98 4.21 13.64
N LEU E 261 -31.00 4.52 12.79
CA LEU E 261 -29.61 4.27 13.12
C LEU E 261 -28.79 5.36 13.80
N ASN E 262 -27.95 4.91 14.74
CA ASN E 262 -27.03 5.79 15.49
C ASN E 262 -25.62 5.48 15.03
N ARG E 263 -25.01 6.42 14.33
CA ARG E 263 -23.65 6.20 13.84
C ARG E 263 -22.59 6.42 14.90
N GLY E 264 -21.85 5.35 15.17
CA GLY E 264 -20.75 5.42 16.13
C GLY E 264 -19.51 5.00 15.36
N SER E 265 -18.31 5.31 15.83
CA SER E 265 -17.11 4.90 15.10
C SER E 265 -16.31 3.84 15.87
N GLY E 266 -15.36 3.22 15.18
CA GLY E 266 -14.54 2.22 15.84
C GLY E 266 -15.26 0.94 16.22
N SER E 267 -16.31 0.58 15.49
CA SER E 267 -17.05 -0.65 15.76
C SER E 267 -16.86 -1.49 14.52
N GLY E 268 -17.43 -2.69 14.51
CA GLY E 268 -17.28 -3.54 13.35
C GLY E 268 -17.80 -4.93 13.55
N ILE E 269 -17.78 -5.72 12.47
CA ILE E 269 -18.25 -7.09 12.50
C ILE E 269 -17.05 -8.05 12.52
N ILE E 270 -17.12 -9.11 13.31
CA ILE E 270 -16.02 -10.09 13.36
C ILE E 270 -16.55 -11.52 13.42
N THR E 271 -15.72 -12.47 13.03
CA THR E 271 -16.12 -13.87 13.08
C THR E 271 -15.26 -14.57 14.12
N SER E 272 -15.91 -15.09 15.16
CA SER E 272 -15.20 -15.77 16.25
C SER E 272 -16.05 -16.78 16.98
N ASP E 273 -15.41 -17.85 17.46
CA ASP E 273 -16.13 -18.85 18.22
C ASP E 273 -15.65 -18.83 19.66
N ALA E 274 -15.07 -17.71 20.08
CA ALA E 274 -14.60 -17.58 21.44
C ALA E 274 -15.77 -17.17 22.32
N PRO E 275 -15.84 -17.70 23.55
CA PRO E 275 -16.91 -17.42 24.53
C PRO E 275 -17.01 -15.96 24.96
N VAL E 276 -18.23 -15.46 25.10
CA VAL E 276 -18.42 -14.09 25.55
C VAL E 276 -18.47 -14.11 27.06
N HIS E 277 -17.76 -13.20 27.71
CA HIS E 277 -17.78 -13.13 29.17
C HIS E 277 -17.99 -11.73 29.68
N ASP E 278 -18.18 -11.62 30.99
CA ASP E 278 -18.37 -10.33 31.62
C ASP E 278 -16.98 -9.85 31.99
N CYS E 279 -16.27 -9.41 30.95
CA CYS E 279 -14.91 -8.94 31.07
C CYS E 279 -14.81 -7.63 30.25
N ASN E 280 -14.06 -6.66 30.76
CA ASN E 280 -13.91 -5.39 30.03
C ASN E 280 -12.48 -5.28 29.50
N THR E 281 -12.31 -4.73 28.29
CA THR E 281 -10.98 -4.57 27.69
C THR E 281 -10.86 -3.31 26.84
N LYS E 282 -9.63 -3.01 26.40
CA LYS E 282 -9.39 -1.85 25.56
C LYS E 282 -9.03 -2.32 24.16
N CYS E 283 -8.76 -3.63 24.04
CA CYS E 283 -8.40 -4.21 22.76
C CYS E 283 -8.94 -5.64 22.58
N GLN E 284 -9.79 -5.84 21.57
CA GLN E 284 -10.37 -7.15 21.32
C GLN E 284 -9.99 -7.73 19.96
N THR E 285 -9.82 -9.04 19.91
CA THR E 285 -9.49 -9.71 18.66
C THR E 285 -10.29 -10.99 18.63
N PRO E 286 -10.46 -11.58 17.44
CA PRO E 286 -11.20 -12.83 17.30
C PRO E 286 -10.66 -13.98 18.16
N HIS E 287 -9.42 -13.88 18.60
CA HIS E 287 -8.86 -14.96 19.41
C HIS E 287 -9.08 -14.68 20.88
N GLY E 288 -9.29 -13.41 21.23
CA GLY E 288 -9.50 -13.04 22.61
C GLY E 288 -9.10 -11.59 22.83
N ALA E 289 -9.30 -11.09 24.05
CA ALA E 289 -8.94 -9.71 24.34
C ALA E 289 -7.47 -9.58 24.73
N ILE E 290 -6.89 -8.44 24.41
CA ILE E 290 -5.49 -8.21 24.73
C ILE E 290 -5.37 -7.07 25.72
N ASN E 291 -4.40 -7.18 26.62
CA ASN E 291 -4.15 -6.15 27.62
C ASN E 291 -2.64 -5.95 27.73
N SER E 292 -2.11 -5.07 26.89
CA SER E 292 -0.68 -4.82 26.88
C SER E 292 -0.42 -3.37 26.55
N SER E 293 0.83 -2.97 26.78
CA SER E 293 1.24 -1.63 26.46
C SER E 293 2.44 -1.75 25.51
N LEU E 294 2.67 -2.97 25.03
CA LEU E 294 3.77 -3.21 24.12
C LEU E 294 3.37 -2.66 22.76
N PRO E 295 4.34 -2.25 21.95
CA PRO E 295 4.09 -1.69 20.62
C PRO E 295 3.62 -2.64 19.53
N PHE E 296 3.93 -3.92 19.64
CA PHE E 296 3.52 -4.87 18.62
C PHE E 296 2.85 -6.10 19.20
N GLN E 297 2.17 -6.86 18.34
CA GLN E 297 1.50 -8.10 18.74
C GLN E 297 1.44 -9.02 17.53
N ASN E 298 1.46 -10.33 17.75
CA ASN E 298 1.41 -11.28 16.66
C ASN E 298 0.29 -12.27 16.90
N ILE E 299 -0.80 -11.74 17.44
CA ILE E 299 -1.96 -12.55 17.77
C ILE E 299 -2.96 -12.61 16.64
N HIS E 300 -3.31 -11.44 16.09
CA HIS E 300 -4.30 -11.40 15.03
C HIS E 300 -4.37 -10.05 14.35
N PRO E 301 -4.48 -10.05 13.02
CA PRO E 301 -4.57 -8.80 12.28
C PRO E 301 -5.89 -8.08 12.49
N VAL E 302 -6.96 -8.82 12.79
CA VAL E 302 -8.26 -8.20 13.03
C VAL E 302 -8.29 -7.62 14.44
N THR E 303 -8.66 -6.35 14.54
CA THR E 303 -8.64 -5.64 15.79
C THR E 303 -9.80 -4.67 16.03
N ILE E 304 -10.17 -4.50 17.30
CA ILE E 304 -11.23 -3.57 17.69
C ILE E 304 -10.80 -2.90 18.98
N GLY E 305 -10.72 -1.57 18.97
CA GLY E 305 -10.30 -0.83 20.15
C GLY E 305 -8.97 -0.14 19.90
N GLU E 306 -8.07 -0.22 20.86
CA GLU E 306 -6.74 0.37 20.71
C GLU E 306 -5.74 -0.75 20.95
N CYS E 307 -5.13 -1.25 19.90
CA CYS E 307 -4.20 -2.35 20.06
C CYS E 307 -2.79 -2.10 19.57
N PRO E 308 -1.92 -3.11 19.75
CA PRO E 308 -0.54 -3.00 19.30
C PRO E 308 -0.58 -3.25 17.79
N LYS E 309 0.51 -2.94 17.10
CA LYS E 309 0.56 -3.14 15.65
C LYS E 309 0.75 -4.61 15.32
N TYR E 310 -0.11 -5.16 14.48
CA TYR E 310 0.03 -6.57 14.11
C TYR E 310 1.27 -6.77 13.28
N VAL E 311 1.97 -7.87 13.51
CA VAL E 311 3.22 -8.12 12.82
C VAL E 311 3.46 -9.64 12.75
N ARG E 312 4.22 -10.11 11.78
CA ARG E 312 4.49 -11.54 11.66
C ARG E 312 5.64 -12.05 12.49
N SER E 313 6.39 -11.15 13.12
CA SER E 313 7.53 -11.55 13.90
C SER E 313 7.24 -12.58 14.97
N THR E 314 8.27 -13.37 15.28
CA THR E 314 8.19 -14.39 16.30
C THR E 314 8.84 -13.84 17.56
N LYS E 315 9.88 -13.04 17.38
CA LYS E 315 10.62 -12.47 18.49
C LYS E 315 11.11 -11.05 18.22
N LEU E 316 10.97 -10.18 19.21
CA LEU E 316 11.42 -8.78 19.12
C LEU E 316 11.95 -8.31 20.46
N ARG E 317 13.19 -8.66 20.76
CA ARG E 317 13.79 -8.26 22.03
C ARG E 317 14.87 -7.23 21.80
N MET E 318 14.73 -6.10 22.48
CA MET E 318 15.67 -5.01 22.37
C MET E 318 16.61 -4.93 23.58
N ALA E 319 17.92 -4.99 23.34
CA ALA E 319 18.90 -4.90 24.42
C ALA E 319 18.87 -3.53 25.11
N THR E 320 19.20 -3.49 26.39
CA THR E 320 19.26 -2.24 27.15
C THR E 320 20.56 -2.26 27.93
N GLY E 321 20.86 -3.42 28.52
CA GLY E 321 22.08 -3.59 29.28
C GLY E 321 23.23 -3.90 28.35
N LEU E 322 24.31 -4.47 28.87
CA LEU E 322 25.46 -4.77 28.03
C LEU E 322 25.67 -6.26 27.89
N ARG E 323 26.67 -6.61 27.09
CA ARG E 323 27.02 -8.01 26.85
C ARG E 323 27.31 -8.59 28.23
N ASN E 324 26.60 -9.66 28.58
CA ASN E 324 26.77 -10.29 29.89
C ASN E 324 27.86 -11.35 29.93
N ILE E 325 28.98 -11.01 30.58
CA ILE E 325 30.12 -11.90 30.70
C ILE E 325 30.38 -12.25 32.16
N PRO E 326 29.72 -13.31 32.67
CA PRO E 326 29.85 -13.81 34.05
C PRO E 326 31.29 -14.16 34.43
N ALA E 327 31.95 -14.91 33.56
CA ALA E 327 33.34 -15.32 33.78
C ALA E 327 33.59 -15.79 35.22
N ARG E 328 32.54 -16.34 35.84
CA ARG E 328 32.61 -16.83 37.22
C ARG E 328 33.80 -17.75 37.49
N GLY F 1 34.46 -6.07 20.30
CA GLY F 1 33.99 -4.77 20.71
C GLY F 1 34.52 -3.67 19.81
N LEU F 2 33.62 -2.86 19.28
CA LEU F 2 34.01 -1.76 18.39
C LEU F 2 34.99 -0.83 19.09
N PHE F 3 34.95 -0.78 20.42
CA PHE F 3 35.85 0.09 21.14
C PHE F 3 36.93 -0.63 21.93
N GLY F 4 37.05 -1.93 21.67
CA GLY F 4 38.08 -2.73 22.32
C GLY F 4 38.06 -2.89 23.83
N ALA F 5 37.12 -2.27 24.52
CA ALA F 5 37.05 -2.40 25.98
C ALA F 5 36.32 -3.65 26.45
N ILE F 6 34.99 -3.62 26.46
CA ILE F 6 34.21 -4.77 26.92
C ILE F 6 34.52 -6.02 26.13
N ALA F 7 34.75 -7.12 26.85
CA ALA F 7 35.09 -8.41 26.23
C ALA F 7 36.32 -8.18 25.36
N GLY F 8 37.11 -7.18 25.76
CA GLY F 8 38.32 -6.81 25.05
C GLY F 8 39.51 -6.73 26.01
N PHE F 9 40.12 -5.56 26.13
CA PHE F 9 41.25 -5.45 27.03
C PHE F 9 40.84 -5.56 28.50
N ILE F 10 39.54 -5.64 28.73
CA ILE F 10 38.98 -5.83 30.07
C ILE F 10 38.15 -7.10 29.91
N GLU F 11 38.88 -8.20 29.83
CA GLU F 11 38.33 -9.54 29.63
C GLU F 11 36.91 -9.90 30.09
N GLY F 12 36.52 -9.56 31.30
CA GLY F 12 35.18 -9.94 31.71
C GLY F 12 34.48 -9.00 32.67
N GLY F 13 33.28 -9.38 33.09
CA GLY F 13 32.52 -8.53 33.99
C GLY F 13 32.49 -8.97 35.44
N TRP F 14 32.18 -8.02 36.32
CA TRP F 14 32.12 -8.28 37.75
C TRP F 14 30.71 -8.63 38.22
N THR F 15 30.45 -9.92 38.42
CA THR F 15 29.14 -10.35 38.90
C THR F 15 28.89 -9.69 40.26
N GLY F 16 29.96 -9.20 40.87
CA GLY F 16 29.89 -8.54 42.17
C GLY F 16 29.22 -7.19 42.15
N MET F 17 29.83 -6.21 41.47
CA MET F 17 29.28 -4.86 41.39
C MET F 17 27.82 -4.85 40.97
N ILE F 18 26.95 -4.28 41.82
CA ILE F 18 25.52 -4.26 41.51
C ILE F 18 24.85 -2.89 41.72
N ASP F 19 25.63 -1.84 41.61
CA ASP F 19 25.14 -0.46 41.78
C ASP F 19 24.90 0.21 40.43
N GLY F 20 25.45 -0.39 39.38
CA GLY F 20 25.29 0.18 38.05
C GLY F 20 25.99 -0.69 37.02
N TRP F 21 26.24 -0.11 35.85
CA TRP F 21 26.87 -0.86 34.79
C TRP F 21 28.39 -0.69 34.79
N TYR F 22 28.86 0.50 35.14
CA TYR F 22 30.29 0.75 35.15
C TYR F 22 30.77 1.21 36.54
N GLY F 23 31.92 0.72 36.96
CA GLY F 23 32.43 1.12 38.26
C GLY F 23 33.90 0.81 38.50
N TYR F 24 34.31 0.91 39.75
CA TYR F 24 35.70 0.65 40.14
C TYR F 24 35.81 -0.47 41.17
N HIS F 25 37.00 -1.07 41.26
CA HIS F 25 37.24 -2.13 42.23
C HIS F 25 37.89 -1.55 43.50
N HIS F 26 39.20 -1.33 43.45
CA HIS F 26 39.98 -0.77 44.56
C HIS F 26 40.42 -1.75 45.65
N GLN F 27 41.74 -1.78 45.88
CA GLN F 27 42.35 -2.66 46.87
C GLN F 27 43.37 -1.89 47.70
N ASN F 28 42.87 -1.22 48.73
CA ASN F 28 43.67 -0.42 49.64
C ASN F 28 43.85 -1.21 50.94
N GLU F 29 44.91 -0.92 51.69
CA GLU F 29 45.18 -1.62 52.96
C GLU F 29 43.89 -1.93 53.72
N GLN F 30 43.15 -0.88 54.01
CA GLN F 30 41.90 -0.94 54.74
C GLN F 30 40.90 -1.97 54.21
N GLY F 31 41.18 -2.56 53.06
CA GLY F 31 40.28 -3.56 52.50
C GLY F 31 39.89 -3.33 51.05
N SER F 32 39.19 -4.31 50.47
CA SER F 32 38.75 -4.23 49.07
C SER F 32 37.30 -3.77 48.92
N GLY F 33 36.73 -4.02 47.74
CA GLY F 33 35.36 -3.62 47.48
C GLY F 33 35.06 -3.26 46.02
N TYR F 34 33.81 -2.87 45.77
CA TYR F 34 33.34 -2.47 44.44
C TYR F 34 32.51 -1.22 44.59
N ALA F 35 32.55 -0.34 43.60
CA ALA F 35 31.76 0.88 43.65
C ALA F 35 31.46 1.38 42.24
N ALA F 36 30.17 1.44 41.90
CA ALA F 36 29.77 1.89 40.56
C ALA F 36 29.81 3.42 40.46
N ASP F 37 30.12 3.93 39.27
CA ASP F 37 30.18 5.37 39.06
C ASP F 37 28.82 5.91 38.63
N GLN F 38 28.18 6.70 39.49
CA GLN F 38 26.88 7.27 39.19
C GLN F 38 26.90 8.05 37.89
N LYS F 39 27.83 9.00 37.83
CA LYS F 39 28.02 9.84 36.65
C LYS F 39 27.81 9.02 35.37
N SER F 40 28.64 8.01 35.18
CA SER F 40 28.58 7.14 34.00
C SER F 40 27.26 6.42 33.88
N THR F 41 27.03 5.50 34.81
CA THR F 41 25.82 4.68 34.83
C THR F 41 24.50 5.44 34.65
N GLN F 42 24.38 6.61 35.25
CA GLN F 42 23.14 7.37 35.11
C GLN F 42 22.94 7.90 33.69
N ASN F 43 24.01 8.35 33.06
CA ASN F 43 23.93 8.86 31.70
C ASN F 43 23.52 7.73 30.74
N ALA F 44 24.19 6.59 30.85
CA ALA F 44 23.88 5.46 30.00
C ALA F 44 22.40 5.14 30.17
N ILE F 45 21.94 5.12 31.41
CA ILE F 45 20.55 4.83 31.68
C ILE F 45 19.62 5.85 31.01
N ASP F 46 19.88 7.13 31.20
CA ASP F 46 19.03 8.16 30.59
C ASP F 46 18.97 8.00 29.09
N GLY F 47 20.11 7.72 28.47
CA GLY F 47 20.15 7.54 27.04
C GLY F 47 19.32 6.34 26.62
N ILE F 48 19.72 5.16 27.05
CA ILE F 48 18.99 3.95 26.71
C ILE F 48 17.50 4.10 26.92
N THR F 49 17.11 4.72 28.03
CA THR F 49 15.69 4.91 28.31
C THR F 49 15.06 5.75 27.22
N ASN F 50 15.75 6.82 26.83
CA ASN F 50 15.25 7.72 25.81
C ASN F 50 15.14 7.00 24.46
N LYS F 51 16.08 6.10 24.19
CA LYS F 51 16.08 5.34 22.97
C LYS F 51 14.85 4.45 22.91
N VAL F 52 14.63 3.64 23.94
CA VAL F 52 13.48 2.76 23.95
C VAL F 52 12.16 3.52 23.82
N ASN F 53 12.06 4.70 24.41
CA ASN F 53 10.82 5.46 24.31
C ASN F 53 10.62 6.00 22.90
N SER F 54 11.72 6.38 22.26
CA SER F 54 11.67 6.92 20.90
C SER F 54 11.23 5.87 19.91
N VAL F 55 11.71 4.64 20.10
CA VAL F 55 11.34 3.54 19.20
C VAL F 55 9.85 3.21 19.33
N ILE F 56 9.33 3.24 20.54
CA ILE F 56 7.93 2.94 20.75
C ILE F 56 7.03 4.06 20.24
N GLU F 57 7.54 5.29 20.22
CA GLU F 57 6.77 6.44 19.76
C GLU F 57 6.46 6.37 18.27
N LYS F 58 7.47 6.04 17.47
CA LYS F 58 7.30 5.97 16.02
C LYS F 58 6.30 4.91 15.56
N MET F 59 5.97 3.98 16.45
CA MET F 59 5.03 2.91 16.13
C MET F 59 3.66 3.24 16.70
N ASN F 60 2.89 4.07 15.99
CA ASN F 60 1.56 4.42 16.47
C ASN F 60 0.75 3.16 16.69
N THR F 61 -0.08 3.17 17.72
CA THR F 61 -0.92 2.02 18.02
C THR F 61 -1.96 1.86 16.92
N GLN F 62 -2.38 0.61 16.70
CA GLN F 62 -3.37 0.29 15.67
C GLN F 62 -4.80 0.39 16.19
N PHE F 63 -5.68 1.05 15.43
CA PHE F 63 -7.09 1.17 15.83
C PHE F 63 -7.92 0.11 15.12
N THR F 64 -9.24 0.19 15.27
CA THR F 64 -10.12 -0.79 14.65
C THR F 64 -9.77 -1.08 13.19
N ALA F 65 -9.77 -2.38 12.86
CA ALA F 65 -9.45 -2.85 11.52
C ALA F 65 -10.11 -4.20 11.29
N VAL F 66 -11.29 -4.20 10.67
CA VAL F 66 -12.00 -5.44 10.39
C VAL F 66 -11.99 -5.75 8.90
N GLY F 67 -12.28 -7.00 8.55
CA GLY F 67 -12.29 -7.40 7.16
C GLY F 67 -13.41 -6.82 6.33
N LYS F 68 -13.46 -7.23 5.06
CA LYS F 68 -14.48 -6.76 4.14
C LYS F 68 -14.97 -7.99 3.40
N GLU F 69 -16.16 -7.92 2.82
CA GLU F 69 -16.69 -9.06 2.08
C GLU F 69 -16.94 -8.73 0.60
N PHE F 70 -16.81 -9.77 -0.23
CA PHE F 70 -16.98 -9.62 -1.67
C PHE F 70 -17.78 -10.78 -2.26
N ASN F 71 -18.66 -10.50 -3.23
CA ASN F 71 -19.45 -11.56 -3.87
C ASN F 71 -18.62 -12.28 -4.92
N ASN F 72 -19.12 -13.40 -5.41
CA ASN F 72 -18.38 -14.19 -6.40
C ASN F 72 -18.09 -13.52 -7.73
N LEU F 73 -18.41 -12.24 -7.86
CA LEU F 73 -18.13 -11.53 -9.11
C LEU F 73 -17.30 -10.29 -8.83
N GLU F 74 -16.69 -10.27 -7.64
CA GLU F 74 -15.84 -9.19 -7.21
C GLU F 74 -14.48 -9.76 -6.82
N ARG F 75 -13.98 -10.68 -7.64
CA ARG F 75 -12.71 -11.33 -7.38
C ARG F 75 -11.49 -10.42 -7.50
N ARG F 76 -11.44 -9.61 -8.56
CA ARG F 76 -10.33 -8.72 -8.77
C ARG F 76 -10.27 -7.75 -7.58
N ILE F 77 -11.40 -7.17 -7.25
CA ILE F 77 -11.43 -6.25 -6.15
C ILE F 77 -11.06 -6.93 -4.83
N GLU F 78 -11.53 -8.16 -4.64
CA GLU F 78 -11.23 -8.92 -3.43
C GLU F 78 -9.70 -9.11 -3.29
N ASN F 79 -9.04 -9.44 -4.39
CA ASN F 79 -7.59 -9.65 -4.38
C ASN F 79 -6.81 -8.37 -4.25
N LEU F 80 -7.34 -7.28 -4.76
CA LEU F 80 -6.67 -5.99 -4.65
C LEU F 80 -6.61 -5.70 -3.16
N ASN F 81 -7.73 -5.89 -2.48
CA ASN F 81 -7.81 -5.66 -1.06
C ASN F 81 -6.83 -6.57 -0.34
N LYS F 82 -6.70 -7.80 -0.85
CA LYS F 82 -5.81 -8.79 -0.27
C LYS F 82 -4.37 -8.36 -0.46
N LYS F 83 -4.05 -7.87 -1.65
CA LYS F 83 -2.72 -7.41 -1.97
C LYS F 83 -2.30 -6.25 -1.07
N VAL F 84 -3.23 -5.34 -0.82
CA VAL F 84 -2.95 -4.19 0.04
C VAL F 84 -2.65 -4.61 1.47
N ASP F 85 -3.52 -5.44 2.04
CA ASP F 85 -3.31 -5.89 3.39
C ASP F 85 -2.00 -6.61 3.55
N ASP F 86 -1.70 -7.56 2.67
CA ASP F 86 -0.43 -8.28 2.78
C ASP F 86 0.79 -7.37 2.58
N GLY F 87 0.68 -6.44 1.63
CA GLY F 87 1.77 -5.52 1.37
C GLY F 87 2.17 -4.70 2.57
N PHE F 88 1.19 -4.10 3.24
CA PHE F 88 1.49 -3.30 4.41
C PHE F 88 2.07 -4.19 5.51
N LEU F 89 1.52 -5.39 5.65
CA LEU F 89 2.02 -6.30 6.67
C LEU F 89 3.48 -6.65 6.51
N ASP F 90 3.91 -6.91 5.26
CA ASP F 90 5.31 -7.23 4.98
C ASP F 90 6.24 -6.10 5.41
N ILE F 91 5.88 -4.88 5.01
CA ILE F 91 6.67 -3.69 5.34
C ILE F 91 6.80 -3.43 6.83
N TRP F 92 5.70 -3.48 7.58
CA TRP F 92 5.81 -3.22 9.00
C TRP F 92 6.66 -4.27 9.70
N THR F 93 6.49 -5.52 9.29
CA THR F 93 7.27 -6.58 9.87
C THR F 93 8.73 -6.32 9.58
N TYR F 94 9.04 -5.98 8.33
CA TYR F 94 10.41 -5.70 7.96
C TYR F 94 10.91 -4.52 8.77
N ASN F 95 10.14 -3.44 8.86
CA ASN F 95 10.64 -2.30 9.62
C ASN F 95 10.91 -2.62 11.07
N ALA F 96 9.97 -3.31 11.72
CA ALA F 96 10.12 -3.64 13.12
C ALA F 96 11.34 -4.50 13.36
N GLU F 97 11.43 -5.62 12.65
CA GLU F 97 12.58 -6.48 12.83
C GLU F 97 13.92 -5.81 12.58
N LEU F 98 14.01 -5.00 11.55
CA LEU F 98 15.26 -4.33 11.22
C LEU F 98 15.67 -3.27 12.24
N LEU F 99 14.73 -2.46 12.68
CA LEU F 99 15.07 -1.41 13.64
C LEU F 99 15.71 -2.02 14.87
N VAL F 100 15.09 -3.07 15.41
CA VAL F 100 15.62 -3.76 16.58
C VAL F 100 17.02 -4.31 16.32
N LEU F 101 17.19 -5.00 15.20
CA LEU F 101 18.48 -5.56 14.83
C LEU F 101 19.58 -4.51 14.79
N LEU F 102 19.29 -3.41 14.12
CA LEU F 102 20.26 -2.34 13.98
C LEU F 102 20.52 -1.60 15.27
N GLU F 103 19.47 -1.30 16.03
CA GLU F 103 19.66 -0.60 17.28
C GLU F 103 20.36 -1.45 18.34
N ASN F 104 20.19 -2.77 18.29
CA ASN F 104 20.86 -3.64 19.27
C ASN F 104 22.35 -3.49 19.09
N GLU F 105 22.82 -3.54 17.86
CA GLU F 105 24.23 -3.39 17.57
C GLU F 105 24.72 -2.08 18.15
N ARG F 106 23.95 -1.02 17.92
CA ARG F 106 24.31 0.31 18.41
C ARG F 106 24.37 0.41 19.93
N THR F 107 23.50 -0.33 20.62
CA THR F 107 23.47 -0.29 22.08
C THR F 107 24.70 -0.96 22.69
N LEU F 108 25.02 -2.15 22.20
CA LEU F 108 26.17 -2.85 22.72
C LEU F 108 27.42 -2.01 22.54
N ASP F 109 27.56 -1.35 21.40
CA ASP F 109 28.73 -0.52 21.16
C ASP F 109 28.73 0.71 22.06
N PHE F 110 27.54 1.19 22.40
CA PHE F 110 27.42 2.36 23.25
C PHE F 110 28.12 2.06 24.58
N HIS F 111 27.75 0.93 25.19
CA HIS F 111 28.32 0.50 26.46
C HIS F 111 29.84 0.35 26.34
N ASP F 112 30.29 -0.34 25.29
CA ASP F 112 31.72 -0.54 25.06
C ASP F 112 32.43 0.82 25.08
N SER F 113 31.86 1.79 24.37
CA SER F 113 32.44 3.13 24.33
C SER F 113 32.45 3.76 25.72
N ASN F 114 31.32 3.66 26.43
CA ASN F 114 31.21 4.21 27.79
C ASN F 114 32.32 3.68 28.71
N VAL F 115 32.51 2.37 28.70
CA VAL F 115 33.53 1.73 29.52
C VAL F 115 34.90 2.29 29.12
N ARG F 116 35.24 2.21 27.83
CA ARG F 116 36.52 2.72 27.40
C ARG F 116 36.77 4.18 27.81
N ASN F 117 35.73 5.01 27.74
CA ASN F 117 35.90 6.42 28.10
C ASN F 117 36.20 6.63 29.58
N LEU F 118 35.61 5.80 30.44
CA LEU F 118 35.85 5.92 31.87
C LEU F 118 37.31 5.58 32.15
N TYR F 119 37.77 4.47 31.57
CA TYR F 119 39.15 4.04 31.74
C TYR F 119 40.10 5.21 31.50
N GLU F 120 40.03 5.79 30.31
CA GLU F 120 40.90 6.90 29.96
C GLU F 120 40.64 8.19 30.73
N LYS F 121 39.55 8.24 31.50
CA LYS F 121 39.25 9.44 32.29
C LYS F 121 40.06 9.32 33.57
N VAL F 122 40.25 8.08 34.01
CA VAL F 122 41.02 7.76 35.21
C VAL F 122 42.50 7.82 34.84
N LYS F 123 42.88 7.07 33.82
CA LYS F 123 44.27 7.04 33.36
C LYS F 123 44.93 8.42 33.20
N SER F 124 44.17 9.41 32.75
CA SER F 124 44.74 10.74 32.56
C SER F 124 44.88 11.49 33.89
N GLN F 125 44.22 10.97 34.92
CA GLN F 125 44.31 11.58 36.26
C GLN F 125 45.60 11.13 36.93
N LEU F 126 45.75 9.82 37.07
CA LEU F 126 46.92 9.23 37.70
C LEU F 126 48.20 9.66 36.99
N LYS F 127 48.46 9.07 35.81
CA LYS F 127 49.66 9.38 35.03
C LYS F 127 50.88 8.63 35.55
N ASN F 128 51.74 9.33 36.27
CA ASN F 128 52.97 8.77 36.83
C ASN F 128 52.75 8.06 38.15
N ASN F 129 51.86 8.61 38.97
CA ASN F 129 51.57 8.07 40.29
C ASN F 129 51.11 6.61 40.35
N ALA F 130 51.06 5.96 39.19
CA ALA F 130 50.66 4.55 39.11
C ALA F 130 50.98 4.03 37.74
N LYS F 131 51.02 2.71 37.59
CA LYS F 131 51.33 2.12 36.29
C LYS F 131 50.25 1.17 35.79
N GLU F 132 50.03 1.20 34.48
CA GLU F 132 49.04 0.35 33.83
C GLU F 132 49.49 -1.10 33.79
N ILE F 133 48.71 -1.96 34.41
CA ILE F 133 49.02 -3.39 34.44
C ILE F 133 48.22 -4.08 33.34
N GLY F 134 47.13 -4.75 33.73
CA GLY F 134 46.29 -5.43 32.78
C GLY F 134 44.83 -5.30 33.21
N ASN F 135 43.93 -5.87 32.42
CA ASN F 135 42.51 -5.83 32.72
C ASN F 135 42.05 -4.48 33.25
N GLY F 136 42.64 -3.42 32.70
CA GLY F 136 42.25 -2.09 33.10
C GLY F 136 42.43 -1.74 34.56
N CYS F 137 43.49 -2.27 35.18
CA CYS F 137 43.78 -1.97 36.57
C CYS F 137 45.03 -1.11 36.63
N PHE F 138 45.07 -0.21 37.60
CA PHE F 138 46.25 0.64 37.77
C PHE F 138 46.90 0.24 39.08
N GLU F 139 48.23 0.30 39.14
CA GLU F 139 48.94 -0.03 40.37
C GLU F 139 49.59 1.23 40.91
N PHE F 140 49.14 1.67 42.07
CA PHE F 140 49.67 2.88 42.68
C PHE F 140 51.13 2.81 43.08
N TYR F 141 51.81 3.94 42.95
CA TYR F 141 53.21 4.06 43.32
C TYR F 141 53.23 4.67 44.72
N HIS F 142 52.44 5.72 44.91
CA HIS F 142 52.37 6.40 46.20
C HIS F 142 51.31 5.82 47.14
N LYS F 143 51.06 4.52 47.00
CA LYS F 143 50.08 3.81 47.82
C LYS F 143 49.13 4.73 48.59
N CYS F 144 47.88 4.82 48.11
CA CYS F 144 46.88 5.69 48.72
C CYS F 144 45.74 4.95 49.42
N ASP F 145 45.16 5.62 50.41
CA ASP F 145 44.07 5.08 51.23
C ASP F 145 42.66 5.27 50.67
N ASP F 146 41.67 4.89 51.46
CA ASP F 146 40.27 4.98 51.09
C ASP F 146 39.85 6.41 50.87
N ALA F 147 40.46 7.33 51.60
CA ALA F 147 40.16 8.74 51.44
C ALA F 147 40.65 9.22 50.08
N CYS F 148 41.67 8.55 49.56
CA CYS F 148 42.26 8.92 48.27
C CYS F 148 41.51 8.24 47.13
N MET F 149 41.14 6.96 47.32
CA MET F 149 40.42 6.22 46.30
C MET F 149 39.17 7.00 45.93
N GLU F 150 38.60 7.71 46.91
CA GLU F 150 37.39 8.48 46.67
C GLU F 150 37.65 9.76 45.88
N SER F 151 38.91 10.09 45.68
CA SER F 151 39.25 11.28 44.91
C SER F 151 39.46 10.82 43.48
N VAL F 152 39.66 9.52 43.33
CA VAL F 152 39.86 8.93 42.01
C VAL F 152 38.49 8.69 41.40
N ARG F 153 37.66 7.91 42.08
CA ARG F 153 36.30 7.64 41.60
C ARG F 153 35.44 8.87 41.82
N ASN F 154 36.03 10.03 41.54
CA ASN F 154 35.37 11.30 41.73
C ASN F 154 35.93 12.36 40.76
N GLY F 155 37.18 12.21 40.38
CA GLY F 155 37.80 13.13 39.46
C GLY F 155 38.63 14.22 40.13
N THR F 156 38.64 14.23 41.45
CA THR F 156 39.41 15.23 42.19
C THR F 156 40.90 14.89 42.16
N TYR F 157 41.30 13.85 42.88
CA TYR F 157 42.69 13.38 42.93
C TYR F 157 43.77 14.46 42.99
N ASP F 158 44.23 14.91 41.81
CA ASP F 158 45.27 15.94 41.71
C ASP F 158 46.67 15.54 42.21
N TYR F 159 47.59 15.38 41.27
CA TYR F 159 48.97 14.98 41.55
C TYR F 159 49.63 14.54 40.23
N PRO F 160 49.97 15.51 39.35
CA PRO F 160 50.60 15.24 38.06
C PRO F 160 51.75 14.22 38.07
C1 NDG G . -9.65 -13.73 -36.22
C2 NDG G . -10.64 -13.45 -37.35
C3 NDG G . -9.88 -13.24 -38.64
C4 NDG G . -8.89 -12.10 -38.47
C5 NDG G . -7.95 -12.42 -37.32
C6 NDG G . -6.97 -11.31 -37.04
C7 NDG G . -11.99 -15.27 -36.49
C8 NDG G . -12.00 -16.78 -36.67
O5 NDG G . -8.73 -12.63 -36.11
O3 NDG G . -10.78 -12.96 -39.69
O4 NDG G . -8.13 -11.92 -39.65
O6 NDG G . -7.35 -10.12 -37.71
O7 NDG G . -12.36 -14.78 -35.41
N2 NDG G . -11.60 -14.54 -37.52
O1 NDG G . -8.93 -14.86 -36.52
C1 NAG H . -9.36 -9.69 -40.48
C2 NAG H . -10.07 -8.55 -41.23
C3 NAG H . -9.22 -7.75 -42.25
C4 NAG H . -7.74 -7.72 -41.90
C5 NAG H . -7.33 -9.14 -41.55
C6 NAG H . -5.83 -9.36 -41.41
C7 NAG H . -11.00 -10.22 -42.70
C8 NAG H . -10.67 -10.03 -44.17
N2 NAG H . -11.19 -9.12 -41.96
O1 NAG H . -9.92 -9.82 -39.22
O3 NAG H . -9.71 -6.42 -42.33
O4 NAG H . -6.98 -7.25 -43.01
O5 NAG H . -7.96 -9.48 -40.32
O6 NAG H . -5.32 -8.66 -40.29
O7 NAG H . -11.08 -11.36 -42.23
C1 NAG I . 21.39 -23.14 -12.28
C2 NAG I . 20.61 -23.50 -13.56
C3 NAG I . 19.83 -24.80 -13.35
C4 NAG I . 20.75 -25.91 -12.83
C5 NAG I . 21.53 -25.44 -11.60
C6 NAG I . 22.56 -26.47 -11.14
C7 NAG I . 18.95 -22.48 -15.02
C8 NAG I . 17.44 -22.53 -14.82
N2 NAG I . 19.71 -22.42 -13.92
O1 NAG I . 22.19 -22.03 -12.50
O3 NAG I . 19.23 -25.22 -14.56
O4 NAG I . 19.98 -27.06 -12.50
O5 NAG I . 22.26 -24.22 -11.89
O6 NAG I . 23.70 -25.84 -10.55
O7 NAG I . 19.42 -22.47 -16.17
C1 NDG J . 44.37 -9.48 -10.68
C2 NDG J . 45.29 -9.71 -11.87
C3 NDG J . 44.91 -11.05 -12.51
C4 NDG J . 44.92 -12.20 -11.47
C5 NDG J . 44.14 -11.81 -10.19
C6 NDG J . 44.29 -12.81 -9.04
C7 NDG J . 44.85 -7.37 -12.47
C8 NDG J . 43.64 -6.73 -13.15
O5 NDG J . 44.59 -10.52 -9.71
O3 NDG J . 45.82 -11.36 -13.55
O4 NDG J . 44.32 -13.36 -12.03
O6 NDG J . 45.57 -13.43 -9.03
O7 NDG J . 45.49 -6.74 -11.62
N2 NDG J . 45.18 -8.61 -12.84
O1 NDG J . 43.04 -9.58 -11.11
C1 NDG K . 33.84 6.03 -11.04
C2 NDG K . 32.67 5.83 -12.04
C3 NDG K . 32.64 7.00 -13.03
C4 NDG K . 32.52 8.32 -12.25
C5 NDG K . 33.67 8.43 -11.21
C6 NDG K . 33.55 9.67 -10.31
C7 NDG K . 32.54 3.41 -12.10
C8 NDG K . 33.71 2.43 -11.95
O5 NDG K . 33.70 7.28 -10.33
O3 NDG K . 31.54 6.85 -13.92
O4 NDG K . 32.58 9.42 -13.14
O6 NDG K . 32.20 9.88 -9.88
O7 NDG K . 31.43 3.14 -11.62
N2 NDG K . 32.80 4.56 -12.74
O1 NDG K . 35.06 6.02 -11.71
C1 NDG L . -28.07 26.68 -8.92
C2 NDG L . -29.34 26.39 -9.73
C3 NDG L . -30.36 27.50 -9.44
C4 NDG L . -30.60 27.60 -7.93
C5 NDG L . -29.27 27.79 -7.19
C6 NDG L . -29.42 27.79 -5.70
C7 NDG L . -29.68 25.58 -11.98
C8 NDG L . -30.19 26.20 -13.27
O5 NDG L . -28.38 26.70 -7.52
O3 NDG L . -31.58 27.20 -10.11
O4 NDG L . -31.44 28.70 -7.65
O6 NDG L . -29.32 26.47 -5.18
O7 NDG L . -29.88 24.39 -11.75
N2 NDG L . -29.01 26.37 -11.14
O1 NDG L . -27.58 27.93 -9.25
C1 NDG M . -32.61 28.31 -5.27
C2 NDG M . -34.15 28.22 -5.30
C3 NDG M . -34.72 28.26 -3.86
C4 NDG M . -34.03 27.26 -2.95
C5 NDG M . -32.51 27.45 -3.04
C6 NDG M . -31.75 26.42 -2.22
C7 NDG M . -34.34 29.56 -7.31
C8 NDG M . -33.40 30.74 -7.55
O5 NDG M . -32.08 27.30 -4.41
O3 NDG M . -36.12 27.96 -3.90
O4 NDG M . -34.45 27.48 -1.60
O6 NDG M . -32.15 25.11 -2.58
O7 NDG M . -34.73 28.88 -8.26
N2 NDG M . -34.71 29.33 -6.05
O1 NDG M . -32.21 29.55 -4.78
C1 NDG N . 53.73 25.76 5.36
C2 NDG N . 54.23 24.56 4.49
C3 NDG N . 55.15 23.61 5.27
C4 NDG N . 56.23 24.41 6.04
C5 NDG N . 55.54 25.47 6.91
C6 NDG N . 56.48 26.29 7.79
C7 NDG N . 51.95 24.35 3.62
C8 NDG N . 50.70 23.52 3.94
O5 NDG N . 54.82 26.39 6.06
O3 NDG N . 55.77 22.70 4.37
O4 NDG N . 57.00 23.53 6.86
O6 NDG N . 57.44 26.99 7.01
O7 NDG N . 51.82 25.47 3.11
N2 NDG N . 53.14 23.80 3.91
O1 NDG N . 52.80 25.35 6.30
C1 NDG O . -32.34 -21.79 10.16
C2 NDG O . -33.36 -22.66 9.42
C3 NDG O . -33.30 -24.09 9.96
C4 NDG O . -31.88 -24.63 9.88
C5 NDG O . -30.90 -23.67 10.56
C6 NDG O . -29.46 -24.08 10.44
C7 NDG O . -34.91 -20.82 9.49
C8 NDG O . -35.97 -20.24 10.41
O5 NDG O . -31.03 -22.35 9.98
O3 NDG O . -34.18 -24.91 9.20
O4 NDG O . -31.82 -25.90 10.51
O6 NDG O . -29.21 -24.70 9.19
O7 NDG O . -34.30 -20.07 8.72
N2 NDG O . -34.70 -22.12 9.55
O1 NDG O . -32.62 -21.80 11.51
C1 NDG P . 19.21 -20.93 19.49
C2 NDG P . 20.49 -20.66 18.68
C3 NDG P . 21.63 -21.51 19.26
C4 NDG P . 21.82 -21.15 20.74
C5 NDG P . 20.48 -21.31 21.52
C6 NDG P . 20.59 -20.79 22.96
C7 NDG P . 19.10 -21.14 16.72
C8 NDG P . 18.91 -22.48 16.01
O5 NDG P . 19.41 -20.55 20.87
O3 NDG P . 22.85 -21.27 18.55
O4 NDG P . 22.80 -22.01 21.32
O6 NDG P . 20.94 -19.42 23.01
O7 NDG P . 18.17 -20.32 16.77
N2 NDG P . 20.30 -20.91 17.25
O1 NDG P . 18.90 -22.28 19.47
C1 NDG Q . 34.91 14.51 46.76
C2 NDG Q . 34.24 15.89 46.77
C3 NDG Q . 35.30 17.00 46.75
C4 NDG Q . 36.30 16.79 47.90
C5 NDG Q . 36.85 15.33 47.93
C6 NDG Q . 37.65 15.06 49.20
C7 NDG Q . 32.47 15.07 45.33
C8 NDG Q . 32.05 14.93 43.87
O5 NDG Q . 35.77 14.36 47.91
O3 NDG Q . 34.67 18.28 46.88
O4 NDG Q . 37.40 17.69 47.74
O6 NDG Q . 37.22 15.89 50.27
O7 NDG Q . 32.00 14.29 46.19
N2 NDG Q . 33.33 16.04 45.63
O1 NDG Q . 35.70 14.36 45.62
#